data_9OCF
#
_entry.id   9OCF
#
_cell.length_a   1.00
_cell.length_b   1.00
_cell.length_c   1.00
_cell.angle_alpha   90.00
_cell.angle_beta   90.00
_cell.angle_gamma   90.00
#
_symmetry.space_group_name_H-M   'P 1'
#
loop_
_entity.id
_entity.type
_entity.pdbx_description
1 polymer 'RNA-directed RNA polymerase L'
2 polymer Phosphoprotein
3 non-polymer 2-methyl-~{N}-[4-[(2~{S})-2-(2-morpholin-4-ylethyl)piperidin-1-yl]sulfonylphenyl]-5-(trifluoromethyl)pyrazole-3-carboxamide
#
loop_
_entity_poly.entity_id
_entity_poly.type
_entity_poly.pdbx_seq_one_letter_code
_entity_poly.pdbx_strand_id
1 'polypeptide(L)'
;MDSLSVNQILYPEVHLDSPIVTNKIVAILEYARVPHAYSLEDPTLCQNIKHRLKNGFSNQMIINNVEVGNVIKSKLRSYP
AHSHIPYPNCNQDLFNIEDKESTRKIRELLKKGNSLYSKVSDKVFQCLRDTNSRLGLGSELREDIKEKVINLGVYMHSSQ
WFEPFLFWFTVKTEMRSVIKSQTHTCHRRRHTPVFFTGSSVELLISRDLVAIISKESQHVYYLTFELVLMYCDVIEGRLM
TETAMTIDARYTELLGRVRYMWKLIDGFFPALGNPTYQIVAMLEPLSLAYLQLRDITVELRGAFLNHCFTEIHDVLDQNG
FSDEGTYHELIEALDYIFITDDIHLTGEIFSFFRSFGHPRLEAVTAAENVRKYMNQPKVIVYETLMKGHAIFCGIIINGY
RDRHGGSWPPLTLPLHAADTIRNAQASGDGLTHEQCVDNWKSFAGVKFGCFMPLSLDSDLTMYLKDKALAALQREWDSVY
PKEFLRYDPPKGTGSRRLVDVFLNDSSFDPYDVIMYVVSGAYLHDPEFNLSYSLKEKEIKETGRLFAKMTYKMRACQVIA
ENLISNGIGKYFKDNGMAKDEHDLTKALHTLAVSGVPKDLKESHRGGPVLKTYSRSPVHTSTRNVRAAKGFIGFPQVIRQ
DQDTDHPENMEAYETVSAFITTDLKKYCLNWRYETISLFAQRLNEIYGLPSFFQWLHKRLETSVLYVSDPHCPPDLDAHI
PLYKVPNDQIFIKYPMGGIEGYCQKLWTISTIPYLYLAAYESGVRIASLVQGDNQTIAVTKRVPSTWPYNLKKREAARVT
RDYFVILRQRLHDIGHHLKANETIVSSHFFVYSKGIYYDGLLVSQSLKSIARCVFWSETIVDETRAACSNIATTMAKSIE
RGYDRYLAYSLNVLKVIQQILISLGFTINSTMTRDVVIPLLTNNDLLIRMALLPAPIGGMNYLNMSRLFVRNIGDPVTSS
IADLKRMILASLMPEETLHQVMTQQPGDSSFLDWASDPYSANLVCVQSITRLLKNITARFVLIHSPNPMLKGLFHDDSKE
EDEGLAAFLMDRHIIVPRAAHEILDHSVTGARESIAGMLDTTKGLIRASMRKGGLTSRVITRLSNYDYEQFRAGMVLLTG
RKRNVLIDKESCSVQLARALRSHMWARLARGRPIYGLEVPDVLESMRGHLIRRHETCVICECGSVNYGWFFVPSGCQLDD
IDKETSSLRVPYIGSTTDERTDMKLAFVRAPSRSLRSAVRIATVYSWAYGDDDSSWNEAWLLARQRANVSLEELRVITPI
STSTNLAHRLRDRSTQVKYSGTSLVRVARYTTISNDNLSFVISDKKVDTNFIYQQGMLLGLGVLETLFRLEKDTGSSNTV
LHLHVETDCCVIPMIDHPRIPSSRKLELRAELCTNPLIYDNAPLIDRDATRLYTQSHRRHLVEFVTWSTPQLYHILAKST
ALSMIDLVTKFEKDHMNEISALIGDDDINSFITEFLLIEPRLFTIYLGQCAAINWAFDVHYHRPSGKYQMGELLSSFLSR
MSKGVFKVLVNALSHPKIYKKFWHCGIIEPIHGPSLDAQNLHTTVCNMVYTCYMTYLDLLLNEELEEFTFLLCESDEDVV
PDRFDNIQAKHLCVLADLYCQPGTCPPIQGLRPVEKCAVLTDHIKAEAMLSPAGSSWNINPIIVDHYSCSLTYLRRGSIK
QIRLRVDPGFIFDALAEVNVSQPKIGSNNISNMSIKAFRPPHDDVAKLLKDINTSKHNLPISGGNLANYEIHAFRRIGLN
SSACYKAVEISTLIRRCLEPGEDGLFLGEGSGSMLITYKEILKLSKCFYNSGVSANSRSGQRELAPYPSEVGLVEHRMGV
GNIVKVLFNGRPEVTWVGSVDCFNFIVSNIPTSSVGFIHSDIETLPDKDTIEKLEELAAILSMALLLGKIGSILVIKLMP
FSGDFVQGFISYVGSHYREVNLVYPRYSNFISTESYLVMTDLKANRLMNPEKIKQQIIESSVRTSPGLIGHILSIKQLSC
IQAIVGDAVSRGDINPTLKKLTPIEQVLINCGLAINGPKLCKELIHHDVASGQDGLLNSILILYRELARFKDNQRSQQGM
FHAYPVLVSSRQRELISRITRKFWGHILLYSGNRKLINKFIQNLKSGYLILDLHQNIFVKNLSKSEKQIIMTGGLKREWV
FKVTVKETKEWYKLVGYSALIKD
;
A
2 'polypeptide(L)'
;MAEEQARHVKNGLECIRALKAEPIGSLAIEEAMAAWSEISDNPGQERATCREEKAGSSGLSKPCLSAIGSTEGGAPRIRG
QGPGESDDDAETLGIPPRNLQASSTGLQCHYVYDHSGEAVKGIQDADSIMVQSGLDGDSTLSGGDNESENSDVDIGEPDT
EGYAITDRGSAPISMGFRASDVETAEGGEIHELLRLQSRGNNFPKLGKTLNVPPPPDPGRASTSGTPIKKGTDARLASFG
TEIASSLTGGATQCARKSPSEPSGPGAPAGNVPECVSNAALIQEWTPESGTTISPRSQNNEEGGDHYDDELFSDVQDIKT
ALAKIHEDNQKIISKLESLLLLKGEVESIKKQINRQNISISTLEGHLSSIMIAIPGLGKDPNDPTADVEINPDLKPIIGR
DSGRALAEVLKKPVASRQLQGMTNGRTSSRGQLLKEFQLKPIGKKMSSAVGFVPDTGPASRSVIRSIIKSSRLEEDRKRY
LMTLLDDIKGANDLAKFHQMLMKIIMKSG
;
B,C,D,E
#
# COMPACT_ATOMS: atom_id res chain seq x y z
N ASN A 7 2.69 23.33 -23.77
CA ASN A 7 2.78 22.99 -25.18
C ASN A 7 4.15 22.37 -25.43
N GLN A 8 4.67 22.50 -26.66
CA GLN A 8 5.96 21.95 -27.11
C GLN A 8 5.92 20.44 -26.92
N ILE A 9 6.83 19.85 -26.14
CA ILE A 9 6.83 18.41 -25.93
C ILE A 9 5.71 17.98 -24.97
N LEU A 10 5.25 18.88 -24.10
CA LEU A 10 4.28 18.51 -23.08
C LEU A 10 2.86 18.55 -23.64
N TYR A 11 2.03 17.65 -23.11
CA TYR A 11 0.64 17.47 -23.52
C TYR A 11 -0.29 17.63 -22.31
N PRO A 12 -1.53 18.03 -22.53
CA PRO A 12 -2.52 17.96 -21.45
C PRO A 12 -2.81 16.51 -21.06
N GLU A 13 -3.22 16.33 -19.81
CA GLU A 13 -3.38 14.99 -19.24
C GLU A 13 -4.55 14.26 -19.86
N VAL A 14 -4.39 12.93 -19.98
CA VAL A 14 -5.36 12.08 -20.64
C VAL A 14 -6.37 11.50 -19.64
N HIS A 15 -5.90 11.13 -18.44
CA HIS A 15 -6.74 10.49 -17.44
C HIS A 15 -6.85 11.37 -16.20
N LEU A 16 -7.85 11.07 -15.39
CA LEU A 16 -8.09 11.85 -14.17
C LEU A 16 -7.07 11.47 -13.10
N ASP A 17 -6.41 12.50 -12.54
CA ASP A 17 -5.43 12.30 -11.48
C ASP A 17 -5.53 13.39 -10.42
N SER A 18 -6.74 13.93 -10.21
CA SER A 18 -6.94 15.03 -9.27
C SER A 18 -8.35 14.91 -8.70
N PRO A 19 -8.59 15.45 -7.50
CA PRO A 19 -9.95 15.40 -6.93
C PRO A 19 -10.89 16.35 -7.65
N ILE A 20 -12.18 16.17 -7.36
CA ILE A 20 -13.25 17.01 -7.89
C ILE A 20 -13.69 17.96 -6.79
N VAL A 21 -13.55 19.25 -7.03
CA VAL A 21 -13.87 20.29 -6.04
C VAL A 21 -15.06 21.08 -6.56
N THR A 22 -16.04 21.29 -5.68
CA THR A 22 -17.22 22.09 -6.02
C THR A 22 -16.83 23.55 -6.27
N ASN A 23 -15.89 24.07 -5.47
CA ASN A 23 -15.57 25.49 -5.45
C ASN A 23 -14.92 25.95 -6.75
N LYS A 24 -14.22 25.04 -7.45
CA LYS A 24 -13.69 25.37 -8.78
C LYS A 24 -14.80 25.64 -9.77
N ILE A 25 -15.82 24.78 -9.79
CA ILE A 25 -16.97 24.94 -10.68
C ILE A 25 -17.73 26.21 -10.32
N VAL A 26 -17.90 26.47 -9.03
CA VAL A 26 -18.60 27.66 -8.57
C VAL A 26 -17.83 28.92 -8.95
N ALA A 27 -16.49 28.91 -8.84
CA ALA A 27 -15.68 30.07 -9.19
C ALA A 27 -15.72 30.37 -10.69
N ILE A 28 -15.67 29.32 -11.52
CA ILE A 28 -15.80 29.49 -12.96
C ILE A 28 -17.18 30.04 -13.32
N LEU A 29 -18.23 29.54 -12.68
CA LEU A 29 -19.57 30.00 -13.02
C LEU A 29 -19.87 31.39 -12.44
N GLU A 30 -19.12 31.83 -11.42
CA GLU A 30 -19.32 33.18 -10.89
C GLU A 30 -18.55 34.23 -11.69
N TYR A 31 -17.31 33.93 -12.09
CA TYR A 31 -16.65 34.82 -13.05
C TYR A 31 -17.26 34.77 -14.44
N ALA A 32 -17.97 33.70 -14.79
CA ALA A 32 -18.71 33.68 -16.03
C ALA A 32 -20.09 34.32 -15.92
N ARG A 33 -20.52 34.62 -14.69
CA ARG A 33 -21.83 35.24 -14.38
C ARG A 33 -23.01 34.41 -14.87
N VAL A 34 -22.86 33.10 -14.92
CA VAL A 34 -23.94 32.20 -15.30
C VAL A 34 -24.66 31.73 -14.04
N PRO A 35 -26.00 31.77 -14.01
CA PRO A 35 -26.72 31.21 -12.86
C PRO A 35 -26.54 29.71 -12.74
N HIS A 36 -26.56 29.23 -11.51
CA HIS A 36 -26.30 27.83 -11.22
C HIS A 36 -27.04 27.42 -9.95
N ALA A 37 -27.14 26.11 -9.74
CA ALA A 37 -27.89 25.54 -8.64
C ALA A 37 -27.00 24.99 -7.53
N TYR A 38 -25.70 25.26 -7.57
CA TYR A 38 -24.82 24.80 -6.51
C TYR A 38 -25.01 25.63 -5.24
N SER A 39 -24.90 24.96 -4.09
CA SER A 39 -24.94 25.62 -2.79
C SER A 39 -23.74 25.15 -1.99
N LEU A 40 -23.00 26.11 -1.45
CA LEU A 40 -21.79 25.83 -0.69
C LEU A 40 -22.08 25.81 0.80
N GLU A 41 -21.42 24.89 1.51
CA GLU A 41 -21.53 24.88 2.97
C GLU A 41 -20.81 26.08 3.58
N ASP A 42 -19.70 26.50 2.96
CA ASP A 42 -19.04 27.74 3.34
C ASP A 42 -19.20 28.78 2.23
N PRO A 43 -19.87 29.90 2.51
CA PRO A 43 -20.16 30.89 1.46
C PRO A 43 -19.04 31.91 1.27
N THR A 44 -17.85 31.61 1.81
CA THR A 44 -16.74 32.55 1.81
C THR A 44 -16.25 32.86 0.40
N LEU A 45 -16.20 31.84 -0.46
CA LEU A 45 -15.70 32.00 -1.83
C LEU A 45 -16.58 32.95 -2.64
N CYS A 46 -17.90 32.80 -2.55
CA CYS A 46 -18.81 33.67 -3.31
C CYS A 46 -18.78 35.09 -2.79
N GLN A 47 -18.58 35.26 -1.47
CA GLN A 47 -18.42 36.58 -0.90
C GLN A 47 -17.15 37.25 -1.40
N ASN A 48 -16.05 36.48 -1.51
CA ASN A 48 -14.81 37.01 -2.06
C ASN A 48 -14.94 37.38 -3.53
N ILE A 49 -15.67 36.56 -4.30
CA ILE A 49 -15.92 36.87 -5.72
C ILE A 49 -16.74 38.15 -5.84
N LYS A 50 -17.77 38.32 -5.02
CA LYS A 50 -18.60 39.52 -5.07
C LYS A 50 -17.83 40.76 -4.64
N HIS A 51 -16.94 40.61 -3.65
CA HIS A 51 -16.11 41.73 -3.19
C HIS A 51 -15.10 42.13 -4.26
N ARG A 52 -14.54 41.15 -4.97
CA ARG A 52 -13.61 41.48 -6.05
C ARG A 52 -14.31 42.11 -7.24
N LEU A 53 -15.52 41.64 -7.58
CA LEU A 53 -16.25 42.21 -8.70
C LEU A 53 -16.84 43.58 -8.38
N LYS A 54 -17.07 43.87 -7.09
CA LYS A 54 -17.57 45.19 -6.71
C LYS A 54 -16.50 46.26 -6.90
N ASN A 55 -15.24 45.93 -6.65
CA ASN A 55 -14.14 46.88 -6.82
C ASN A 55 -13.62 46.95 -8.24
N GLY A 56 -14.17 46.15 -9.15
CA GLY A 56 -13.75 46.20 -10.54
C GLY A 56 -12.46 45.49 -10.85
N PHE A 57 -12.13 44.44 -10.09
CA PHE A 57 -10.92 43.68 -10.37
C PHE A 57 -11.12 42.80 -11.60
N SER A 58 -10.10 42.75 -12.45
CA SER A 58 -10.13 41.90 -13.63
C SER A 58 -8.70 41.55 -14.03
N ASN A 59 -8.58 40.44 -14.76
CA ASN A 59 -7.30 40.02 -15.31
C ASN A 59 -7.58 39.28 -16.61
N GLN A 60 -6.59 38.53 -17.10
CA GLN A 60 -6.73 37.78 -18.33
C GLN A 60 -7.59 36.53 -18.17
N MET A 61 -7.83 36.07 -16.94
CA MET A 61 -8.62 34.87 -16.72
C MET A 61 -10.10 35.17 -16.50
N ILE A 62 -10.42 36.30 -15.85
CA ILE A 62 -11.81 36.72 -15.71
C ILE A 62 -12.39 37.07 -17.07
N ILE A 63 -11.64 37.83 -17.88
CA ILE A 63 -11.96 37.96 -19.29
C ILE A 63 -11.72 36.60 -19.96
N ASN A 64 -12.48 36.32 -21.02
CA ASN A 64 -12.62 35.09 -21.82
C ASN A 64 -13.49 34.06 -21.09
N ASN A 65 -13.97 34.35 -19.88
CA ASN A 65 -15.13 33.66 -19.34
C ASN A 65 -16.37 34.54 -19.30
N VAL A 66 -16.20 35.86 -19.38
CA VAL A 66 -17.35 36.74 -19.57
C VAL A 66 -17.95 36.54 -20.96
N GLU A 67 -17.08 36.40 -21.97
CA GLU A 67 -17.55 36.19 -23.34
C GLU A 67 -18.21 34.81 -23.50
N VAL A 68 -17.63 33.79 -22.86
CA VAL A 68 -18.22 32.45 -22.87
C VAL A 68 -19.58 32.47 -22.19
N GLY A 69 -19.69 33.17 -21.05
CA GLY A 69 -20.97 33.31 -20.38
C GLY A 69 -21.99 34.08 -21.22
N ASN A 70 -21.53 35.06 -21.98
CA ASN A 70 -22.43 35.78 -22.89
C ASN A 70 -22.96 34.88 -24.00
N VAL A 71 -22.09 34.01 -24.54
CA VAL A 71 -22.54 33.04 -25.55
C VAL A 71 -23.53 32.04 -24.95
N ILE A 72 -23.28 31.59 -23.72
CA ILE A 72 -24.20 30.67 -23.04
C ILE A 72 -25.56 31.33 -22.79
N LYS A 73 -25.56 32.60 -22.37
CA LYS A 73 -26.83 33.31 -22.16
C LYS A 73 -27.57 33.53 -23.48
N SER A 74 -26.85 33.86 -24.55
CA SER A 74 -27.48 34.06 -25.85
C SER A 74 -28.06 32.75 -26.40
N LYS A 75 -27.43 31.61 -26.11
CA LYS A 75 -28.01 30.34 -26.50
C LYS A 75 -29.19 29.95 -25.62
N LEU A 76 -29.12 30.28 -24.32
CA LEU A 76 -30.20 29.94 -23.41
C LEU A 76 -31.42 30.85 -23.55
N ARG A 77 -31.30 31.96 -24.28
CA ARG A 77 -32.51 32.70 -24.66
C ARG A 77 -33.41 31.88 -25.58
N SER A 78 -32.83 30.94 -26.35
CA SER A 78 -33.64 30.13 -27.26
C SER A 78 -34.46 29.08 -26.53
N TYR A 79 -33.98 28.59 -25.39
CA TYR A 79 -34.70 27.59 -24.61
C TYR A 79 -35.30 28.27 -23.38
N PRO A 80 -36.62 28.50 -23.35
CA PRO A 80 -37.19 29.29 -22.25
C PRO A 80 -37.29 28.54 -20.92
N ALA A 81 -37.64 27.26 -20.96
CA ALA A 81 -37.81 26.47 -19.74
C ALA A 81 -36.57 25.61 -19.46
N HIS A 82 -35.45 26.28 -19.23
CA HIS A 82 -34.19 25.60 -18.97
C HIS A 82 -33.92 25.56 -17.46
N SER A 83 -33.27 24.48 -17.03
CA SER A 83 -32.90 24.32 -15.65
C SER A 83 -31.52 23.66 -15.56
N HIS A 84 -30.68 24.17 -14.68
CA HIS A 84 -29.35 23.62 -14.49
C HIS A 84 -29.41 22.44 -13.52
N ILE A 85 -28.73 21.36 -13.88
CA ILE A 85 -28.64 20.15 -13.06
C ILE A 85 -27.22 20.06 -12.52
N PRO A 86 -27.03 19.93 -11.20
CA PRO A 86 -25.68 19.81 -10.64
C PRO A 86 -24.98 18.51 -10.98
N TYR A 87 -23.71 18.37 -10.56
CA TYR A 87 -22.91 17.22 -10.96
C TYR A 87 -23.42 15.85 -10.47
N PRO A 88 -23.76 15.63 -9.19
CA PRO A 88 -24.19 14.27 -8.84
C PRO A 88 -25.59 13.93 -9.35
N ASN A 89 -26.40 14.94 -9.65
CA ASN A 89 -27.78 14.70 -10.07
C ASN A 89 -27.90 14.41 -11.57
N CYS A 90 -26.84 14.64 -12.35
CA CYS A 90 -26.92 14.53 -13.80
C CYS A 90 -26.27 13.27 -14.34
N ASN A 91 -25.77 12.38 -13.47
CA ASN A 91 -25.01 11.21 -13.91
C ASN A 91 -25.83 10.26 -14.78
N GLN A 92 -27.08 10.00 -14.39
CA GLN A 92 -27.97 9.19 -15.21
C GLN A 92 -28.27 9.86 -16.55
N ASP A 93 -28.26 11.19 -16.59
CA ASP A 93 -28.38 11.87 -17.86
C ASP A 93 -27.09 11.81 -18.66
N LEU A 94 -25.94 11.72 -18.00
CA LEU A 94 -24.66 11.78 -18.71
C LEU A 94 -24.00 10.44 -18.90
N PHE A 95 -24.44 9.40 -18.17
CA PHE A 95 -23.97 8.05 -18.47
C PHE A 95 -24.63 7.48 -19.71
N ASN A 96 -25.78 8.04 -20.11
CA ASN A 96 -26.52 7.59 -21.29
C ASN A 96 -26.82 8.83 -22.14
N ILE A 97 -25.87 9.21 -22.98
CA ILE A 97 -25.99 10.39 -23.84
C ILE A 97 -25.44 10.04 -25.21
N GLU A 98 -26.11 10.51 -26.26
CA GLU A 98 -25.72 10.20 -27.62
C GLU A 98 -26.00 11.39 -28.53
N ASP A 99 -25.19 11.52 -29.58
CA ASP A 99 -25.40 12.54 -30.60
C ASP A 99 -24.73 12.06 -31.88
N LYS A 100 -25.50 11.98 -32.97
CA LYS A 100 -24.99 11.41 -34.21
C LYS A 100 -24.03 12.36 -34.92
N GLU A 101 -24.38 13.65 -35.01
CA GLU A 101 -23.60 14.59 -35.80
C GLU A 101 -22.30 14.99 -35.12
N SER A 102 -22.28 15.02 -33.79
CA SER A 102 -21.07 15.43 -33.09
C SER A 102 -19.98 14.36 -33.10
N THR A 103 -20.35 13.10 -33.31
CA THR A 103 -19.42 11.98 -33.21
C THR A 103 -19.30 11.23 -34.53
N ARG A 104 -19.20 11.96 -35.65
CA ARG A 104 -19.13 11.30 -36.94
C ARG A 104 -17.76 10.68 -37.19
N LYS A 105 -16.69 11.42 -36.84
CA LYS A 105 -15.33 11.04 -37.22
C LYS A 105 -14.87 9.79 -36.48
N ILE A 106 -15.11 9.74 -35.17
CA ILE A 106 -14.75 8.57 -34.37
C ILE A 106 -15.62 7.37 -34.75
N ARG A 107 -16.86 7.61 -35.19
CA ARG A 107 -17.71 6.53 -35.65
C ARG A 107 -17.19 5.90 -36.94
N GLU A 108 -16.74 6.75 -37.89
CA GLU A 108 -16.12 6.22 -39.10
C GLU A 108 -14.83 5.48 -38.82
N LEU A 109 -14.02 6.00 -37.88
CA LEU A 109 -12.76 5.33 -37.53
C LEU A 109 -13.00 3.97 -36.88
N LEU A 110 -13.98 3.88 -35.98
CA LEU A 110 -14.24 2.59 -35.35
C LEU A 110 -14.97 1.62 -36.28
N LYS A 111 -15.75 2.14 -37.25
CA LYS A 111 -16.31 1.28 -38.29
C LYS A 111 -15.21 0.70 -39.18
N LYS A 112 -14.21 1.52 -39.52
CA LYS A 112 -13.05 1.03 -40.26
C LYS A 112 -12.28 -0.01 -39.46
N GLY A 113 -12.14 0.21 -38.14
CA GLY A 113 -11.49 -0.78 -37.30
C GLY A 113 -12.25 -2.10 -37.22
N ASN A 114 -13.58 -2.02 -37.19
CA ASN A 114 -14.41 -3.23 -37.24
C ASN A 114 -14.21 -3.97 -38.54
N SER A 115 -14.10 -3.25 -39.67
CA SER A 115 -13.84 -3.89 -40.95
C SER A 115 -12.47 -4.56 -40.98
N LEU A 116 -11.44 -3.89 -40.45
CA LEU A 116 -10.10 -4.46 -40.42
C LEU A 116 -10.02 -5.69 -39.53
N TYR A 117 -10.75 -5.70 -38.41
CA TYR A 117 -10.73 -6.89 -37.57
C TYR A 117 -11.56 -8.01 -38.19
N SER A 118 -12.65 -7.67 -38.87
CA SER A 118 -13.51 -8.68 -39.49
C SER A 118 -12.84 -9.35 -40.68
N LYS A 119 -11.86 -8.69 -41.32
CA LYS A 119 -11.17 -9.35 -42.42
C LYS A 119 -10.25 -10.47 -41.95
N VAL A 120 -9.78 -10.47 -40.71
CA VAL A 120 -8.80 -11.45 -40.23
C VAL A 120 -9.28 -12.20 -38.99
N SER A 121 -10.54 -12.01 -38.59
CA SER A 121 -11.07 -12.67 -37.39
C SER A 121 -11.04 -14.20 -37.49
N ASP A 122 -11.43 -14.74 -38.65
CA ASP A 122 -11.47 -16.19 -38.80
C ASP A 122 -10.07 -16.80 -38.80
N LYS A 123 -9.08 -16.10 -39.36
CA LYS A 123 -7.72 -16.60 -39.32
C LYS A 123 -7.10 -16.50 -37.93
N VAL A 124 -7.47 -15.48 -37.16
CA VAL A 124 -7.09 -15.43 -35.74
C VAL A 124 -7.69 -16.61 -34.99
N PHE A 125 -8.96 -16.94 -35.27
CA PHE A 125 -9.58 -18.11 -34.66
C PHE A 125 -8.89 -19.41 -35.07
N GLN A 126 -8.47 -19.53 -36.34
CA GLN A 126 -7.77 -20.73 -36.77
C GLN A 126 -6.41 -20.88 -36.10
N CYS A 127 -5.70 -19.76 -35.88
CA CYS A 127 -4.44 -19.80 -35.17
C CYS A 127 -4.62 -20.24 -33.72
N LEU A 128 -5.64 -19.69 -33.04
CA LEU A 128 -5.91 -20.11 -31.67
C LEU A 128 -6.41 -21.55 -31.59
N ARG A 129 -7.15 -22.00 -32.61
CA ARG A 129 -7.65 -23.38 -32.63
C ARG A 129 -6.52 -24.37 -32.85
N ASP A 130 -5.56 -24.04 -33.71
CA ASP A 130 -4.40 -24.90 -33.91
C ASP A 130 -3.52 -24.95 -32.66
N THR A 131 -3.38 -23.80 -31.97
CA THR A 131 -2.64 -23.78 -30.71
C THR A 131 -3.32 -24.62 -29.64
N ASN A 132 -4.66 -24.54 -29.56
CA ASN A 132 -5.40 -25.36 -28.61
C ASN A 132 -5.33 -26.85 -28.96
N SER A 133 -5.37 -27.18 -30.25
CA SER A 133 -5.34 -28.57 -30.68
C SER A 133 -3.96 -29.18 -30.52
N ARG A 134 -2.91 -28.35 -30.54
CA ARG A 134 -1.56 -28.87 -30.29
C ARG A 134 -1.39 -29.33 -28.85
N LEU A 135 -2.01 -28.63 -27.90
CA LEU A 135 -1.86 -28.94 -26.48
C LEU A 135 -2.71 -30.12 -26.02
N GLY A 136 -3.54 -30.68 -26.88
CA GLY A 136 -4.34 -31.84 -26.52
C GLY A 136 -5.80 -31.57 -26.20
N LEU A 137 -6.28 -30.36 -26.46
CA LEU A 137 -7.67 -29.99 -26.18
C LEU A 137 -8.47 -29.79 -27.46
N GLY A 138 -8.21 -30.63 -28.46
CA GLY A 138 -8.84 -30.45 -29.76
C GLY A 138 -10.33 -30.75 -29.77
N SER A 139 -10.79 -31.58 -28.84
CA SER A 139 -12.21 -31.86 -28.71
C SER A 139 -12.89 -31.05 -27.61
N GLU A 140 -12.13 -30.26 -26.85
CA GLU A 140 -12.66 -29.49 -25.74
C GLU A 140 -13.00 -28.05 -26.11
N LEU A 141 -12.81 -27.65 -27.36
CA LEU A 141 -13.16 -26.29 -27.77
C LEU A 141 -14.67 -26.16 -27.90
N ARG A 142 -15.23 -25.12 -27.29
CA ARG A 142 -16.67 -24.92 -27.30
C ARG A 142 -17.11 -24.29 -28.63
N GLU A 143 -18.40 -24.46 -28.91
CA GLU A 143 -18.95 -23.94 -30.17
C GLU A 143 -19.14 -22.42 -30.12
N ASP A 144 -19.36 -21.86 -28.92
CA ASP A 144 -19.60 -20.43 -28.81
C ASP A 144 -18.32 -19.60 -28.98
N ILE A 145 -17.16 -20.22 -28.77
CA ILE A 145 -15.88 -19.50 -28.81
C ILE A 145 -15.60 -18.99 -30.22
N LYS A 146 -15.95 -19.77 -31.24
CA LYS A 146 -15.73 -19.36 -32.62
C LYS A 146 -16.56 -18.13 -32.98
N GLU A 147 -17.85 -18.15 -32.65
CA GLU A 147 -18.73 -17.04 -32.96
C GLU A 147 -18.38 -15.80 -32.13
N LYS A 148 -17.87 -16.00 -30.90
CA LYS A 148 -17.48 -14.86 -30.10
C LYS A 148 -16.17 -14.24 -30.56
N VAL A 149 -15.22 -15.04 -31.06
CA VAL A 149 -13.97 -14.51 -31.59
C VAL A 149 -14.21 -13.78 -32.92
N ILE A 150 -14.99 -14.38 -33.82
CA ILE A 150 -15.19 -13.79 -35.14
C ILE A 150 -16.02 -12.50 -35.06
N ASN A 151 -17.06 -12.49 -34.22
CA ASN A 151 -17.97 -11.34 -34.13
C ASN A 151 -17.67 -10.46 -32.93
N LEU A 152 -16.39 -10.28 -32.59
CA LEU A 152 -16.00 -9.49 -31.43
C LEU A 152 -16.40 -8.03 -31.56
N GLY A 153 -16.19 -7.44 -32.74
CA GLY A 153 -16.53 -6.04 -32.94
C GLY A 153 -18.03 -5.80 -32.99
N VAL A 154 -18.79 -6.82 -33.40
CA VAL A 154 -20.24 -6.71 -33.39
C VAL A 154 -20.76 -6.69 -31.95
N TYR A 155 -20.18 -7.52 -31.08
CA TYR A 155 -20.53 -7.49 -29.66
C TYR A 155 -20.07 -6.21 -28.99
N MET A 156 -18.93 -5.65 -29.43
CA MET A 156 -18.46 -4.40 -28.82
C MET A 156 -19.32 -3.22 -29.25
N HIS A 157 -19.74 -3.18 -30.52
CA HIS A 157 -20.57 -2.08 -30.98
C HIS A 157 -22.03 -2.20 -30.53
N SER A 158 -22.43 -3.33 -29.98
CA SER A 158 -23.81 -3.53 -29.55
C SER A 158 -24.06 -3.16 -28.11
N SER A 159 -23.04 -2.71 -27.38
CA SER A 159 -23.22 -2.37 -25.98
C SER A 159 -23.95 -1.04 -25.82
N GLN A 160 -24.50 -0.84 -24.62
CA GLN A 160 -25.24 0.38 -24.34
C GLN A 160 -24.33 1.57 -24.08
N TRP A 161 -23.06 1.34 -23.83
CA TRP A 161 -22.11 2.40 -23.51
C TRP A 161 -21.30 2.89 -24.70
N PHE A 162 -21.58 2.36 -25.90
CA PHE A 162 -20.76 2.67 -27.07
C PHE A 162 -20.95 4.12 -27.52
N GLU A 163 -22.19 4.56 -27.66
CA GLU A 163 -22.48 5.95 -28.03
C GLU A 163 -22.08 6.96 -26.95
N PRO A 164 -22.30 6.72 -25.63
CA PRO A 164 -21.65 7.60 -24.64
C PRO A 164 -20.14 7.59 -24.69
N PHE A 165 -19.51 6.46 -25.02
CA PHE A 165 -18.06 6.42 -25.16
C PHE A 165 -17.59 7.28 -26.31
N LEU A 166 -18.31 7.23 -27.45
CA LEU A 166 -18.00 8.09 -28.58
C LEU A 166 -18.15 9.57 -28.22
N PHE A 167 -19.24 9.89 -27.51
CA PHE A 167 -19.50 11.29 -27.12
C PHE A 167 -18.42 11.83 -26.19
N TRP A 168 -18.09 11.08 -25.14
CA TRP A 168 -17.12 11.58 -24.17
C TRP A 168 -15.70 11.55 -24.71
N PHE A 169 -15.37 10.60 -25.60
CA PHE A 169 -14.06 10.61 -26.25
C PHE A 169 -13.92 11.81 -27.17
N THR A 170 -14.99 12.16 -27.90
CA THR A 170 -14.96 13.34 -28.76
C THR A 170 -14.80 14.62 -27.94
N VAL A 171 -15.55 14.74 -26.84
CA VAL A 171 -15.48 15.94 -26.00
C VAL A 171 -14.11 16.06 -25.34
N LYS A 172 -13.55 14.94 -24.85
CA LYS A 172 -12.22 14.96 -24.24
C LYS A 172 -11.13 15.33 -25.24
N THR A 173 -11.21 14.78 -26.46
CA THR A 173 -10.18 15.07 -27.46
C THR A 173 -10.24 16.53 -27.92
N GLU A 174 -11.46 17.05 -28.15
CA GLU A 174 -11.56 18.47 -28.53
C GLU A 174 -11.16 19.40 -27.39
N MET A 175 -11.45 19.03 -26.14
CA MET A 175 -11.03 19.87 -25.02
C MET A 175 -9.51 19.88 -24.84
N ARG A 176 -8.87 18.72 -25.02
CA ARG A 176 -7.41 18.67 -24.96
C ARG A 176 -6.78 19.44 -26.12
N SER A 177 -7.41 19.41 -27.29
CA SER A 177 -6.94 20.21 -28.42
C SER A 177 -7.06 21.71 -28.15
N VAL A 178 -8.16 22.12 -27.52
CA VAL A 178 -8.35 23.54 -27.18
C VAL A 178 -7.33 23.99 -26.14
N ILE A 179 -7.05 23.15 -25.13
CA ILE A 179 -6.05 23.51 -24.12
C ILE A 179 -4.65 23.58 -24.75
N LYS A 180 -4.31 22.63 -25.61
CA LYS A 180 -2.99 22.62 -26.25
C LYS A 180 -2.82 23.80 -27.20
N SER A 181 -3.90 24.21 -27.88
CA SER A 181 -3.81 25.37 -28.76
C SER A 181 -3.76 26.67 -27.96
N GLN A 182 -4.53 26.77 -26.88
CA GLN A 182 -4.56 28.00 -26.09
C GLN A 182 -3.33 28.18 -25.23
N THR A 183 -2.55 27.11 -25.00
CA THR A 183 -1.25 27.27 -24.35
C THR A 183 -0.30 28.08 -25.24
N HIS A 184 -0.35 27.84 -26.55
CA HIS A 184 0.45 28.63 -27.49
C HIS A 184 0.01 30.09 -27.53
N THR A 185 -1.30 30.34 -27.50
CA THR A 185 -1.82 31.69 -27.56
C THR A 185 -1.62 32.42 -26.22
N ARG A 190 -6.88 34.64 -30.88
CA ARG A 190 -7.90 33.72 -30.38
C ARG A 190 -9.27 34.05 -30.97
N HIS A 191 -10.21 33.13 -30.80
CA HIS A 191 -11.56 33.30 -31.31
C HIS A 191 -12.57 32.90 -30.25
N THR A 192 -13.75 33.49 -30.33
CA THR A 192 -14.81 33.19 -29.36
C THR A 192 -15.37 31.80 -29.62
N PRO A 193 -15.73 31.06 -28.56
CA PRO A 193 -16.37 29.75 -28.76
C PRO A 193 -17.77 29.88 -29.33
N VAL A 194 -18.16 28.89 -30.12
CA VAL A 194 -19.46 28.84 -30.79
C VAL A 194 -20.11 27.51 -30.43
N PHE A 195 -21.40 27.55 -30.07
CA PHE A 195 -22.17 26.33 -29.87
C PHE A 195 -22.27 25.54 -31.17
N PHE A 196 -22.17 24.22 -31.06
CA PHE A 196 -22.36 23.31 -32.18
C PHE A 196 -23.67 22.57 -31.98
N THR A 197 -24.55 22.64 -32.98
CA THR A 197 -25.91 22.13 -32.86
C THR A 197 -25.99 20.73 -33.46
N GLY A 198 -26.33 19.75 -32.61
CA GLY A 198 -26.58 18.40 -33.06
C GLY A 198 -28.06 18.09 -33.12
N SER A 199 -28.36 16.79 -33.28
CA SER A 199 -29.76 16.37 -33.32
C SER A 199 -30.37 16.32 -31.93
N SER A 200 -29.57 15.98 -30.92
CA SER A 200 -30.08 15.83 -29.56
C SER A 200 -29.50 16.82 -28.56
N VAL A 201 -28.23 17.21 -28.71
CA VAL A 201 -27.58 18.12 -27.77
C VAL A 201 -26.97 19.29 -28.52
N GLU A 202 -26.70 20.36 -27.77
CA GLU A 202 -25.92 21.49 -28.23
C GLU A 202 -24.71 21.64 -27.31
N LEU A 203 -23.53 21.74 -27.89
CA LEU A 203 -22.28 21.61 -27.15
C LEU A 203 -21.38 22.81 -27.38
N LEU A 204 -20.89 23.39 -26.29
CA LEU A 204 -19.81 24.37 -26.33
C LEU A 204 -18.63 23.81 -25.54
N ILE A 205 -17.46 23.82 -26.14
CA ILE A 205 -16.22 23.37 -25.51
C ILE A 205 -15.27 24.56 -25.46
N SER A 206 -14.82 24.90 -24.26
CA SER A 206 -13.86 25.98 -24.05
C SER A 206 -12.64 25.40 -23.36
N ARG A 207 -11.73 26.29 -22.94
CA ARG A 207 -10.51 25.85 -22.26
C ARG A 207 -10.81 25.30 -20.88
N ASP A 208 -11.74 25.92 -20.16
CA ASP A 208 -12.04 25.54 -18.80
C ASP A 208 -13.49 25.14 -18.53
N LEU A 209 -14.39 25.32 -19.50
CA LEU A 209 -15.81 25.05 -19.27
C LEU A 209 -16.41 24.36 -20.49
N VAL A 210 -17.26 23.38 -20.24
CA VAL A 210 -18.02 22.68 -21.27
C VAL A 210 -19.49 22.79 -20.92
N ALA A 211 -20.28 23.31 -21.87
CA ALA A 211 -21.71 23.51 -21.67
C ALA A 211 -22.47 22.60 -22.61
N ILE A 212 -23.35 21.76 -22.05
CA ILE A 212 -24.18 20.85 -22.83
C ILE A 212 -25.64 21.18 -22.56
N ILE A 213 -26.40 21.44 -23.62
CA ILE A 213 -27.82 21.71 -23.51
C ILE A 213 -28.57 20.62 -24.24
N SER A 214 -29.42 19.88 -23.52
CA SER A 214 -30.27 18.89 -24.15
C SER A 214 -31.45 19.59 -24.82
N LYS A 215 -31.72 19.25 -26.07
CA LYS A 215 -32.76 19.96 -26.81
C LYS A 215 -34.16 19.53 -26.37
N GLU A 216 -34.33 18.26 -26.02
CA GLU A 216 -35.65 17.75 -25.68
C GLU A 216 -36.05 18.10 -24.25
N SER A 217 -35.18 17.81 -23.28
CA SER A 217 -35.49 18.02 -21.88
C SER A 217 -35.23 19.45 -21.41
N GLN A 218 -34.49 20.24 -22.20
CA GLN A 218 -34.01 21.58 -21.85
C GLN A 218 -33.24 21.57 -20.53
N HIS A 219 -32.37 20.57 -20.39
CA HIS A 219 -31.48 20.45 -19.24
C HIS A 219 -30.09 20.93 -19.62
N VAL A 220 -29.48 21.73 -18.73
CA VAL A 220 -28.20 22.37 -18.99
C VAL A 220 -27.18 21.80 -18.02
N TYR A 221 -26.02 21.42 -18.55
CA TYR A 221 -24.94 20.83 -17.76
C TYR A 221 -23.67 21.64 -17.98
N TYR A 222 -23.01 22.01 -16.89
CA TYR A 222 -21.73 22.72 -16.92
C TYR A 222 -20.67 21.82 -16.31
N LEU A 223 -19.61 21.54 -17.06
CA LEU A 223 -18.56 20.63 -16.63
C LEU A 223 -17.20 21.28 -16.79
N THR A 224 -16.27 20.87 -15.93
CA THR A 224 -14.87 21.27 -16.07
C THR A 224 -14.10 20.18 -16.81
N PHE A 225 -12.78 20.35 -16.89
CA PHE A 225 -11.93 19.37 -17.58
C PHE A 225 -11.88 18.06 -16.83
N GLU A 226 -11.79 18.12 -15.50
CA GLU A 226 -11.70 16.92 -14.67
C GLU A 226 -12.96 16.09 -14.74
N LEU A 227 -14.12 16.73 -14.83
CA LEU A 227 -15.38 16.01 -14.98
C LEU A 227 -15.45 15.27 -16.30
N VAL A 228 -14.96 15.89 -17.37
CA VAL A 228 -14.90 15.25 -18.69
C VAL A 228 -13.97 14.04 -18.66
N LEU A 229 -12.82 14.18 -18.00
CA LEU A 229 -11.89 13.05 -17.86
C LEU A 229 -12.51 11.91 -17.06
N MET A 230 -13.22 12.25 -15.97
CA MET A 230 -13.87 11.22 -15.16
C MET A 230 -14.96 10.50 -15.91
N TYR A 231 -15.80 11.23 -16.66
CA TYR A 231 -16.87 10.61 -17.44
C TYR A 231 -16.31 9.71 -18.54
N CYS A 232 -15.25 10.16 -19.22
CA CYS A 232 -14.62 9.33 -20.26
C CYS A 232 -14.04 8.05 -19.67
N ASP A 233 -13.37 8.15 -18.52
CA ASP A 233 -12.80 6.96 -17.88
C ASP A 233 -13.87 5.99 -17.42
N VAL A 234 -14.96 6.49 -16.82
CA VAL A 234 -16.03 5.64 -16.32
C VAL A 234 -16.74 4.93 -17.46
N ILE A 235 -17.09 5.65 -18.54
CA ILE A 235 -17.82 5.04 -19.64
C ILE A 235 -16.95 4.06 -20.42
N GLU A 236 -15.66 4.38 -20.61
CA GLU A 236 -14.77 3.44 -21.30
C GLU A 236 -14.55 2.17 -20.47
N GLY A 237 -14.40 2.31 -19.15
CA GLY A 237 -14.27 1.14 -18.29
C GLY A 237 -15.52 0.27 -18.30
N ARG A 238 -16.70 0.90 -18.26
CA ARG A 238 -17.96 0.15 -18.31
C ARG A 238 -18.12 -0.57 -19.64
N LEU A 239 -17.74 0.08 -20.75
CA LEU A 239 -17.81 -0.54 -22.07
C LEU A 239 -16.91 -1.76 -22.15
N MET A 240 -15.66 -1.65 -21.67
CA MET A 240 -14.73 -2.76 -21.72
C MET A 240 -15.18 -3.92 -20.84
N THR A 241 -15.63 -3.63 -19.61
CA THR A 241 -15.99 -4.74 -18.74
C THR A 241 -17.34 -5.35 -19.12
N GLU A 242 -18.25 -4.58 -19.74
CA GLU A 242 -19.50 -5.16 -20.21
C GLU A 242 -19.27 -6.05 -21.42
N THR A 243 -18.36 -5.64 -22.32
CA THR A 243 -17.99 -6.49 -23.44
C THR A 243 -17.33 -7.79 -22.97
N ALA A 244 -16.43 -7.68 -21.98
CA ALA A 244 -15.76 -8.85 -21.44
C ALA A 244 -16.72 -9.79 -20.72
N MET A 245 -17.70 -9.26 -19.98
CA MET A 245 -18.67 -10.11 -19.32
C MET A 245 -19.65 -10.73 -20.30
N THR A 246 -20.02 -10.01 -21.35
CA THR A 246 -20.95 -10.54 -22.34
C THR A 246 -20.32 -11.68 -23.14
N ILE A 247 -19.03 -11.56 -23.46
CA ILE A 247 -18.41 -12.53 -24.34
C ILE A 247 -17.92 -13.79 -23.62
N ASP A 248 -17.37 -13.66 -22.41
CA ASP A 248 -16.98 -14.83 -21.63
C ASP A 248 -18.22 -15.45 -21.01
N ALA A 249 -18.32 -16.79 -21.08
CA ALA A 249 -19.50 -17.48 -20.57
C ALA A 249 -19.51 -17.53 -19.04
N ARG A 250 -18.33 -17.60 -18.42
CA ARG A 250 -18.19 -17.81 -16.98
C ARG A 250 -18.84 -16.68 -16.17
N TYR A 251 -18.92 -15.49 -16.74
CA TYR A 251 -19.46 -14.33 -16.04
C TYR A 251 -20.89 -14.01 -16.44
N THR A 252 -21.56 -14.88 -17.22
CA THR A 252 -22.84 -14.52 -17.85
C THR A 252 -23.92 -14.20 -16.83
N GLU A 253 -24.15 -15.09 -15.86
CA GLU A 253 -25.10 -14.79 -14.80
C GLU A 253 -24.63 -13.62 -13.95
N LEU A 254 -23.29 -13.48 -13.78
CA LEU A 254 -22.72 -12.30 -13.15
C LEU A 254 -23.12 -11.03 -13.89
N LEU A 255 -23.13 -11.09 -15.23
CA LEU A 255 -23.57 -9.97 -16.05
C LEU A 255 -24.99 -9.59 -15.71
N GLY A 256 -25.86 -10.59 -15.53
CA GLY A 256 -27.25 -10.37 -15.19
C GLY A 256 -27.46 -9.72 -13.84
N ARG A 257 -26.43 -9.72 -12.99
CA ARG A 257 -26.53 -8.94 -11.76
C ARG A 257 -25.94 -7.54 -11.93
N VAL A 258 -24.78 -7.43 -12.60
CA VAL A 258 -24.01 -6.19 -12.60
C VAL A 258 -24.74 -5.09 -13.36
N ARG A 259 -25.34 -5.45 -14.50
CA ARG A 259 -26.20 -4.55 -15.27
C ARG A 259 -27.33 -4.00 -14.41
N TYR A 260 -27.92 -4.86 -13.58
CA TYR A 260 -28.98 -4.41 -12.67
C TYR A 260 -28.47 -3.38 -11.69
N MET A 261 -27.26 -3.60 -11.16
CA MET A 261 -26.62 -2.62 -10.29
C MET A 261 -26.38 -1.32 -11.05
N TRP A 262 -25.96 -1.42 -12.32
CA TRP A 262 -25.72 -0.24 -13.13
C TRP A 262 -27.00 0.53 -13.41
N LYS A 263 -28.16 -0.12 -13.29
CA LYS A 263 -29.39 0.65 -13.34
C LYS A 263 -29.68 1.29 -12.00
N LEU A 264 -29.59 0.48 -10.92
CA LEU A 264 -30.26 0.79 -9.66
C LEU A 264 -29.68 2.03 -9.00
N ILE A 265 -28.34 2.06 -8.84
CA ILE A 265 -27.65 3.19 -8.25
C ILE A 265 -27.81 4.44 -9.10
N ASP A 266 -27.91 4.27 -10.43
CA ASP A 266 -28.15 5.41 -11.31
C ASP A 266 -29.53 6.00 -11.07
N GLY A 267 -30.51 5.15 -10.73
CA GLY A 267 -31.82 5.64 -10.36
C GLY A 267 -31.82 6.43 -9.06
N PHE A 268 -30.79 6.26 -8.23
CA PHE A 268 -30.66 7.06 -7.02
C PHE A 268 -30.01 8.41 -7.28
N PHE A 269 -29.40 8.61 -8.45
CA PHE A 269 -28.63 9.85 -8.63
C PHE A 269 -29.46 11.13 -8.84
N PRO A 270 -30.56 11.14 -9.62
CA PRO A 270 -31.36 12.38 -9.67
C PRO A 270 -31.98 12.82 -8.35
N ALA A 271 -32.31 11.88 -7.47
CA ALA A 271 -33.04 12.22 -6.25
C ALA A 271 -32.12 12.45 -5.06
N LEU A 272 -31.24 11.48 -4.78
CA LEU A 272 -30.40 11.58 -3.59
C LEU A 272 -29.27 12.59 -3.77
N GLY A 273 -28.62 12.59 -4.92
CA GLY A 273 -27.56 13.53 -5.19
C GLY A 273 -26.22 13.01 -4.72
N ASN A 274 -25.47 13.86 -4.03
CA ASN A 274 -24.14 13.53 -3.50
C ASN A 274 -24.09 12.49 -2.37
N PRO A 275 -25.10 12.32 -1.49
CA PRO A 275 -25.06 11.17 -0.57
C PRO A 275 -25.13 9.78 -1.21
N THR A 276 -25.45 9.68 -2.51
CA THR A 276 -25.53 8.38 -3.20
C THR A 276 -24.22 7.62 -3.14
N TYR A 277 -23.10 8.33 -3.18
CA TYR A 277 -21.79 7.70 -3.10
C TYR A 277 -21.56 7.02 -1.76
N GLN A 278 -22.24 7.47 -0.69
CA GLN A 278 -22.21 6.75 0.57
C GLN A 278 -22.74 5.33 0.42
N ILE A 279 -23.85 5.19 -0.32
CA ILE A 279 -24.36 3.86 -0.67
C ILE A 279 -23.35 3.11 -1.52
N VAL A 280 -22.67 3.83 -2.42
CA VAL A 280 -21.59 3.22 -3.19
C VAL A 280 -20.44 2.83 -2.28
N ALA A 281 -20.20 3.64 -1.23
CA ALA A 281 -19.20 3.31 -0.23
C ALA A 281 -19.59 2.10 0.61
N MET A 282 -20.84 1.66 0.56
CA MET A 282 -21.24 0.43 1.23
C MET A 282 -21.05 -0.81 0.38
N LEU A 283 -20.57 -0.67 -0.87
CA LEU A 283 -20.45 -1.84 -1.73
C LEU A 283 -19.30 -2.76 -1.32
N GLU A 284 -18.24 -2.21 -0.75
CA GLU A 284 -17.13 -3.04 -0.28
C GLU A 284 -17.40 -3.76 1.06
N PRO A 285 -18.10 -3.17 2.05
CA PRO A 285 -18.50 -4.01 3.20
C PRO A 285 -19.49 -5.11 2.85
N LEU A 286 -20.56 -4.77 2.12
CA LEU A 286 -21.75 -5.61 1.98
C LEU A 286 -21.42 -6.97 1.38
N SER A 287 -20.57 -6.98 0.34
CA SER A 287 -20.14 -8.22 -0.30
C SER A 287 -19.50 -9.18 0.69
N LEU A 288 -18.59 -8.66 1.51
CA LEU A 288 -17.97 -9.47 2.56
C LEU A 288 -19.01 -9.96 3.56
N ALA A 289 -19.99 -9.10 3.87
CA ALA A 289 -21.09 -9.49 4.76
C ALA A 289 -21.88 -10.64 4.17
N TYR A 290 -22.13 -10.60 2.85
CA TYR A 290 -22.83 -11.71 2.22
C TYR A 290 -21.96 -12.96 2.18
N LEU A 291 -20.62 -12.78 2.11
CA LEU A 291 -19.72 -13.91 2.25
C LEU A 291 -19.80 -14.49 3.65
N GLN A 292 -20.05 -13.64 4.65
CA GLN A 292 -20.25 -14.11 6.02
C GLN A 292 -21.57 -14.87 6.18
N LEU A 293 -22.46 -14.82 5.19
CA LEU A 293 -23.64 -15.67 5.21
C LEU A 293 -23.34 -17.11 4.85
N ARG A 294 -22.11 -17.43 4.42
CA ARG A 294 -21.75 -18.82 4.10
C ARG A 294 -20.80 -19.40 5.13
N ASP A 295 -20.87 -18.92 6.37
CA ASP A 295 -19.99 -19.40 7.44
C ASP A 295 -20.56 -20.68 8.02
N ILE A 296 -19.66 -21.57 8.44
CA ILE A 296 -20.10 -22.83 9.06
C ILE A 296 -20.59 -22.60 10.49
N THR A 297 -20.15 -21.53 11.15
CA THR A 297 -20.66 -21.16 12.46
C THR A 297 -21.91 -20.32 12.25
N VAL A 298 -23.08 -20.90 12.56
CA VAL A 298 -24.35 -20.27 12.24
C VAL A 298 -24.68 -19.07 13.12
N GLU A 299 -23.96 -18.86 14.21
CA GLU A 299 -24.16 -17.67 15.02
C GLU A 299 -23.48 -16.44 14.43
N LEU A 300 -22.61 -16.62 13.44
CA LEU A 300 -21.87 -15.53 12.82
C LEU A 300 -22.42 -15.15 11.45
N ARG A 301 -23.64 -15.57 11.12
CA ARG A 301 -24.15 -15.38 9.76
C ARG A 301 -24.50 -13.91 9.49
N GLY A 302 -25.18 -13.26 10.42
CA GLY A 302 -25.63 -11.90 10.17
C GLY A 302 -24.99 -10.84 11.05
N ALA A 303 -23.72 -11.04 11.42
CA ALA A 303 -23.07 -10.10 12.33
C ALA A 303 -22.76 -8.78 11.65
N PHE A 304 -22.20 -8.83 10.44
CA PHE A 304 -21.82 -7.62 9.74
C PHE A 304 -22.96 -7.06 8.89
N LEU A 305 -23.87 -7.93 8.44
CA LEU A 305 -24.99 -7.50 7.61
C LEU A 305 -25.97 -6.63 8.40
N ASN A 306 -26.09 -6.87 9.71
CA ASN A 306 -26.92 -6.02 10.55
C ASN A 306 -26.39 -4.59 10.60
N HIS A 307 -25.07 -4.44 10.78
CA HIS A 307 -24.45 -3.12 10.78
C HIS A 307 -24.57 -2.45 9.42
N CYS A 308 -24.39 -3.21 8.34
CA CYS A 308 -24.51 -2.64 7.00
C CYS A 308 -25.94 -2.18 6.70
N PHE A 309 -26.93 -2.98 7.09
CA PHE A 309 -28.33 -2.61 6.86
C PHE A 309 -28.73 -1.43 7.73
N THR A 310 -28.21 -1.35 8.96
CA THR A 310 -28.46 -0.22 9.82
C THR A 310 -27.85 1.07 9.25
N GLU A 311 -26.65 0.97 8.68
CA GLU A 311 -26.02 2.11 8.04
C GLU A 311 -26.80 2.58 6.81
N ILE A 312 -27.27 1.63 6.00
CA ILE A 312 -28.07 1.97 4.82
C ILE A 312 -29.40 2.63 5.22
N HIS A 313 -30.04 2.10 6.26
CA HIS A 313 -31.27 2.71 6.78
C HIS A 313 -31.02 4.11 7.32
N ASP A 314 -29.86 4.33 7.97
CA ASP A 314 -29.52 5.66 8.47
C ASP A 314 -29.28 6.64 7.34
N VAL A 315 -28.60 6.20 6.27
CA VAL A 315 -28.35 7.06 5.11
C VAL A 315 -29.67 7.44 4.44
N LEU A 316 -30.59 6.48 4.31
CA LEU A 316 -31.90 6.81 3.75
C LEU A 316 -32.72 7.69 4.68
N ASP A 317 -32.56 7.55 6.00
CA ASP A 317 -33.36 8.31 6.94
C ASP A 317 -32.91 9.76 7.05
N GLN A 318 -31.60 10.01 7.03
CA GLN A 318 -31.10 11.38 7.17
C GLN A 318 -31.35 12.24 5.95
N ASN A 319 -31.64 11.63 4.79
CA ASN A 319 -31.80 12.37 3.55
C ASN A 319 -33.26 12.59 3.18
N GLY A 320 -34.20 12.27 4.07
CA GLY A 320 -35.60 12.53 3.84
C GLY A 320 -36.36 11.41 3.16
N PHE A 321 -35.68 10.37 2.69
CA PHE A 321 -36.35 9.22 2.07
C PHE A 321 -36.58 8.17 3.15
N SER A 322 -37.58 8.42 3.99
CA SER A 322 -37.87 7.54 5.13
C SER A 322 -39.24 6.91 4.91
N ASP A 323 -39.25 5.83 4.13
CA ASP A 323 -40.41 4.98 3.94
C ASP A 323 -39.99 3.53 4.18
N GLU A 324 -40.94 2.72 4.63
CA GLU A 324 -40.65 1.30 4.80
C GLU A 324 -40.55 0.58 3.45
N GLY A 325 -41.35 1.02 2.47
CA GLY A 325 -41.35 0.36 1.17
C GLY A 325 -40.07 0.57 0.40
N THR A 326 -39.53 1.80 0.43
CA THR A 326 -38.28 2.10 -0.27
C THR A 326 -37.11 1.32 0.31
N TYR A 327 -37.03 1.27 1.65
CA TYR A 327 -36.00 0.48 2.32
C TYR A 327 -36.14 -1.00 2.02
N HIS A 328 -37.38 -1.52 2.05
CA HIS A 328 -37.60 -2.94 1.77
C HIS A 328 -37.24 -3.30 0.33
N GLU A 329 -37.59 -2.44 -0.63
CA GLU A 329 -37.23 -2.68 -2.03
C GLU A 329 -35.74 -2.59 -2.25
N LEU A 330 -35.05 -1.69 -1.54
CA LEU A 330 -33.59 -1.62 -1.64
C LEU A 330 -32.93 -2.87 -1.07
N ILE A 331 -33.46 -3.40 0.03
CA ILE A 331 -32.93 -4.64 0.60
C ILE A 331 -33.16 -5.82 -0.35
N GLU A 332 -34.34 -5.89 -0.99
CA GLU A 332 -34.59 -6.95 -1.97
C GLU A 332 -33.67 -6.83 -3.18
N ALA A 333 -33.41 -5.60 -3.63
CA ALA A 333 -32.49 -5.39 -4.76
C ALA A 333 -31.07 -5.81 -4.40
N LEU A 334 -30.60 -5.45 -3.21
CA LEU A 334 -29.26 -5.85 -2.79
C LEU A 334 -29.16 -7.36 -2.57
N ASP A 335 -30.25 -7.99 -2.12
CA ASP A 335 -30.28 -9.45 -1.99
C ASP A 335 -30.23 -10.10 -3.36
N TYR A 336 -30.82 -9.49 -4.38
CA TYR A 336 -30.69 -10.02 -5.73
C TYR A 336 -29.26 -9.86 -6.26
N ILE A 337 -28.63 -8.71 -5.99
CA ILE A 337 -27.30 -8.44 -6.55
C ILE A 337 -26.23 -9.32 -5.90
N PHE A 338 -26.26 -9.44 -4.57
CA PHE A 338 -25.10 -10.03 -3.90
C PHE A 338 -25.19 -11.53 -3.64
N ILE A 339 -26.38 -12.12 -3.61
CA ILE A 339 -26.50 -13.55 -3.29
C ILE A 339 -26.15 -14.36 -4.54
N THR A 340 -25.18 -15.25 -4.39
CA THR A 340 -24.79 -16.15 -5.48
C THR A 340 -24.34 -17.48 -4.87
N ASP A 341 -24.25 -18.50 -5.73
CA ASP A 341 -23.84 -19.83 -5.29
C ASP A 341 -22.38 -20.14 -5.57
N ASP A 342 -21.78 -19.47 -6.57
CA ASP A 342 -20.38 -19.70 -6.89
C ASP A 342 -19.50 -18.89 -5.94
N ILE A 343 -18.52 -19.56 -5.33
CA ILE A 343 -17.62 -18.90 -4.38
C ILE A 343 -16.67 -17.97 -5.11
N HIS A 344 -16.18 -18.38 -6.30
CA HIS A 344 -15.16 -17.62 -7.00
C HIS A 344 -15.69 -16.34 -7.62
N LEU A 345 -17.01 -16.20 -7.76
CA LEU A 345 -17.60 -14.99 -8.31
C LEU A 345 -18.13 -14.04 -7.23
N THR A 346 -17.85 -14.32 -5.96
CA THR A 346 -18.29 -13.41 -4.90
C THR A 346 -17.45 -12.14 -4.86
N GLY A 347 -16.18 -12.22 -5.26
CA GLY A 347 -15.28 -11.09 -5.23
C GLY A 347 -15.19 -10.28 -6.50
N GLU A 348 -16.14 -10.44 -7.42
CA GLU A 348 -16.09 -9.68 -8.67
C GLU A 348 -16.72 -8.30 -8.54
N ILE A 349 -17.64 -8.11 -7.58
CA ILE A 349 -18.23 -6.80 -7.30
C ILE A 349 -17.16 -5.82 -6.81
N PHE A 350 -16.09 -6.34 -6.20
CA PHE A 350 -14.88 -5.58 -5.87
C PHE A 350 -14.30 -4.86 -7.09
N SER A 351 -14.45 -5.44 -8.28
CA SER A 351 -13.96 -4.81 -9.50
C SER A 351 -14.78 -3.59 -9.90
N PHE A 352 -16.01 -3.46 -9.41
CA PHE A 352 -16.92 -2.40 -9.86
C PHE A 352 -17.10 -1.31 -8.82
N PHE A 353 -16.05 -1.03 -8.04
CA PHE A 353 -16.12 0.04 -7.05
C PHE A 353 -16.05 1.43 -7.69
N ARG A 354 -15.23 1.59 -8.72
CA ARG A 354 -15.02 2.88 -9.34
C ARG A 354 -15.85 3.07 -10.60
N SER A 355 -16.94 2.31 -10.75
CA SER A 355 -17.78 2.39 -11.95
C SER A 355 -18.83 3.49 -11.87
N PHE A 356 -18.92 4.21 -10.75
CA PHE A 356 -19.94 5.24 -10.58
C PHE A 356 -19.36 6.64 -10.45
N GLY A 357 -18.06 6.81 -10.68
CA GLY A 357 -17.45 8.11 -10.55
C GLY A 357 -16.99 8.38 -9.13
N HIS A 358 -16.70 9.66 -8.86
CA HIS A 358 -16.20 10.09 -7.58
C HIS A 358 -16.98 11.30 -7.09
N PRO A 359 -17.19 11.42 -5.78
CA PRO A 359 -17.99 12.55 -5.26
C PRO A 359 -17.24 13.86 -5.30
N ARG A 360 -18.01 14.94 -5.29
CA ARG A 360 -17.46 16.28 -5.16
C ARG A 360 -17.10 16.56 -3.69
N LEU A 361 -16.07 17.38 -3.50
CA LEU A 361 -15.44 17.53 -2.19
C LEU A 361 -15.35 19.00 -1.80
N GLU A 362 -15.37 19.23 -0.49
CA GLU A 362 -15.09 20.53 0.11
C GLU A 362 -14.10 20.36 1.25
N ALA A 363 -13.32 21.41 1.51
CA ALA A 363 -12.28 21.34 2.52
C ALA A 363 -12.84 21.42 3.93
N VAL A 364 -13.95 22.13 4.12
CA VAL A 364 -14.50 22.38 5.46
C VAL A 364 -15.02 21.09 6.09
N THR A 365 -15.57 20.17 5.29
CA THR A 365 -16.11 18.93 5.82
C THR A 365 -15.00 18.00 6.31
N ALA A 366 -13.92 17.89 5.53
CA ALA A 366 -12.77 17.12 5.97
C ALA A 366 -12.07 17.76 7.16
N ALA A 367 -12.07 19.09 7.22
CA ALA A 367 -11.51 19.80 8.36
C ALA A 367 -12.31 19.51 9.64
N GLU A 368 -13.64 19.49 9.54
CA GLU A 368 -14.47 19.13 10.69
C GLU A 368 -14.26 17.67 11.10
N ASN A 369 -14.10 16.78 10.11
CA ASN A 369 -13.87 15.37 10.40
C ASN A 369 -12.55 15.15 11.14
N VAL A 370 -11.51 15.87 10.76
CA VAL A 370 -10.24 15.79 11.49
C VAL A 370 -10.36 16.45 12.86
N ARG A 371 -11.05 17.60 12.93
CA ARG A 371 -11.14 18.38 14.17
C ARG A 371 -11.94 17.65 15.24
N LYS A 372 -12.91 16.82 14.85
CA LYS A 372 -13.71 16.08 15.82
C LYS A 372 -12.87 15.08 16.59
N TYR A 373 -11.97 14.36 15.91
CA TYR A 373 -11.16 13.34 16.56
C TYR A 373 -9.87 13.89 17.16
N MET A 374 -9.29 14.94 16.60
CA MET A 374 -8.01 15.41 17.12
C MET A 374 -8.15 16.32 18.35
N ASN A 375 -9.36 16.65 18.77
CA ASN A 375 -9.57 17.49 19.94
C ASN A 375 -10.46 16.83 20.98
N GLN A 376 -10.15 15.58 21.33
CA GLN A 376 -10.99 14.79 22.22
C GLN A 376 -10.20 14.36 23.45
N PRO A 377 -10.73 14.60 24.66
CA PRO A 377 -10.04 14.12 25.87
C PRO A 377 -10.17 12.62 26.05
N LYS A 378 -9.13 12.01 26.62
CA LYS A 378 -9.10 10.58 26.84
C LYS A 378 -8.61 10.27 28.26
N VAL A 379 -8.96 9.08 28.74
CA VAL A 379 -8.55 8.58 30.04
C VAL A 379 -7.84 7.24 29.83
N ILE A 380 -6.64 7.10 30.38
CA ILE A 380 -5.79 5.93 30.14
C ILE A 380 -5.39 5.34 31.50
N VAL A 381 -5.57 4.03 31.65
CA VAL A 381 -5.16 3.31 32.85
C VAL A 381 -3.69 2.95 32.72
N TYR A 382 -2.98 2.89 33.85
CA TYR A 382 -1.53 2.80 33.87
C TYR A 382 -1.03 1.37 33.74
N GLU A 383 -1.77 0.39 34.28
CA GLU A 383 -1.29 -0.99 34.33
C GLU A 383 -1.25 -1.64 32.95
N THR A 384 -2.23 -1.35 32.09
CA THR A 384 -2.25 -1.90 30.75
C THR A 384 -1.07 -1.36 29.93
N LEU A 385 -0.79 -0.06 30.08
CA LEU A 385 0.35 0.56 29.41
C LEU A 385 1.67 -0.05 29.89
N MET A 386 1.79 -0.31 31.20
CA MET A 386 3.02 -0.89 31.70
C MET A 386 3.18 -2.35 31.32
N LYS A 387 2.08 -3.10 31.22
CA LYS A 387 2.17 -4.49 30.76
C LYS A 387 2.57 -4.56 29.28
N GLY A 388 2.01 -3.65 28.46
CA GLY A 388 2.46 -3.57 27.07
C GLY A 388 3.92 -3.17 26.95
N HIS A 389 4.37 -2.26 27.82
CA HIS A 389 5.77 -1.89 27.85
C HIS A 389 6.68 -3.06 28.25
N ALA A 390 6.21 -3.89 29.20
CA ALA A 390 6.98 -5.06 29.63
C ALA A 390 7.08 -6.10 28.51
N ILE A 391 6.00 -6.33 27.78
CA ILE A 391 6.04 -7.25 26.64
C ILE A 391 6.95 -6.70 25.54
N PHE A 392 6.91 -5.38 25.33
CA PHE A 392 7.78 -4.73 24.35
C PHE A 392 9.27 -4.91 24.70
N CYS A 393 9.61 -4.71 25.97
CA CYS A 393 10.98 -4.94 26.43
C CYS A 393 11.38 -6.40 26.31
N GLY A 394 10.44 -7.32 26.57
CA GLY A 394 10.73 -8.74 26.42
C GLY A 394 10.99 -9.15 24.99
N ILE A 395 10.26 -8.57 24.04
CA ILE A 395 10.51 -8.83 22.62
C ILE A 395 11.88 -8.30 22.20
N ILE A 396 12.26 -7.12 22.68
CA ILE A 396 13.60 -6.59 22.37
C ILE A 396 14.70 -7.47 22.95
N ILE A 397 14.53 -7.94 24.19
CA ILE A 397 15.52 -8.80 24.84
C ILE A 397 15.65 -10.14 24.10
N ASN A 398 14.51 -10.73 23.73
CA ASN A 398 14.53 -12.00 23.00
C ASN A 398 15.14 -11.86 21.61
N GLY A 399 14.90 -10.74 20.93
CA GLY A 399 15.53 -10.51 19.63
C GLY A 399 17.04 -10.35 19.73
N TYR A 400 17.50 -9.61 20.75
CA TYR A 400 18.95 -9.43 20.91
C TYR A 400 19.62 -10.74 21.32
N ARG A 401 18.95 -11.57 22.13
CA ARG A 401 19.49 -12.89 22.40
C ARG A 401 19.50 -13.77 21.16
N ASP A 402 18.50 -13.61 20.29
CA ASP A 402 18.44 -14.41 19.08
C ASP A 402 19.55 -14.06 18.10
N ARG A 403 19.96 -12.79 18.04
CA ARG A 403 20.99 -12.40 17.09
C ARG A 403 22.34 -12.12 17.73
N HIS A 404 22.54 -12.45 19.01
CA HIS A 404 23.87 -12.35 19.63
C HIS A 404 24.15 -13.56 20.52
N GLY A 405 23.63 -14.72 20.14
CA GLY A 405 23.96 -15.97 20.79
C GLY A 405 23.52 -16.13 22.23
N GLY A 406 22.30 -15.70 22.55
CA GLY A 406 21.78 -15.90 23.89
C GLY A 406 22.25 -14.91 24.93
N SER A 407 22.83 -13.78 24.52
CA SER A 407 23.31 -12.78 25.45
C SER A 407 22.32 -11.62 25.52
N TRP A 408 22.11 -11.11 26.74
CA TRP A 408 21.18 -10.02 26.95
C TRP A 408 21.76 -8.70 26.43
N PRO A 409 20.91 -7.76 26.00
CA PRO A 409 21.40 -6.43 25.63
C PRO A 409 21.87 -5.66 26.86
N PRO A 410 22.70 -4.63 26.67
CA PRO A 410 23.15 -3.83 27.83
C PRO A 410 22.02 -3.03 28.45
N LEU A 411 21.62 -3.44 29.65
CA LEU A 411 20.54 -2.79 30.38
C LEU A 411 20.80 -2.97 31.87
N THR A 412 20.22 -2.07 32.66
CA THR A 412 20.34 -2.10 34.11
C THR A 412 18.96 -2.28 34.70
N LEU A 413 18.72 -3.46 35.28
CA LEU A 413 17.48 -3.68 36.01
C LEU A 413 17.51 -2.89 37.31
N PRO A 414 16.35 -2.42 37.78
CA PRO A 414 16.31 -1.70 39.05
C PRO A 414 16.50 -2.65 40.24
N LEU A 415 16.54 -2.04 41.43
CA LEU A 415 16.75 -2.81 42.65
C LEU A 415 15.55 -3.68 42.99
N HIS A 416 14.35 -3.26 42.60
CA HIS A 416 13.12 -3.96 42.95
C HIS A 416 12.75 -5.04 41.94
N ALA A 417 13.67 -5.42 41.06
CA ALA A 417 13.38 -6.43 40.05
C ALA A 417 13.20 -7.80 40.69
N ALA A 418 12.38 -8.63 40.06
CA ALA A 418 12.12 -9.97 40.55
C ALA A 418 13.35 -10.86 40.33
N ASP A 419 13.41 -11.95 41.09
CA ASP A 419 14.55 -12.86 41.01
C ASP A 419 14.59 -13.62 39.69
N THR A 420 13.43 -13.82 39.06
CA THR A 420 13.39 -14.53 37.78
C THR A 420 14.05 -13.72 36.67
N ILE A 421 13.76 -12.43 36.60
CA ILE A 421 14.37 -11.57 35.57
C ILE A 421 15.86 -11.39 35.82
N ARG A 422 16.25 -11.29 37.10
CA ARG A 422 17.66 -11.16 37.45
C ARG A 422 18.44 -12.43 37.10
N ASN A 423 17.86 -13.60 37.38
CA ASN A 423 18.53 -14.85 37.01
C ASN A 423 18.52 -15.08 35.52
N ALA A 424 17.51 -14.56 34.81
CA ALA A 424 17.50 -14.65 33.35
C ALA A 424 18.57 -13.76 32.74
N GLN A 425 18.83 -12.59 33.34
CA GLN A 425 19.93 -11.75 32.88
C GLN A 425 21.28 -12.38 33.20
N ALA A 426 21.41 -12.99 34.39
CA ALA A 426 22.69 -13.55 34.81
C ALA A 426 23.04 -14.81 34.02
N SER A 427 22.06 -15.67 33.78
CA SER A 427 22.30 -16.92 33.07
C SER A 427 22.12 -16.80 31.56
N GLY A 428 21.71 -15.64 31.06
CA GLY A 428 21.48 -15.43 29.65
C GLY A 428 20.31 -16.23 29.11
N ASP A 429 19.20 -16.25 29.85
CA ASP A 429 18.02 -16.99 29.48
C ASP A 429 16.93 -16.06 28.95
N GLY A 430 16.07 -16.60 28.09
CA GLY A 430 15.02 -15.81 27.49
C GLY A 430 13.82 -15.64 28.38
N LEU A 431 12.90 -14.79 27.91
CA LEU A 431 11.67 -14.49 28.63
C LEU A 431 10.47 -14.80 27.75
N THR A 432 9.47 -15.45 28.34
CA THR A 432 8.19 -15.63 27.69
C THR A 432 7.30 -14.42 27.96
N HIS A 433 6.13 -14.40 27.32
CA HIS A 433 5.18 -13.32 27.54
C HIS A 433 4.59 -13.36 28.94
N GLU A 434 4.40 -14.58 29.48
CA GLU A 434 3.84 -14.74 30.82
C GLU A 434 4.76 -14.17 31.88
N GLN A 435 6.08 -14.36 31.72
CA GLN A 435 7.04 -13.80 32.67
C GLN A 435 7.08 -12.28 32.60
N CYS A 436 6.86 -11.71 31.43
CA CYS A 436 6.84 -10.25 31.31
C CYS A 436 5.56 -9.66 31.89
N VAL A 437 4.42 -10.34 31.71
CA VAL A 437 3.16 -9.82 32.26
C VAL A 437 3.15 -9.97 33.79
N ASP A 438 3.59 -11.13 34.29
CA ASP A 438 3.54 -11.37 35.74
C ASP A 438 4.57 -10.54 36.50
N ASN A 439 5.65 -10.12 35.84
CA ASN A 439 6.68 -9.33 36.49
C ASN A 439 6.85 -7.98 35.79
N TRP A 440 5.74 -7.29 35.53
CA TRP A 440 5.82 -6.01 34.83
C TRP A 440 6.42 -4.91 35.69
N LYS A 441 6.23 -4.97 37.01
CA LYS A 441 6.83 -3.99 37.91
C LYS A 441 8.35 -4.07 37.94
N SER A 442 8.93 -5.21 37.56
CA SER A 442 10.37 -5.31 37.42
C SER A 442 10.89 -4.56 36.20
N PHE A 443 10.02 -4.19 35.27
CA PHE A 443 10.42 -3.43 34.09
C PHE A 443 10.07 -1.94 34.22
N ALA A 444 9.73 -1.48 35.43
CA ALA A 444 9.28 -0.10 35.58
C ALA A 444 10.44 0.88 35.46
N GLY A 445 11.60 0.56 36.01
CA GLY A 445 12.72 1.49 36.01
C GLY A 445 13.92 1.02 35.23
N VAL A 446 13.71 0.26 34.16
CA VAL A 446 14.83 -0.22 33.36
C VAL A 446 15.40 0.90 32.53
N LYS A 447 16.63 0.70 32.06
CA LYS A 447 17.30 1.68 31.21
C LYS A 447 18.22 0.93 30.26
N PHE A 448 17.95 1.03 28.96
CA PHE A 448 18.72 0.33 27.96
C PHE A 448 20.05 1.05 27.68
N GLY A 449 20.92 0.35 26.94
CA GLY A 449 22.16 0.92 26.46
C GLY A 449 22.11 1.12 24.95
N CYS A 450 23.13 1.78 24.43
CA CYS A 450 23.21 2.05 23.00
C CYS A 450 23.89 0.87 22.30
N PHE A 451 23.14 0.19 21.42
CA PHE A 451 23.69 -0.93 20.65
C PHE A 451 23.19 -0.93 19.21
N MET A 452 22.64 0.18 18.73
CA MET A 452 22.17 0.27 17.34
C MET A 452 22.91 1.40 16.64
N PRO A 453 23.67 1.11 15.59
CA PRO A 453 24.37 2.18 14.87
C PRO A 453 23.42 3.00 14.01
N LEU A 454 23.85 4.22 13.71
CA LEU A 454 23.12 5.13 12.84
C LEU A 454 23.90 5.26 11.54
N SER A 455 23.57 4.40 10.58
CA SER A 455 24.24 4.40 9.28
C SER A 455 23.35 5.13 8.29
N LEU A 456 23.59 6.43 8.16
CA LEU A 456 22.82 7.28 7.26
C LEU A 456 23.62 7.76 6.05
N ASP A 457 24.94 7.63 6.08
CA ASP A 457 25.77 8.03 4.95
C ASP A 457 25.79 6.94 3.87
N SER A 458 25.43 5.71 4.23
CA SER A 458 25.51 4.60 3.29
C SER A 458 24.36 4.58 2.30
N ASP A 459 23.27 5.27 2.58
CA ASP A 459 22.08 5.22 1.75
C ASP A 459 21.66 6.62 1.30
N LEU A 460 21.07 6.67 0.11
CA LEU A 460 20.56 7.90 -0.48
C LEU A 460 19.09 7.79 -0.88
N THR A 461 18.50 6.59 -0.80
CA THR A 461 17.17 6.32 -1.31
C THR A 461 16.07 7.07 -0.57
N MET A 462 16.32 7.52 0.65
CA MET A 462 15.27 8.13 1.46
C MET A 462 14.96 9.55 1.02
N TYR A 463 15.92 10.24 0.41
CA TYR A 463 15.73 11.65 0.04
C TYR A 463 15.28 11.82 -1.40
N LEU A 464 15.64 10.90 -2.29
CA LEU A 464 15.33 11.05 -3.71
C LEU A 464 13.89 10.74 -4.04
N LYS A 465 13.12 10.19 -3.11
CA LYS A 465 11.68 10.05 -3.30
C LYS A 465 11.04 11.42 -3.28
N ASP A 466 10.21 11.71 -4.29
CA ASP A 466 9.66 13.05 -4.47
C ASP A 466 8.42 13.22 -3.60
N LYS A 467 8.47 14.20 -2.70
CA LYS A 467 7.33 14.58 -1.89
C LYS A 467 7.21 16.09 -1.89
N ALA A 468 5.97 16.58 -1.93
CA ALA A 468 5.72 18.01 -1.97
C ALA A 468 6.02 18.65 -0.61
N LEU A 469 6.40 19.92 -0.64
CA LEU A 469 6.71 20.68 0.56
C LEU A 469 5.69 21.78 0.74
N ALA A 470 5.32 22.04 1.99
CA ALA A 470 4.43 23.14 2.29
C ALA A 470 5.19 24.47 2.21
N ALA A 471 4.43 25.55 2.11
CA ALA A 471 5.04 26.88 2.09
C ALA A 471 5.53 27.26 3.47
N LEU A 472 6.25 28.38 3.54
CA LEU A 472 6.66 28.92 4.82
C LEU A 472 5.45 29.47 5.58
N GLN A 473 5.61 29.58 6.90
CA GLN A 473 4.48 29.97 7.76
C GLN A 473 4.07 31.42 7.51
N ARG A 474 5.06 32.33 7.43
CA ARG A 474 4.78 33.77 7.28
C ARG A 474 4.13 34.09 5.94
N GLU A 475 4.31 33.23 4.95
CA GLU A 475 3.61 33.33 3.66
C GLU A 475 2.66 32.16 3.47
N TRP A 476 1.94 31.77 4.53
CA TRP A 476 1.00 30.65 4.45
C TRP A 476 -0.18 30.93 3.53
N ASP A 477 -0.45 32.19 3.22
CA ASP A 477 -1.46 32.58 2.24
C ASP A 477 -0.94 32.58 0.81
N SER A 478 0.29 32.13 0.57
CA SER A 478 0.85 32.13 -0.78
C SER A 478 0.21 31.09 -1.69
N VAL A 479 -0.50 30.11 -1.15
CA VAL A 479 -1.09 29.07 -1.98
C VAL A 479 -2.40 29.54 -2.62
N TYR A 480 -3.07 30.52 -2.03
CA TYR A 480 -4.34 30.98 -2.58
C TYR A 480 -4.11 32.08 -3.62
N PRO A 481 -4.78 32.00 -4.76
CA PRO A 481 -4.66 33.05 -5.78
C PRO A 481 -5.31 34.35 -5.33
N LYS A 482 -4.93 35.43 -6.03
CA LYS A 482 -5.42 36.76 -5.68
C LYS A 482 -6.89 36.93 -6.03
N GLU A 483 -7.39 36.16 -7.01
CA GLU A 483 -8.76 36.32 -7.47
C GLU A 483 -9.78 35.87 -6.42
N PHE A 484 -9.41 34.95 -5.55
CA PHE A 484 -10.33 34.37 -4.58
C PHE A 484 -10.15 34.92 -3.17
N LEU A 485 -9.35 35.98 -3.01
CA LEU A 485 -9.09 36.56 -1.70
C LEU A 485 -9.56 38.00 -1.67
N ARG A 486 -9.98 38.45 -0.48
CA ARG A 486 -10.38 39.83 -0.29
C ARG A 486 -9.19 40.77 -0.14
N TYR A 487 -8.00 40.23 0.07
CA TYR A 487 -6.77 41.00 0.21
C TYR A 487 -5.73 40.49 -0.79
N ASP A 488 -4.55 41.10 -0.75
CA ASP A 488 -3.44 40.69 -1.60
C ASP A 488 -2.54 39.75 -0.82
N PRO A 489 -2.39 38.50 -1.24
CA PRO A 489 -1.58 37.54 -0.46
C PRO A 489 -0.10 37.84 -0.61
N PRO A 490 0.71 37.47 0.39
CA PRO A 490 2.16 37.62 0.27
C PRO A 490 2.72 36.65 -0.78
N LYS A 491 3.83 37.07 -1.38
CA LYS A 491 4.49 36.26 -2.39
C LYS A 491 5.21 35.08 -1.75
N GLY A 492 5.19 33.94 -2.45
CA GLY A 492 5.81 32.73 -1.97
C GLY A 492 7.23 32.61 -2.46
N THR A 493 8.17 32.54 -1.52
CA THR A 493 9.58 32.47 -1.84
C THR A 493 10.21 31.10 -1.60
N GLY A 494 9.59 30.26 -0.79
CA GLY A 494 10.13 28.94 -0.53
C GLY A 494 9.93 28.00 -1.70
N SER A 495 10.78 26.97 -1.75
CA SER A 495 10.70 25.99 -2.82
C SER A 495 9.56 25.02 -2.57
N ARG A 496 9.21 24.26 -3.60
CA ARG A 496 7.99 23.47 -3.60
C ARG A 496 8.22 21.96 -3.62
N ARG A 497 9.46 21.50 -3.74
CA ARG A 497 9.75 20.08 -3.85
C ARG A 497 10.90 19.69 -2.92
N LEU A 498 10.88 18.41 -2.51
CA LEU A 498 11.90 17.91 -1.59
C LEU A 498 13.25 17.78 -2.29
N VAL A 499 13.27 17.20 -3.49
CA VAL A 499 14.54 16.94 -4.17
C VAL A 499 15.14 18.23 -4.70
N ASP A 500 14.32 19.25 -4.95
CA ASP A 500 14.85 20.54 -5.39
C ASP A 500 15.65 21.22 -4.28
N VAL A 501 15.18 21.12 -3.04
CA VAL A 501 15.94 21.65 -1.91
C VAL A 501 17.14 20.76 -1.61
N PHE A 502 16.94 19.44 -1.67
CA PHE A 502 17.98 18.49 -1.28
C PHE A 502 19.16 18.50 -2.23
N LEU A 503 18.91 18.55 -3.55
CA LEU A 503 20.00 18.49 -4.51
C LEU A 503 20.72 19.82 -4.63
N ASN A 504 20.09 20.93 -4.25
CA ASN A 504 20.74 22.24 -4.26
C ASN A 504 21.39 22.59 -2.92
N ASP A 505 21.36 21.69 -1.94
CA ASP A 505 21.95 21.97 -0.64
C ASP A 505 23.47 21.83 -0.74
N SER A 506 24.18 22.96 -0.57
CA SER A 506 25.63 22.94 -0.70
C SER A 506 26.30 22.25 0.48
N SER A 507 25.68 22.30 1.66
CA SER A 507 26.21 21.66 2.85
C SER A 507 25.10 20.85 3.51
N PHE A 508 25.13 19.53 3.29
CA PHE A 508 24.12 18.62 3.84
C PHE A 508 24.81 17.57 4.69
N ASP A 509 24.31 17.37 5.90
CA ASP A 509 24.80 16.33 6.79
C ASP A 509 23.59 15.75 7.52
N PRO A 510 23.37 14.43 7.44
CA PRO A 510 22.25 13.82 8.17
C PRO A 510 22.33 13.98 9.68
N TYR A 511 23.53 14.07 10.24
CA TYR A 511 23.67 14.24 11.68
C TYR A 511 23.25 15.64 12.11
N ASP A 512 23.40 16.63 11.23
CA ASP A 512 22.83 17.96 11.48
C ASP A 512 21.31 17.91 11.46
N VAL A 513 20.73 17.07 10.59
CA VAL A 513 19.28 16.89 10.57
C VAL A 513 18.81 16.22 11.85
N ILE A 514 19.60 15.30 12.40
CA ILE A 514 19.28 14.71 13.70
C ILE A 514 19.38 15.76 14.81
N MET A 515 20.44 16.59 14.78
CA MET A 515 20.60 17.63 15.79
C MET A 515 19.58 18.75 15.67
N TYR A 516 18.87 18.84 14.53
CA TYR A 516 17.73 19.75 14.44
C TYR A 516 16.63 19.40 15.44
N VAL A 517 16.43 18.11 15.70
CA VAL A 517 15.48 17.67 16.72
C VAL A 517 16.14 17.58 18.09
N VAL A 518 17.36 17.02 18.14
CA VAL A 518 18.04 16.77 19.42
C VAL A 518 18.38 18.08 20.12
N SER A 519 18.80 19.10 19.37
CA SER A 519 19.13 20.39 19.97
C SER A 519 17.89 21.14 20.44
N GLY A 520 16.71 20.77 19.94
CA GLY A 520 15.48 21.42 20.34
C GLY A 520 15.12 22.66 19.56
N ALA A 521 15.83 22.96 18.47
CA ALA A 521 15.54 24.13 17.67
C ALA A 521 14.32 23.95 16.78
N TYR A 522 13.82 22.71 16.65
CA TYR A 522 12.65 22.45 15.83
C TYR A 522 11.38 22.99 16.48
N LEU A 523 11.37 23.11 17.81
CA LEU A 523 10.19 23.62 18.52
C LEU A 523 10.09 25.13 18.48
N HIS A 524 11.15 25.83 18.06
CA HIS A 524 11.17 27.29 18.12
C HIS A 524 11.50 27.94 16.77
N ASP A 525 11.57 27.16 15.68
CA ASP A 525 11.87 27.81 14.41
C ASP A 525 10.63 28.52 13.86
N PRO A 526 10.81 29.69 13.22
CA PRO A 526 9.64 30.47 12.83
C PRO A 526 8.95 30.00 11.55
N GLU A 527 9.62 29.23 10.70
CA GLU A 527 9.11 28.93 9.37
C GLU A 527 8.52 27.53 9.25
N PHE A 528 8.23 26.86 10.35
CA PHE A 528 7.60 25.54 10.27
C PHE A 528 6.13 25.69 9.92
N ASN A 529 5.65 24.82 9.05
CA ASN A 529 4.26 24.86 8.60
C ASN A 529 3.82 23.46 8.21
N LEU A 530 2.51 23.24 8.24
CA LEU A 530 1.93 21.97 7.86
C LEU A 530 0.55 22.21 7.26
N SER A 531 0.26 21.57 6.13
CA SER A 531 -0.99 21.75 5.40
C SER A 531 -1.55 20.41 4.98
N TYR A 532 -2.87 20.40 4.72
CA TYR A 532 -3.58 19.23 4.26
C TYR A 532 -4.03 19.42 2.81
N SER A 533 -4.16 18.31 2.09
CA SER A 533 -4.61 18.34 0.71
C SER A 533 -5.49 17.13 0.45
N LEU A 534 -6.49 17.32 -0.41
CA LEU A 534 -7.49 16.30 -0.68
C LEU A 534 -6.93 15.21 -1.59
N LYS A 535 -7.31 13.97 -1.31
CA LYS A 535 -6.87 12.84 -2.13
C LYS A 535 -7.66 12.78 -3.43
N GLU A 536 -7.11 12.05 -4.40
CA GLU A 536 -7.55 12.20 -5.78
C GLU A 536 -8.83 11.41 -6.06
N LYS A 537 -8.77 10.08 -5.93
CA LYS A 537 -9.84 9.20 -6.40
C LYS A 537 -10.32 8.31 -5.26
N GLU A 538 -11.32 8.78 -4.51
CA GLU A 538 -11.92 8.01 -3.44
C GLU A 538 -13.42 8.22 -3.43
N ILE A 539 -14.13 7.32 -2.74
CA ILE A 539 -15.59 7.31 -2.74
C ILE A 539 -16.15 7.96 -1.48
N LYS A 540 -15.31 8.23 -0.48
CA LYS A 540 -15.75 8.89 0.75
C LYS A 540 -16.18 10.34 0.46
N GLU A 541 -17.39 10.69 0.91
CA GLU A 541 -17.97 11.98 0.55
C GLU A 541 -17.28 13.13 1.30
N THR A 542 -16.88 12.89 2.55
CA THR A 542 -16.18 13.91 3.31
C THR A 542 -14.78 14.16 2.74
N GLY A 543 -14.12 13.10 2.29
CA GLY A 543 -12.81 13.23 1.70
C GLY A 543 -11.71 12.89 2.68
N ARG A 544 -10.60 12.37 2.14
CA ARG A 544 -9.45 12.00 2.93
C ARG A 544 -8.29 12.92 2.56
N LEU A 545 -7.38 13.11 3.51
CA LEU A 545 -6.35 14.14 3.38
C LEU A 545 -4.96 13.53 3.49
N PHE A 546 -4.01 14.17 2.82
CA PHE A 546 -2.59 13.89 2.99
C PHE A 546 -1.88 15.20 3.31
N ALA A 547 -0.82 15.10 4.11
CA ALA A 547 -0.20 16.26 4.72
C ALA A 547 1.16 16.57 4.09
N LYS A 548 1.45 17.87 4.01
CA LYS A 548 2.74 18.37 3.54
C LYS A 548 3.31 19.32 4.57
N MET A 549 4.60 19.19 4.86
CA MET A 549 5.28 20.10 5.78
C MET A 549 6.61 20.52 5.18
N THR A 550 7.35 21.32 5.93
CA THR A 550 8.56 21.96 5.42
C THR A 550 9.70 20.95 5.30
N TYR A 551 10.84 21.44 4.82
CA TYR A 551 11.95 20.57 4.42
C TYR A 551 12.59 19.84 5.59
N LYS A 552 12.92 20.57 6.66
CA LYS A 552 13.73 20.00 7.73
C LYS A 552 12.96 18.96 8.53
N MET A 553 11.70 19.27 8.87
CA MET A 553 10.88 18.32 9.62
C MET A 553 10.55 17.07 8.79
N ARG A 554 10.34 17.24 7.48
CA ARG A 554 10.12 16.09 6.61
C ARG A 554 11.36 15.21 6.54
N ALA A 555 12.54 15.83 6.46
CA ALA A 555 13.79 15.07 6.46
C ALA A 555 13.99 14.31 7.76
N CYS A 556 13.66 14.95 8.89
CA CYS A 556 13.71 14.28 10.19
C CYS A 556 12.74 13.11 10.27
N GLN A 557 11.54 13.28 9.69
CA GLN A 557 10.55 12.20 9.69
C GLN A 557 11.03 11.00 8.88
N VAL A 558 11.58 11.23 7.69
CA VAL A 558 12.04 10.11 6.86
C VAL A 558 13.26 9.45 7.48
N ILE A 559 14.16 10.23 8.08
CA ILE A 559 15.33 9.66 8.78
C ILE A 559 14.89 8.80 9.96
N ALA A 560 13.91 9.27 10.74
CA ALA A 560 13.41 8.51 11.88
C ALA A 560 12.73 7.21 11.43
N GLU A 561 11.96 7.28 10.34
CA GLU A 561 11.32 6.07 9.81
C GLU A 561 12.34 5.06 9.32
N ASN A 562 13.42 5.54 8.67
CA ASN A 562 14.45 4.60 8.22
C ASN A 562 15.23 4.00 9.38
N LEU A 563 15.46 4.79 10.44
CA LEU A 563 16.16 4.26 11.60
C LEU A 563 15.33 3.21 12.34
N ILE A 564 14.01 3.41 12.39
CA ILE A 564 13.16 2.36 12.94
C ILE A 564 13.13 1.14 12.02
N SER A 565 13.14 1.36 10.70
CA SER A 565 13.03 0.26 9.74
C SER A 565 14.27 -0.63 9.74
N ASN A 566 15.46 -0.03 9.68
CA ASN A 566 16.68 -0.82 9.54
C ASN A 566 17.15 -1.43 10.85
N GLY A 567 16.58 -1.03 11.99
CA GLY A 567 17.05 -1.47 13.28
C GLY A 567 16.12 -2.37 14.05
N ILE A 568 15.39 -1.77 15.00
CA ILE A 568 14.56 -2.49 15.95
C ILE A 568 13.39 -3.19 15.25
N GLY A 569 12.91 -2.64 14.13
CA GLY A 569 11.80 -3.22 13.39
C GLY A 569 12.05 -4.61 12.85
N LYS A 570 13.31 -4.97 12.58
CA LYS A 570 13.63 -6.33 12.17
C LYS A 570 13.46 -7.34 13.29
N TYR A 571 13.54 -6.89 14.56
CA TYR A 571 13.23 -7.78 15.68
C TYR A 571 11.76 -8.14 15.72
N PHE A 572 10.89 -7.20 15.35
CA PHE A 572 9.45 -7.39 15.40
C PHE A 572 8.88 -7.98 14.12
N LYS A 573 9.62 -7.92 13.01
CA LYS A 573 9.16 -8.57 11.79
C LYS A 573 9.25 -10.09 11.88
N ASP A 574 10.06 -10.63 12.79
CA ASP A 574 10.25 -12.08 12.85
C ASP A 574 9.04 -12.80 13.44
N ASN A 575 8.47 -12.26 14.52
CA ASN A 575 7.34 -12.91 15.16
C ASN A 575 6.07 -12.79 14.32
N GLY A 576 5.86 -11.66 13.67
CA GLY A 576 4.79 -11.50 12.71
C GLY A 576 5.19 -12.06 11.35
N MET A 577 4.28 -11.92 10.40
CA MET A 577 4.53 -12.38 9.05
C MET A 577 4.17 -11.28 8.05
N ALA A 578 5.08 -11.01 7.11
CA ALA A 578 4.88 -9.94 6.15
C ALA A 578 3.91 -10.33 5.03
N LYS A 579 3.89 -11.60 4.64
CA LYS A 579 3.12 -12.02 3.47
C LYS A 579 2.31 -13.27 3.78
N ASP A 580 1.01 -13.22 3.43
CA ASP A 580 0.11 -14.36 3.34
C ASP A 580 -0.16 -15.07 4.66
N GLU A 581 0.14 -14.42 5.79
CA GLU A 581 -0.06 -14.91 7.16
C GLU A 581 0.64 -16.24 7.43
N HIS A 582 1.72 -16.52 6.68
CA HIS A 582 2.48 -17.79 6.68
C HIS A 582 1.55 -18.98 6.40
N ASP A 583 0.56 -18.73 5.51
CA ASP A 583 -0.50 -19.68 5.16
C ASP A 583 -1.22 -20.22 6.39
N LEU A 584 -1.71 -19.28 7.21
CA LEU A 584 -2.31 -19.48 8.55
C LEU A 584 -1.55 -20.46 9.45
N ALA A 652 -3.05 -37.09 19.12
CA ALA A 652 -2.52 -36.09 18.21
C ALA A 652 -3.34 -34.80 18.27
N TYR A 653 -2.69 -33.69 17.97
CA TYR A 653 -3.34 -32.39 17.99
C TYR A 653 -3.02 -31.62 16.71
N GLU A 654 -3.97 -30.79 16.30
CA GLU A 654 -3.83 -29.94 15.13
C GLU A 654 -4.08 -28.49 15.53
N THR A 655 -3.72 -27.58 14.65
CA THR A 655 -3.94 -26.14 14.86
C THR A 655 -5.11 -25.68 14.01
N VAL A 656 -6.09 -25.03 14.66
CA VAL A 656 -7.25 -24.49 13.97
C VAL A 656 -7.30 -22.99 14.25
N SER A 657 -7.60 -22.21 13.21
CA SER A 657 -7.50 -20.76 13.28
C SER A 657 -8.75 -20.11 12.70
N ALA A 658 -9.05 -18.92 13.22
CA ALA A 658 -10.07 -18.03 12.68
C ALA A 658 -9.48 -16.64 12.54
N PHE A 659 -10.22 -15.73 11.92
CA PHE A 659 -9.66 -14.45 11.51
C PHE A 659 -10.55 -13.29 11.96
N ILE A 660 -9.89 -12.18 12.26
CA ILE A 660 -10.53 -10.92 12.64
C ILE A 660 -9.96 -9.84 11.72
N THR A 661 -10.83 -9.19 10.95
CA THR A 661 -10.42 -8.13 10.05
C THR A 661 -11.08 -6.83 10.45
N THR A 662 -10.29 -5.75 10.52
CA THR A 662 -10.80 -4.43 10.85
C THR A 662 -10.09 -3.41 10.00
N ASP A 663 -10.57 -2.16 10.05
CA ASP A 663 -9.96 -1.06 9.31
C ASP A 663 -9.28 -0.09 10.27
N LEU A 664 -8.22 0.56 9.78
CA LEU A 664 -7.38 1.44 10.58
C LEU A 664 -7.35 2.85 10.01
N LYS A 665 -8.51 3.37 9.61
CA LYS A 665 -8.56 4.67 8.96
C LYS A 665 -8.36 5.81 9.95
N LYS A 666 -8.97 5.71 11.14
CA LYS A 666 -8.95 6.80 12.12
C LYS A 666 -8.10 6.46 13.34
N TYR A 667 -7.27 5.42 13.26
CA TYR A 667 -6.47 5.04 14.42
C TYR A 667 -5.29 5.98 14.64
N CYS A 668 -4.85 6.68 13.61
CA CYS A 668 -3.75 7.63 13.77
C CYS A 668 -4.18 8.85 14.58
N LEU A 669 -5.44 9.24 14.48
CA LEU A 669 -5.95 10.38 15.24
C LEU A 669 -6.13 10.06 16.72
N ASN A 670 -6.15 8.78 17.08
CA ASN A 670 -6.35 8.36 18.47
C ASN A 670 -5.07 8.22 19.25
N TRP A 671 -3.91 8.32 18.60
CA TRP A 671 -2.64 8.21 19.30
C TRP A 671 -2.36 9.48 20.08
N ARG A 672 -1.74 9.33 21.25
CA ARG A 672 -1.40 10.45 22.11
C ARG A 672 0.07 10.35 22.51
N TYR A 673 0.54 11.42 23.17
CA TYR A 673 1.92 11.46 23.66
C TYR A 673 2.13 10.45 24.78
N GLU A 674 1.13 10.30 25.66
CA GLU A 674 1.27 9.46 26.84
C GLU A 674 1.33 7.97 26.47
N THR A 675 0.66 7.58 25.38
CA THR A 675 0.67 6.17 24.98
C THR A 675 2.00 5.79 24.34
N ILE A 676 2.54 6.67 23.48
CA ILE A 676 3.74 6.36 22.71
C ILE A 676 5.01 6.76 23.46
N SER A 677 4.88 7.43 24.62
CA SER A 677 6.02 8.07 25.26
C SER A 677 7.03 7.06 25.80
N LEU A 678 6.56 6.00 26.48
CA LEU A 678 7.47 5.01 27.08
C LEU A 678 8.21 4.22 26.01
N PHE A 679 7.51 3.85 24.93
CA PHE A 679 8.14 3.15 23.83
C PHE A 679 9.16 4.04 23.12
N ALA A 680 8.86 5.33 23.02
CA ALA A 680 9.81 6.27 22.44
C ALA A 680 11.02 6.48 23.35
N GLN A 681 10.85 6.44 24.68
CA GLN A 681 12.00 6.50 25.58
C GLN A 681 12.88 5.27 25.44
N ARG A 682 12.27 4.09 25.29
CA ARG A 682 13.07 2.88 25.09
C ARG A 682 13.83 2.91 23.77
N LEU A 683 13.18 3.41 22.71
CA LEU A 683 13.91 3.57 21.44
C LEU A 683 14.98 4.65 21.52
N ASN A 684 14.76 5.68 22.34
CA ASN A 684 15.78 6.69 22.57
C ASN A 684 16.99 6.11 23.28
N GLU A 685 16.75 5.23 24.26
CA GLU A 685 17.87 4.60 24.97
C GLU A 685 18.61 3.60 24.09
N ILE A 686 17.88 2.88 23.23
CA ILE A 686 18.54 1.93 22.32
C ILE A 686 19.35 2.66 21.26
N TYR A 687 18.77 3.67 20.63
CA TYR A 687 19.45 4.39 19.56
C TYR A 687 20.35 5.51 20.05
N GLY A 688 20.36 5.79 21.35
CA GLY A 688 21.24 6.81 21.90
C GLY A 688 20.95 8.22 21.44
N LEU A 689 19.68 8.56 21.24
CA LEU A 689 19.29 9.88 20.75
C LEU A 689 18.40 10.55 21.78
N PRO A 690 18.80 11.71 22.33
CA PRO A 690 17.98 12.36 23.37
C PRO A 690 16.74 13.04 22.78
N SER A 691 15.57 12.60 23.26
CA SER A 691 14.26 13.20 22.95
C SER A 691 13.95 13.21 21.46
N PHE A 692 14.32 12.13 20.75
CA PHE A 692 14.18 12.13 19.30
C PHE A 692 12.78 11.66 18.87
N PHE A 693 12.33 10.53 19.40
CA PHE A 693 11.13 9.88 18.89
C PHE A 693 9.84 10.44 19.48
N GLN A 694 9.91 11.43 20.36
CA GLN A 694 8.74 12.13 20.85
C GLN A 694 8.41 13.38 20.02
N TRP A 695 8.98 13.50 18.81
CA TRP A 695 8.99 14.78 18.11
C TRP A 695 7.63 15.18 17.56
N LEU A 696 6.81 14.20 17.15
CA LEU A 696 5.59 14.52 16.40
C LEU A 696 4.56 15.20 17.28
N HIS A 697 4.29 14.66 18.46
CA HIS A 697 3.28 15.23 19.33
C HIS A 697 3.72 16.56 19.91
N LYS A 698 5.00 16.68 20.27
CA LYS A 698 5.51 17.96 20.78
C LYS A 698 5.52 19.04 19.72
N ARG A 699 5.71 18.66 18.45
CA ARG A 699 5.62 19.69 17.41
C ARG A 699 4.17 20.04 17.08
N LEU A 700 3.28 19.06 17.03
CA LEU A 700 1.92 19.33 16.59
C LEU A 700 1.06 19.96 17.67
N GLU A 701 1.40 19.81 18.96
CA GLU A 701 0.59 20.42 20.00
C GLU A 701 0.77 21.93 20.10
N THR A 702 1.77 22.50 19.44
CA THR A 702 2.01 23.93 19.47
C THR A 702 1.85 24.59 18.10
N SER A 703 1.38 23.86 17.09
CA SER A 703 1.30 24.36 15.73
C SER A 703 -0.11 24.26 15.21
N VAL A 704 -0.47 25.20 14.33
CA VAL A 704 -1.82 25.33 13.79
C VAL A 704 -1.87 24.70 12.41
N LEU A 705 -2.88 23.87 12.18
CA LEU A 705 -3.04 23.12 10.94
C LEU A 705 -4.16 23.73 10.11
N TYR A 706 -4.07 23.58 8.80
CA TYR A 706 -5.13 24.05 7.91
C TYR A 706 -5.15 23.19 6.65
N VAL A 707 -6.30 23.16 6.00
CA VAL A 707 -6.49 22.42 4.75
C VAL A 707 -6.36 23.41 3.60
N SER A 708 -5.44 23.14 2.68
CA SER A 708 -5.08 24.08 1.63
C SER A 708 -5.65 23.60 0.30
N ASP A 709 -6.60 24.37 -0.25
CA ASP A 709 -7.10 24.21 -1.60
C ASP A 709 -7.13 25.58 -2.25
N PRO A 710 -6.75 25.68 -3.54
CA PRO A 710 -6.73 26.99 -4.20
C PRO A 710 -8.09 27.68 -4.29
N HIS A 711 -9.18 26.93 -4.42
CA HIS A 711 -10.50 27.51 -4.55
C HIS A 711 -11.27 27.57 -3.23
N CYS A 712 -10.65 27.17 -2.13
CA CYS A 712 -11.26 27.24 -0.80
C CYS A 712 -10.48 28.25 0.03
N PRO A 713 -10.83 29.53 -0.01
CA PRO A 713 -10.03 30.55 0.67
C PRO A 713 -10.45 30.71 2.13
N PRO A 714 -9.55 31.20 2.98
CA PRO A 714 -9.95 31.51 4.37
C PRO A 714 -10.85 32.73 4.43
N ASP A 715 -11.63 32.80 5.52
CA ASP A 715 -12.55 33.91 5.72
C ASP A 715 -11.86 35.01 6.52
N LEU A 716 -10.85 35.62 5.89
CA LEU A 716 -10.05 36.66 6.50
C LEU A 716 -10.10 37.91 5.62
N ASP A 717 -10.34 39.06 6.24
CA ASP A 717 -10.31 40.33 5.52
C ASP A 717 -8.90 40.91 5.43
N ALA A 718 -7.94 40.37 6.18
CA ALA A 718 -6.57 40.84 6.14
C ALA A 718 -5.64 39.68 6.48
N HIS A 719 -4.35 39.89 6.26
CA HIS A 719 -3.36 38.85 6.52
C HIS A 719 -3.04 38.80 8.01
N ILE A 720 -3.26 37.64 8.63
CA ILE A 720 -2.92 37.42 10.04
C ILE A 720 -2.11 36.13 10.13
N PRO A 721 -1.28 36.00 11.16
CA PRO A 721 -0.58 34.72 11.38
C PRO A 721 -1.53 33.61 11.82
N LEU A 722 -0.98 32.39 11.84
CA LEU A 722 -1.78 31.21 12.10
C LEU A 722 -2.24 31.07 13.55
N TYR A 723 -1.62 31.79 14.49
CA TYR A 723 -2.07 31.65 15.87
C TYR A 723 -3.24 32.57 16.20
N LYS A 724 -3.71 33.38 15.25
CA LYS A 724 -4.83 34.27 15.48
C LYS A 724 -6.12 33.81 14.80
N VAL A 725 -6.08 32.77 13.98
CA VAL A 725 -7.26 32.33 13.25
C VAL A 725 -8.20 31.59 14.21
N PRO A 726 -9.50 31.57 13.95
CA PRO A 726 -10.40 30.79 14.80
C PRO A 726 -10.22 29.30 14.62
N ASN A 727 -10.77 28.55 15.58
CA ASN A 727 -10.82 27.08 15.48
C ASN A 727 -12.10 26.65 14.76
N ASP A 728 -12.16 27.03 13.49
CA ASP A 728 -13.37 26.83 12.68
C ASP A 728 -12.93 26.82 11.23
N GLN A 729 -13.89 26.54 10.34
CA GLN A 729 -13.74 26.53 8.88
C GLN A 729 -12.70 25.48 8.45
N ILE A 730 -11.52 25.92 8.01
CA ILE A 730 -10.51 25.01 7.51
C ILE A 730 -9.37 24.79 8.50
N PHE A 731 -9.41 25.43 9.66
CA PHE A 731 -8.27 25.42 10.58
C PHE A 731 -8.48 24.43 11.71
N ILE A 732 -7.41 23.74 12.09
CA ILE A 732 -7.33 22.94 13.30
C ILE A 732 -6.21 23.53 14.14
N LYS A 733 -6.56 24.11 15.28
CA LYS A 733 -5.63 25.00 15.96
C LYS A 733 -4.56 24.25 16.76
N TYR A 734 -4.97 23.40 17.70
CA TYR A 734 -4.02 22.73 18.58
C TYR A 734 -4.32 21.23 18.59
N PRO A 735 -3.86 20.50 17.58
CA PRO A 735 -4.15 19.06 17.52
C PRO A 735 -3.37 18.26 18.54
N MET A 736 -3.99 17.19 19.02
CA MET A 736 -3.32 16.20 19.86
C MET A 736 -3.59 14.84 19.24
N GLY A 737 -2.69 14.40 18.37
CA GLY A 737 -2.90 13.19 17.61
C GLY A 737 -1.86 13.06 16.53
N GLY A 738 -2.01 12.01 15.74
CA GLY A 738 -1.05 11.71 14.71
C GLY A 738 -1.56 11.89 13.30
N ILE A 739 -0.64 12.10 12.38
CA ILE A 739 -0.93 12.23 10.95
C ILE A 739 -0.93 10.81 10.39
N GLU A 740 -1.74 10.56 9.36
CA GLU A 740 -1.67 9.30 8.63
C GLU A 740 -0.29 9.12 8.04
N GLY A 741 0.27 7.93 8.23
CA GLY A 741 1.69 7.75 7.99
C GLY A 741 2.51 8.36 9.11
N TYR A 742 3.76 8.72 8.78
CA TYR A 742 4.69 9.58 9.52
C TYR A 742 5.25 8.96 10.80
N CYS A 743 4.57 7.92 11.32
CA CYS A 743 5.05 7.13 12.46
C CYS A 743 4.60 5.68 12.33
N GLN A 744 4.48 5.17 11.10
CA GLN A 744 3.78 3.91 10.84
C GLN A 744 4.47 2.72 11.50
N LYS A 745 5.79 2.64 11.38
CA LYS A 745 6.51 1.52 11.95
C LYS A 745 6.55 1.62 13.48
N LEU A 746 6.66 2.85 14.01
CA LEU A 746 6.60 3.06 15.45
C LEU A 746 5.25 2.65 16.03
N TRP A 747 4.16 2.98 15.33
CA TRP A 747 2.84 2.60 15.80
C TRP A 747 2.59 1.10 15.67
N THR A 748 3.15 0.46 14.64
CA THR A 748 3.02 -0.99 14.53
C THR A 748 3.77 -1.71 15.64
N ILE A 749 5.01 -1.31 15.90
CA ILE A 749 5.82 -1.88 16.97
C ILE A 749 5.21 -1.61 18.34
N SER A 750 4.54 -0.47 18.51
CA SER A 750 3.79 -0.25 19.74
C SER A 750 2.51 -1.06 19.80
N THR A 751 1.92 -1.42 18.65
CA THR A 751 0.65 -2.14 18.61
C THR A 751 0.79 -3.60 19.01
N ILE A 752 1.85 -4.27 18.54
CA ILE A 752 1.96 -5.74 18.72
C ILE A 752 1.98 -6.21 20.18
N PRO A 753 2.63 -5.51 21.16
CA PRO A 753 2.51 -5.95 22.56
C PRO A 753 1.10 -6.03 23.14
N TYR A 754 0.19 -5.16 22.73
CA TYR A 754 -1.17 -5.25 23.26
C TYR A 754 -1.93 -6.45 22.66
N LEU A 755 -1.62 -6.80 21.41
CA LEU A 755 -2.13 -8.03 20.83
C LEU A 755 -1.62 -9.25 21.59
N TYR A 756 -0.33 -9.25 21.95
CA TYR A 756 0.21 -10.36 22.73
C TYR A 756 -0.34 -10.39 24.16
N LEU A 757 -0.65 -9.21 24.73
CA LEU A 757 -1.25 -9.17 26.07
C LEU A 757 -2.66 -9.75 26.07
N ALA A 758 -3.46 -9.39 25.05
CA ALA A 758 -4.79 -9.98 24.93
C ALA A 758 -4.71 -11.47 24.59
N ALA A 759 -3.67 -11.89 23.86
CA ALA A 759 -3.44 -13.30 23.61
C ALA A 759 -3.13 -14.06 24.89
N TYR A 760 -2.31 -13.48 25.77
CA TYR A 760 -1.99 -14.14 27.03
C TYR A 760 -3.18 -14.19 27.95
N GLU A 761 -3.99 -13.13 27.98
CA GLU A 761 -5.18 -13.13 28.82
C GLU A 761 -6.26 -14.06 28.27
N SER A 762 -6.26 -14.32 26.97
CA SER A 762 -7.21 -15.25 26.37
C SER A 762 -6.66 -16.65 26.18
N GLY A 763 -5.34 -16.84 26.25
CA GLY A 763 -4.73 -18.14 26.12
C GLY A 763 -4.79 -18.75 24.73
N VAL A 764 -4.49 -17.95 23.71
CA VAL A 764 -4.49 -18.38 22.32
C VAL A 764 -3.16 -18.00 21.68
N ARG A 765 -3.02 -18.30 20.39
CA ARG A 765 -1.86 -17.88 19.62
C ARG A 765 -2.30 -16.89 18.56
N ILE A 766 -1.47 -15.89 18.28
CA ILE A 766 -1.85 -14.76 17.43
C ILE A 766 -0.81 -14.58 16.33
N ALA A 767 -1.29 -14.53 15.08
CA ALA A 767 -0.53 -14.01 13.96
C ALA A 767 -1.18 -12.72 13.49
N SER A 768 -0.38 -11.81 12.94
CA SER A 768 -0.89 -10.50 12.55
C SER A 768 -0.40 -10.13 11.16
N LEU A 769 -1.22 -9.38 10.43
CA LEU A 769 -0.86 -8.91 9.10
C LEU A 769 -1.62 -7.63 8.77
N VAL A 770 -0.89 -6.61 8.36
CA VAL A 770 -1.50 -5.36 7.88
C VAL A 770 -1.45 -5.37 6.36
N GLN A 771 -2.54 -4.93 5.73
CA GLN A 771 -2.64 -4.94 4.27
C GLN A 771 -3.54 -3.79 3.85
N GLY A 772 -2.97 -2.81 3.16
CA GLY A 772 -3.70 -1.65 2.73
C GLY A 772 -4.15 -0.80 3.91
N ASP A 773 -5.46 -0.75 4.15
CA ASP A 773 -6.02 -0.10 5.32
C ASP A 773 -6.59 -1.10 6.31
N ASN A 774 -6.26 -2.39 6.17
CA ASN A 774 -6.89 -3.44 6.95
C ASN A 774 -5.89 -4.11 7.88
N GLN A 775 -6.36 -4.44 9.08
CA GLN A 775 -5.62 -5.25 10.04
C GLN A 775 -6.29 -6.61 10.14
N THR A 776 -5.49 -7.68 10.02
CA THR A 776 -5.98 -9.04 10.07
C THR A 776 -5.24 -9.79 11.17
N ILE A 777 -6.01 -10.37 12.09
CA ILE A 777 -5.47 -11.12 13.22
C ILE A 777 -5.97 -12.55 13.12
N ALA A 778 -5.02 -13.49 13.07
CA ALA A 778 -5.33 -14.91 13.03
C ALA A 778 -5.19 -15.49 14.43
N VAL A 779 -6.29 -16.01 14.96
CA VAL A 779 -6.35 -16.62 16.28
C VAL A 779 -6.27 -18.13 16.10
N THR A 780 -5.30 -18.76 16.76
CA THR A 780 -4.97 -20.16 16.56
C THR A 780 -5.02 -20.90 17.89
N LYS A 781 -5.70 -22.04 17.92
CA LYS A 781 -5.81 -22.89 19.09
C LYS A 781 -5.56 -24.34 18.68
N ARG A 782 -5.04 -25.13 19.61
CA ARG A 782 -4.82 -26.56 19.37
C ARG A 782 -6.07 -27.35 19.71
N VAL A 783 -6.36 -28.34 18.86
CA VAL A 783 -7.61 -29.12 18.95
C VAL A 783 -7.29 -30.57 18.65
N PRO A 784 -8.02 -31.50 19.28
CA PRO A 784 -7.89 -32.91 18.92
C PRO A 784 -8.24 -33.18 17.45
N SER A 785 -7.47 -34.04 16.81
CA SER A 785 -7.60 -34.31 15.39
C SER A 785 -8.68 -35.32 15.06
N THR A 786 -9.20 -36.05 16.05
CA THR A 786 -10.29 -36.99 15.81
C THR A 786 -11.65 -36.31 15.76
N TRP A 787 -11.72 -35.02 16.08
CA TRP A 787 -12.98 -34.31 16.06
C TRP A 787 -13.41 -34.02 14.63
N PRO A 788 -14.72 -33.86 14.39
CA PRO A 788 -15.18 -33.39 13.08
C PRO A 788 -14.78 -31.95 12.84
N TYR A 789 -14.81 -31.57 11.55
CA TYR A 789 -14.32 -30.27 11.10
C TYR A 789 -15.14 -29.11 11.67
N ASN A 790 -16.46 -29.28 11.75
CA ASN A 790 -17.32 -28.21 12.23
C ASN A 790 -17.13 -27.93 13.71
N LEU A 791 -16.86 -28.96 14.52
CA LEU A 791 -16.60 -28.76 15.94
C LEU A 791 -15.31 -27.98 16.17
N LYS A 792 -14.27 -28.31 15.40
CA LYS A 792 -13.00 -27.57 15.45
C LYS A 792 -13.20 -26.12 15.05
N LYS A 793 -13.99 -25.89 14.00
CA LYS A 793 -14.21 -24.53 13.52
C LYS A 793 -15.03 -23.70 14.50
N ARG A 794 -16.02 -24.32 15.14
CA ARG A 794 -16.83 -23.61 16.12
C ARG A 794 -16.05 -23.31 17.39
N GLU A 795 -15.16 -24.23 17.80
CA GLU A 795 -14.29 -23.94 18.95
C GLU A 795 -13.33 -22.80 18.64
N ALA A 796 -12.79 -22.77 17.42
CA ALA A 796 -11.93 -21.68 16.99
C ALA A 796 -12.68 -20.35 16.97
N ALA A 797 -13.93 -20.36 16.52
CA ALA A 797 -14.74 -19.15 16.51
C ALA A 797 -15.06 -18.68 17.93
N ARG A 798 -15.28 -19.62 18.86
CA ARG A 798 -15.58 -19.27 20.24
C ARG A 798 -14.38 -18.62 20.93
N VAL A 799 -13.19 -19.22 20.77
CA VAL A 799 -12.02 -18.59 21.40
C VAL A 799 -11.63 -17.31 20.66
N THR A 800 -11.98 -17.20 19.37
CA THR A 800 -11.73 -15.97 18.63
C THR A 800 -12.62 -14.82 19.13
N ARG A 801 -13.89 -15.10 19.40
CA ARG A 801 -14.74 -14.02 19.90
C ARG A 801 -14.41 -13.66 21.35
N ASP A 802 -13.94 -14.64 22.15
CA ASP A 802 -13.43 -14.31 23.48
C ASP A 802 -12.19 -13.42 23.41
N TYR A 803 -11.27 -13.74 22.48
CA TYR A 803 -10.11 -12.89 22.26
C TYR A 803 -10.51 -11.51 21.77
N PHE A 804 -11.58 -11.42 20.98
CA PHE A 804 -12.07 -10.12 20.52
C PHE A 804 -12.57 -9.27 21.67
N VAL A 805 -13.30 -9.87 22.61
CA VAL A 805 -13.78 -9.11 23.77
C VAL A 805 -12.61 -8.62 24.64
N ILE A 806 -11.63 -9.50 24.89
CA ILE A 806 -10.48 -9.12 25.70
C ILE A 806 -9.65 -8.04 25.00
N LEU A 807 -9.46 -8.18 23.68
CA LEU A 807 -8.70 -7.19 22.92
C LEU A 807 -9.41 -5.85 22.85
N ARG A 808 -10.75 -5.86 22.75
CA ARG A 808 -11.50 -4.61 22.74
C ARG A 808 -11.37 -3.88 24.07
N GLN A 809 -11.43 -4.63 25.18
CA GLN A 809 -11.25 -4.01 26.49
C GLN A 809 -9.83 -3.46 26.67
N ARG A 810 -8.82 -4.20 26.22
CA ARG A 810 -7.44 -3.76 26.36
C ARG A 810 -7.12 -2.56 25.47
N LEU A 811 -7.72 -2.50 24.27
CA LEU A 811 -7.51 -1.34 23.41
C LEU A 811 -8.28 -0.13 23.89
N HIS A 812 -9.44 -0.32 24.55
CA HIS A 812 -10.10 0.82 25.17
C HIS A 812 -9.34 1.30 26.39
N ASP A 813 -8.58 0.42 27.04
CA ASP A 813 -7.74 0.83 28.17
C ASP A 813 -6.67 1.83 27.78
N ILE A 814 -6.22 1.80 26.52
CA ILE A 814 -5.32 2.83 26.00
C ILE A 814 -6.03 3.80 25.06
N GLY A 815 -7.32 3.59 24.80
CA GLY A 815 -8.11 4.57 24.09
C GLY A 815 -8.02 4.57 22.58
N HIS A 816 -8.38 3.46 21.94
CA HIS A 816 -8.30 3.39 20.48
C HIS A 816 -9.60 3.00 19.78
N HIS A 817 -10.64 2.59 20.49
CA HIS A 817 -12.01 2.43 19.98
C HIS A 817 -12.08 1.42 18.83
N LEU A 818 -11.94 0.14 19.19
CA LEU A 818 -11.92 -0.97 18.22
C LEU A 818 -13.16 -1.05 17.36
N LYS A 819 -14.31 -0.54 17.83
CA LYS A 819 -15.55 -0.38 17.05
C LYS A 819 -16.08 -1.69 16.48
N ALA A 820 -16.66 -2.53 17.35
CA ALA A 820 -17.13 -3.87 17.01
C ALA A 820 -18.18 -3.90 15.90
N ASN A 821 -18.86 -2.79 15.65
CA ASN A 821 -19.79 -2.73 14.51
C ASN A 821 -19.04 -2.85 13.18
N GLU A 822 -17.85 -2.24 13.09
CA GLU A 822 -17.10 -2.21 11.84
C GLU A 822 -16.28 -3.49 11.60
N THR A 823 -16.05 -4.28 12.65
CA THR A 823 -15.10 -5.39 12.58
C THR A 823 -15.78 -6.66 12.09
N ILE A 824 -15.11 -7.38 11.20
CA ILE A 824 -15.59 -8.66 10.67
C ILE A 824 -14.85 -9.78 11.38
N VAL A 825 -15.61 -10.71 11.97
CA VAL A 825 -15.05 -11.92 12.57
C VAL A 825 -15.52 -13.10 11.73
N SER A 826 -14.56 -13.88 11.23
CA SER A 826 -14.88 -14.98 10.31
C SER A 826 -14.03 -16.19 10.65
N SER A 827 -14.43 -17.33 10.10
CA SER A 827 -13.66 -18.57 10.27
C SER A 827 -12.98 -19.03 8.99
N HIS A 828 -13.34 -18.48 7.83
CA HIS A 828 -12.78 -18.91 6.56
C HIS A 828 -11.96 -17.85 5.85
N PHE A 829 -12.52 -16.65 5.65
CA PHE A 829 -11.94 -15.70 4.72
C PHE A 829 -11.21 -14.56 5.43
N PHE A 830 -10.18 -14.06 4.76
CA PHE A 830 -9.60 -12.76 5.09
C PHE A 830 -9.13 -12.11 3.81
N VAL A 831 -8.97 -10.78 3.88
CA VAL A 831 -8.66 -9.97 2.70
C VAL A 831 -7.17 -9.64 2.71
N TYR A 832 -6.50 -9.90 1.58
CA TYR A 832 -5.08 -9.57 1.44
C TYR A 832 -4.87 -9.00 0.04
N SER A 833 -3.61 -8.93 -0.38
CA SER A 833 -3.23 -8.16 -1.57
C SER A 833 -3.74 -8.80 -2.86
N LYS A 834 -3.65 -10.12 -2.98
CA LYS A 834 -4.01 -10.79 -4.21
C LYS A 834 -5.48 -11.18 -4.27
N GLY A 835 -6.27 -10.83 -3.27
CA GLY A 835 -7.68 -11.15 -3.27
C GLY A 835 -8.19 -11.55 -1.91
N ILE A 836 -9.15 -12.47 -1.89
CA ILE A 836 -9.71 -12.98 -0.64
C ILE A 836 -9.27 -14.43 -0.47
N TYR A 837 -8.72 -14.74 0.70
CA TYR A 837 -8.33 -16.10 1.05
C TYR A 837 -9.52 -16.74 1.75
N TYR A 838 -10.00 -17.84 1.18
CA TYR A 838 -11.17 -18.58 1.69
C TYR A 838 -10.75 -20.05 1.87
N ASP A 839 -10.19 -20.35 3.04
CA ASP A 839 -9.83 -21.71 3.46
C ASP A 839 -8.91 -22.41 2.45
N GLY A 840 -7.91 -21.68 1.99
CA GLY A 840 -7.00 -22.18 0.97
C GLY A 840 -7.40 -21.86 -0.45
N LEU A 841 -8.57 -21.25 -0.66
CA LEU A 841 -9.01 -20.85 -1.99
C LEU A 841 -8.73 -19.36 -2.20
N LEU A 842 -8.56 -18.99 -3.46
CA LEU A 842 -8.33 -17.59 -3.85
C LEU A 842 -9.54 -17.07 -4.60
N VAL A 843 -10.13 -15.99 -4.10
CA VAL A 843 -11.18 -15.26 -4.80
C VAL A 843 -10.57 -13.97 -5.32
N SER A 844 -10.51 -13.84 -6.64
CA SER A 844 -9.78 -12.77 -7.29
C SER A 844 -10.71 -11.85 -8.06
N GLN A 845 -10.19 -10.65 -8.36
CA GLN A 845 -10.93 -9.62 -9.11
C GLN A 845 -10.43 -9.67 -10.54
N SER A 846 -11.04 -10.54 -11.36
CA SER A 846 -10.55 -10.79 -12.71
C SER A 846 -10.87 -9.63 -13.64
N LEU A 847 -11.99 -8.95 -13.44
CA LEU A 847 -12.46 -7.91 -14.34
C LEU A 847 -11.96 -6.52 -13.95
N LYS A 848 -11.11 -6.41 -12.93
CA LYS A 848 -10.64 -5.10 -12.49
C LYS A 848 -9.61 -4.52 -13.46
N SER A 849 -8.73 -5.37 -13.98
CA SER A 849 -7.72 -4.90 -14.93
C SER A 849 -8.29 -4.68 -16.32
N ILE A 850 -9.45 -5.27 -16.63
CA ILE A 850 -10.09 -5.07 -17.93
C ILE A 850 -10.60 -3.63 -18.06
N ALA A 851 -11.05 -3.03 -16.96
CA ALA A 851 -11.51 -1.65 -16.98
C ALA A 851 -10.37 -0.65 -17.18
N ARG A 852 -9.12 -1.08 -16.98
CA ARG A 852 -7.96 -0.24 -17.24
C ARG A 852 -7.42 -0.39 -18.66
N CYS A 853 -8.04 -1.26 -19.47
CA CYS A 853 -7.68 -1.39 -20.88
C CYS A 853 -8.29 -0.22 -21.62
N VAL A 854 -7.59 0.91 -21.60
CA VAL A 854 -8.10 2.21 -22.04
C VAL A 854 -7.09 2.78 -23.03
N PHE A 855 -7.59 3.44 -24.09
CA PHE A 855 -6.73 4.12 -25.05
C PHE A 855 -5.85 5.17 -24.37
N TRP A 856 -4.59 5.23 -24.81
CA TRP A 856 -3.49 6.06 -24.31
C TRP A 856 -3.07 5.67 -22.89
N SER A 857 -1.92 6.16 -22.45
CA SER A 857 -1.39 5.88 -21.12
C SER A 857 -0.94 7.19 -20.49
N GLU A 858 -0.60 7.11 -19.19
CA GLU A 858 -0.20 8.29 -18.43
C GLU A 858 1.26 8.62 -18.75
N THR A 859 1.44 9.25 -19.91
CA THR A 859 2.74 9.75 -20.35
C THR A 859 2.60 11.21 -20.72
N ILE A 860 3.73 11.93 -20.70
CA ILE A 860 3.70 13.35 -21.04
C ILE A 860 3.54 13.57 -22.54
N VAL A 861 3.83 12.56 -23.36
CA VAL A 861 3.63 12.61 -24.80
C VAL A 861 2.74 11.44 -25.17
N ASP A 862 1.80 11.66 -26.09
CA ASP A 862 0.93 10.60 -26.60
C ASP A 862 1.77 9.63 -27.42
N GLU A 863 2.05 8.46 -26.85
CA GLU A 863 2.84 7.42 -27.50
C GLU A 863 1.99 6.19 -27.75
N THR A 864 2.06 5.67 -28.98
CA THR A 864 1.28 4.49 -29.34
C THR A 864 1.85 3.21 -28.75
N ARG A 865 3.17 3.10 -28.71
CA ARG A 865 3.81 1.85 -28.27
C ARG A 865 3.63 1.62 -26.77
N ALA A 866 3.72 2.68 -25.97
CA ALA A 866 3.46 2.57 -24.54
C ALA A 866 2.01 2.21 -24.27
N ALA A 867 1.09 2.75 -25.06
CA ALA A 867 -0.33 2.42 -24.94
C ALA A 867 -0.58 0.94 -25.27
N CYS A 868 0.06 0.44 -26.34
CA CYS A 868 -0.10 -0.97 -26.71
C CYS A 868 0.52 -1.89 -25.67
N SER A 869 1.65 -1.49 -25.08
CA SER A 869 2.24 -2.26 -23.99
C SER A 869 1.34 -2.28 -22.77
N ASN A 870 0.68 -1.15 -22.49
CA ASN A 870 -0.27 -1.10 -21.38
C ASN A 870 -1.48 -2.00 -21.64
N ILE A 871 -1.96 -2.05 -22.88
CA ILE A 871 -3.06 -2.93 -23.26
C ILE A 871 -2.67 -4.39 -23.06
N ALA A 872 -1.46 -4.76 -23.50
CA ALA A 872 -0.99 -6.13 -23.36
C ALA A 872 -0.80 -6.51 -21.89
N THR A 873 -0.29 -5.57 -21.08
CA THR A 873 -0.08 -5.81 -19.65
C THR A 873 -1.41 -6.00 -18.93
N THR A 874 -2.41 -5.16 -19.22
CA THR A 874 -3.71 -5.30 -18.57
C THR A 874 -4.42 -6.59 -18.99
N MET A 875 -4.31 -6.98 -20.27
CA MET A 875 -4.93 -8.24 -20.69
C MET A 875 -4.24 -9.44 -20.08
N ALA A 876 -2.90 -9.41 -19.96
CA ALA A 876 -2.17 -10.49 -19.32
C ALA A 876 -2.52 -10.60 -17.84
N LYS A 877 -2.63 -9.46 -17.14
CA LYS A 877 -3.03 -9.46 -15.74
C LYS A 877 -4.46 -9.95 -15.57
N SER A 878 -5.32 -9.70 -16.56
CA SER A 878 -6.65 -10.29 -16.55
C SER A 878 -6.60 -11.81 -16.70
N ILE A 879 -5.67 -12.30 -17.54
CA ILE A 879 -5.51 -13.76 -17.73
C ILE A 879 -5.03 -14.43 -16.44
N GLU A 880 -4.11 -13.78 -15.71
CA GLU A 880 -3.61 -14.38 -14.48
C GLU A 880 -4.65 -14.50 -13.36
N ARG A 881 -5.77 -13.78 -13.45
CA ARG A 881 -6.81 -13.86 -12.45
C ARG A 881 -8.02 -14.69 -12.89
N GLY A 882 -7.94 -15.40 -14.01
CA GLY A 882 -8.96 -16.38 -14.35
C GLY A 882 -9.74 -16.13 -15.62
N TYR A 883 -9.41 -15.09 -16.37
CA TYR A 883 -10.13 -14.81 -17.61
C TYR A 883 -9.65 -15.74 -18.71
N ASP A 884 -10.50 -15.90 -19.73
CA ASP A 884 -10.19 -16.77 -20.86
C ASP A 884 -9.05 -16.21 -21.70
N ARG A 885 -8.16 -17.10 -22.14
CA ARG A 885 -6.94 -16.67 -22.82
C ARG A 885 -7.23 -16.19 -24.24
N TYR A 886 -8.06 -16.94 -24.99
CA TYR A 886 -8.25 -16.66 -26.40
C TYR A 886 -9.06 -15.40 -26.62
N LEU A 887 -10.08 -15.18 -25.79
CA LEU A 887 -10.88 -13.96 -25.87
C LEU A 887 -10.06 -12.74 -25.45
N ALA A 888 -9.14 -12.90 -24.49
CA ALA A 888 -8.25 -11.81 -24.12
C ALA A 888 -7.27 -11.49 -25.24
N TYR A 889 -6.79 -12.51 -25.95
CA TYR A 889 -5.92 -12.27 -27.11
C TYR A 889 -6.66 -11.54 -28.22
N SER A 890 -7.91 -11.95 -28.48
CA SER A 890 -8.72 -11.28 -29.50
C SER A 890 -9.02 -9.82 -29.12
N LEU A 891 -9.33 -9.58 -27.84
CA LEU A 891 -9.55 -8.22 -27.36
C LEU A 891 -8.29 -7.38 -27.46
N ASN A 892 -7.12 -8.00 -27.23
CA ASN A 892 -5.85 -7.32 -27.40
C ASN A 892 -5.63 -6.90 -28.85
N VAL A 893 -5.92 -7.80 -29.80
CA VAL A 893 -5.74 -7.49 -31.22
C VAL A 893 -6.69 -6.36 -31.65
N LEU A 894 -7.95 -6.44 -31.21
CA LEU A 894 -8.94 -5.41 -31.55
C LEU A 894 -8.57 -4.05 -30.96
N LYS A 895 -8.10 -4.04 -29.71
CA LYS A 895 -7.74 -2.78 -29.08
C LYS A 895 -6.47 -2.19 -29.65
N VAL A 896 -5.52 -3.03 -30.11
CA VAL A 896 -4.35 -2.52 -30.80
C VAL A 896 -4.72 -1.89 -32.15
N ILE A 897 -5.64 -2.53 -32.89
CA ILE A 897 -6.10 -1.97 -34.17
C ILE A 897 -6.79 -0.63 -33.95
N GLN A 898 -7.67 -0.56 -32.95
CA GLN A 898 -8.37 0.69 -32.66
C GLN A 898 -7.42 1.76 -32.15
N GLN A 899 -6.40 1.38 -31.37
CA GLN A 899 -5.43 2.33 -30.86
C GLN A 899 -4.58 2.92 -31.99
N ILE A 900 -4.18 2.08 -32.95
CA ILE A 900 -3.42 2.56 -34.11
C ILE A 900 -4.26 3.51 -34.95
N LEU A 901 -5.54 3.18 -35.15
CA LEU A 901 -6.40 4.07 -35.94
C LEU A 901 -6.70 5.39 -35.22
N ILE A 902 -6.81 5.35 -33.88
CA ILE A 902 -6.99 6.59 -33.12
C ILE A 902 -5.70 7.43 -33.18
N SER A 903 -4.55 6.78 -33.06
CA SER A 903 -3.27 7.49 -33.09
C SER A 903 -2.99 8.10 -34.46
N LEU A 904 -3.50 7.51 -35.53
CA LEU A 904 -3.31 8.10 -36.85
C LEU A 904 -4.37 9.14 -37.20
N GLY A 905 -5.63 8.87 -36.87
CA GLY A 905 -6.69 9.71 -37.38
C GLY A 905 -7.38 10.64 -36.41
N PHE A 906 -7.32 10.34 -35.10
CA PHE A 906 -8.01 11.13 -34.07
C PHE A 906 -7.01 11.49 -32.99
N THR A 907 -6.25 12.57 -33.22
CA THR A 907 -5.17 12.93 -32.33
C THR A 907 -4.98 14.44 -32.34
N ILE A 908 -4.30 14.94 -31.30
CA ILE A 908 -3.94 16.34 -31.19
C ILE A 908 -2.49 16.61 -31.54
N ASN A 909 -1.76 15.58 -31.99
CA ASN A 909 -0.37 15.72 -32.39
C ASN A 909 -0.31 16.43 -33.73
N SER A 910 0.34 17.60 -33.76
CA SER A 910 0.46 18.38 -34.99
C SER A 910 1.58 17.89 -35.90
N THR A 911 2.41 16.96 -35.43
CA THR A 911 3.49 16.42 -36.25
C THR A 911 3.03 15.29 -37.16
N MET A 912 1.77 14.87 -37.07
CA MET A 912 1.23 13.85 -37.96
C MET A 912 0.99 14.47 -39.32
N THR A 913 1.94 14.29 -40.23
CA THR A 913 1.84 14.81 -41.58
C THR A 913 1.25 13.75 -42.51
N ARG A 914 0.79 14.21 -43.68
CA ARG A 914 0.06 13.34 -44.60
C ARG A 914 0.91 12.23 -45.19
N ASP A 915 2.24 12.40 -45.21
CA ASP A 915 3.15 11.44 -45.83
C ASP A 915 3.16 10.09 -45.13
N VAL A 916 2.76 10.02 -43.86
CA VAL A 916 2.58 8.76 -43.18
C VAL A 916 1.11 8.46 -42.88
N VAL A 917 0.27 9.50 -42.76
CA VAL A 917 -1.14 9.28 -42.43
C VAL A 917 -1.89 8.70 -43.63
N ILE A 918 -1.72 9.28 -44.81
CA ILE A 918 -2.47 8.86 -45.99
C ILE A 918 -1.99 7.49 -46.51
N PRO A 919 -0.67 7.18 -46.62
CA PRO A 919 -0.30 5.79 -46.98
C PRO A 919 -0.77 4.71 -46.01
N LEU A 920 -0.80 5.00 -44.71
CA LEU A 920 -1.32 4.00 -43.77
C LEU A 920 -2.84 3.90 -43.82
N LEU A 921 -3.55 5.04 -43.89
CA LEU A 921 -5.01 4.98 -43.84
C LEU A 921 -5.61 4.46 -45.15
N THR A 922 -4.90 4.60 -46.27
CA THR A 922 -5.43 4.05 -47.51
C THR A 922 -5.09 2.58 -47.69
N ASN A 923 -4.00 2.10 -47.08
CA ASN A 923 -3.58 0.71 -47.21
C ASN A 923 -4.04 -0.07 -45.98
N ASN A 924 -5.03 -0.94 -46.16
CA ASN A 924 -5.59 -1.68 -45.05
C ASN A 924 -4.66 -2.78 -44.57
N ASP A 925 -4.05 -3.52 -45.51
CA ASP A 925 -3.19 -4.65 -45.18
C ASP A 925 -1.94 -4.22 -44.44
N LEU A 926 -1.45 -3.01 -44.72
CA LEU A 926 -0.30 -2.47 -43.99
C LEU A 926 -0.64 -2.25 -42.51
N LEU A 927 -1.84 -1.73 -42.23
CA LEU A 927 -2.28 -1.55 -40.85
C LEU A 927 -2.49 -2.88 -40.14
N ILE A 928 -3.08 -3.86 -40.83
CA ILE A 928 -3.30 -5.17 -40.22
C ILE A 928 -1.99 -5.87 -39.92
N ARG A 929 -1.03 -5.82 -40.85
CA ARG A 929 0.28 -6.43 -40.62
C ARG A 929 1.07 -5.67 -39.57
N MET A 930 0.86 -4.36 -39.43
CA MET A 930 1.51 -3.63 -38.35
C MET A 930 0.90 -3.97 -36.99
N ALA A 931 -0.41 -4.24 -36.96
CA ALA A 931 -1.05 -4.57 -35.70
C ALA A 931 -0.72 -6.00 -35.25
N LEU A 932 -0.58 -6.92 -36.19
CA LEU A 932 -0.36 -8.32 -35.82
C LEU A 932 1.11 -8.69 -35.62
N LEU A 933 2.04 -7.88 -36.12
CA LEU A 933 3.45 -8.23 -35.98
C LEU A 933 3.91 -8.01 -34.53
N PRO A 934 4.68 -8.93 -33.97
CA PRO A 934 5.18 -8.75 -32.60
C PRO A 934 6.16 -7.60 -32.48
N ALA A 935 6.14 -6.97 -31.31
CA ALA A 935 6.98 -5.81 -30.99
C ALA A 935 8.49 -6.06 -30.84
N PRO A 936 8.99 -7.20 -30.35
CA PRO A 936 10.45 -7.41 -30.40
C PRO A 936 11.05 -7.51 -31.79
N ILE A 937 10.26 -7.77 -32.83
CA ILE A 937 10.78 -7.85 -34.19
C ILE A 937 10.29 -6.70 -35.06
N GLY A 938 9.69 -5.67 -34.47
CA GLY A 938 9.40 -4.45 -35.20
C GLY A 938 7.94 -4.10 -35.36
N GLY A 939 7.05 -4.84 -34.71
CA GLY A 939 5.62 -4.62 -34.84
C GLY A 939 5.04 -3.83 -33.68
N MET A 940 3.73 -3.96 -33.51
CA MET A 940 3.00 -3.26 -32.46
C MET A 940 2.34 -4.19 -31.45
N ASN A 941 2.38 -5.51 -31.67
CA ASN A 941 1.73 -6.45 -30.77
C ASN A 941 2.69 -6.80 -29.64
N TYR A 942 2.35 -6.37 -28.43
CA TYR A 942 3.18 -6.62 -27.25
C TYR A 942 2.73 -7.84 -26.47
N LEU A 943 1.77 -8.60 -26.97
CA LEU A 943 1.28 -9.81 -26.32
C LEU A 943 1.66 -11.02 -27.16
N ASN A 944 2.60 -11.81 -26.66
CA ASN A 944 2.95 -13.06 -27.32
C ASN A 944 1.96 -14.15 -26.92
N MET A 945 1.91 -15.21 -27.74
CA MET A 945 0.99 -16.30 -27.45
C MET A 945 1.52 -17.18 -26.32
N SER A 946 2.83 -17.34 -26.23
CA SER A 946 3.44 -18.05 -25.10
C SER A 946 3.26 -17.29 -23.80
N ARG A 947 3.04 -15.98 -23.86
CA ARG A 947 2.70 -15.20 -22.68
C ARG A 947 1.29 -15.53 -22.18
N LEU A 948 0.44 -16.09 -23.04
CA LEU A 948 -0.93 -16.44 -22.63
C LEU A 948 -0.98 -17.58 -21.63
N PHE A 949 0.09 -18.38 -21.52
CA PHE A 949 0.12 -19.52 -20.62
C PHE A 949 1.10 -19.39 -19.48
N VAL A 950 2.28 -18.81 -19.72
CA VAL A 950 3.30 -18.68 -18.68
C VAL A 950 3.72 -17.23 -18.56
N ARG A 951 4.18 -16.86 -17.36
CA ARG A 951 4.61 -15.48 -17.12
C ARG A 951 5.96 -15.19 -17.77
N ASN A 952 6.90 -16.13 -17.68
CA ASN A 952 8.27 -15.91 -18.10
C ASN A 952 8.51 -16.57 -19.45
N ILE A 953 8.66 -15.76 -20.49
CA ILE A 953 9.24 -16.20 -21.76
C ILE A 953 10.71 -15.83 -21.75
N GLY A 954 11.55 -16.75 -22.23
CA GLY A 954 12.98 -16.55 -22.13
C GLY A 954 13.52 -15.53 -23.12
N ASP A 955 13.48 -15.87 -24.40
CA ASP A 955 14.00 -15.00 -25.45
C ASP A 955 12.82 -14.36 -26.16
N PRO A 956 12.64 -13.04 -26.08
CA PRO A 956 11.55 -12.39 -26.83
C PRO A 956 11.67 -12.53 -28.34
N VAL A 957 12.89 -12.57 -28.88
CA VAL A 957 13.08 -12.66 -30.32
C VAL A 957 12.67 -14.03 -30.83
N THR A 958 13.08 -15.09 -30.13
CA THR A 958 12.71 -16.46 -30.53
C THR A 958 11.21 -16.68 -30.42
N SER A 959 10.60 -16.16 -29.34
CA SER A 959 9.15 -16.26 -29.18
C SER A 959 8.41 -15.45 -30.24
N SER A 960 8.95 -14.30 -30.64
CA SER A 960 8.33 -13.51 -31.69
C SER A 960 8.41 -14.19 -33.04
N ILE A 961 9.54 -14.84 -33.34
CA ILE A 961 9.68 -15.57 -34.60
C ILE A 961 8.75 -16.80 -34.62
N ALA A 962 8.63 -17.48 -33.47
CA ALA A 962 7.71 -18.61 -33.36
C ALA A 962 6.25 -18.17 -33.53
N ASP A 963 5.89 -17.03 -32.94
CA ASP A 963 4.56 -16.46 -33.10
C ASP A 963 4.29 -16.07 -34.54
N LEU A 964 5.28 -15.49 -35.21
CA LEU A 964 5.13 -15.11 -36.61
C LEU A 964 4.97 -16.34 -37.50
N LYS A 965 5.70 -17.42 -37.22
CA LYS A 965 5.53 -18.64 -37.99
C LYS A 965 4.17 -19.29 -37.75
N ARG A 966 3.64 -19.17 -36.52
CA ARG A 966 2.29 -19.66 -36.27
C ARG A 966 1.25 -18.81 -37.02
N MET A 967 1.49 -17.51 -37.17
CA MET A 967 0.57 -16.68 -37.95
C MET A 967 0.68 -16.99 -39.44
N ILE A 968 1.87 -17.30 -39.94
CA ILE A 968 2.03 -17.66 -41.34
C ILE A 968 1.39 -19.02 -41.63
N LEU A 969 1.51 -19.96 -40.69
CA LEU A 969 0.95 -21.30 -40.87
C LEU A 969 -0.57 -21.29 -40.91
N ALA A 970 -1.20 -20.38 -40.17
CA ALA A 970 -2.65 -20.26 -40.15
C ALA A 970 -3.17 -19.23 -41.14
N SER A 971 -2.33 -18.80 -42.09
CA SER A 971 -2.64 -17.83 -43.15
C SER A 971 -3.05 -16.46 -42.61
N LEU A 972 -2.67 -16.14 -41.36
CA LEU A 972 -2.92 -14.80 -40.83
C LEU A 972 -1.98 -13.76 -41.43
N MET A 973 -0.74 -14.14 -41.70
CA MET A 973 0.27 -13.26 -42.25
C MET A 973 0.89 -13.90 -43.48
N PRO A 974 1.33 -13.10 -44.45
CA PRO A 974 2.04 -13.66 -45.60
C PRO A 974 3.42 -14.15 -45.22
N GLU A 975 3.97 -15.04 -46.06
CA GLU A 975 5.30 -15.60 -45.82
C GLU A 975 6.38 -14.56 -46.01
N GLU A 976 6.18 -13.63 -46.96
CA GLU A 976 7.20 -12.63 -47.32
C GLU A 976 7.53 -11.70 -46.16
N THR A 977 6.57 -11.51 -45.23
CA THR A 977 6.80 -10.71 -44.03
C THR A 977 7.95 -11.28 -43.20
N LEU A 978 8.06 -12.62 -43.16
CA LEU A 978 9.20 -13.26 -42.50
C LEU A 978 10.52 -12.85 -43.14
N HIS A 979 10.56 -12.80 -44.48
CA HIS A 979 11.72 -12.28 -45.19
C HIS A 979 11.94 -10.82 -44.86
N GLN A 980 10.83 -10.05 -44.75
CA GLN A 980 10.92 -8.66 -44.35
C GLN A 980 11.40 -8.49 -42.92
N VAL A 981 11.27 -9.52 -42.09
CA VAL A 981 11.87 -9.47 -40.77
C VAL A 981 13.38 -9.64 -40.88
N MET A 982 13.83 -10.57 -41.72
CA MET A 982 15.25 -10.92 -41.74
C MET A 982 16.10 -9.90 -42.50
N THR A 983 15.52 -9.22 -43.50
CA THR A 983 16.22 -8.20 -44.26
C THR A 983 15.91 -6.80 -43.76
N GLN A 984 15.59 -6.66 -42.48
CA GLN A 984 15.26 -5.37 -41.89
C GLN A 984 16.51 -4.51 -41.74
N GLN A 985 16.35 -3.20 -41.96
CA GLN A 985 17.46 -2.26 -41.84
C GLN A 985 17.90 -2.13 -40.38
N PRO A 986 19.17 -2.35 -40.08
CA PRO A 986 19.62 -2.27 -38.68
C PRO A 986 19.63 -0.84 -38.15
N GLY A 987 19.48 -0.73 -36.83
CA GLY A 987 19.56 0.55 -36.16
C GLY A 987 20.99 0.92 -35.81
N ASP A 988 21.11 2.02 -35.06
CA ASP A 988 22.41 2.54 -34.64
C ASP A 988 22.45 2.58 -33.13
N SER A 989 23.14 1.61 -32.52
CA SER A 989 23.30 1.58 -31.07
C SER A 989 24.70 1.07 -30.76
N SER A 990 25.21 1.48 -29.61
CA SER A 990 26.58 1.21 -29.20
C SER A 990 26.64 -0.04 -28.32
N PHE A 991 27.83 -0.31 -27.77
CA PHE A 991 28.00 -1.45 -26.88
C PHE A 991 27.31 -1.23 -25.54
N LEU A 992 27.20 0.04 -25.11
CA LEU A 992 26.53 0.35 -23.86
C LEU A 992 25.03 0.08 -23.94
N ASP A 993 24.43 0.38 -25.10
CA ASP A 993 23.00 0.09 -25.28
C ASP A 993 22.75 -1.41 -25.37
N TRP A 994 23.68 -2.15 -25.94
CA TRP A 994 23.57 -3.61 -25.98
C TRP A 994 23.74 -4.20 -24.58
N ALA A 995 24.65 -3.64 -23.79
CA ALA A 995 24.85 -4.15 -22.43
C ALA A 995 23.71 -3.78 -21.50
N SER A 996 23.04 -2.65 -21.76
CA SER A 996 21.90 -2.27 -20.93
C SER A 996 20.67 -3.13 -21.25
N ASP A 997 20.48 -3.48 -22.52
CA ASP A 997 19.36 -4.31 -22.95
C ASP A 997 19.93 -5.50 -23.73
N PRO A 998 20.21 -6.62 -23.05
CA PRO A 998 20.88 -7.73 -23.73
C PRO A 998 20.01 -8.45 -24.75
N TYR A 999 18.69 -8.40 -24.62
CA TYR A 999 17.79 -9.10 -25.52
C TYR A 999 17.31 -8.24 -26.68
N SER A 1000 17.82 -7.02 -26.82
CA SER A 1000 17.42 -6.16 -27.91
C SER A 1000 17.98 -6.66 -29.23
N ALA A 1001 17.24 -6.40 -30.31
CA ALA A 1001 17.62 -6.84 -31.65
C ALA A 1001 18.02 -5.69 -32.55
N ASN A 1002 18.37 -4.53 -31.96
CA ASN A 1002 18.83 -3.33 -32.67
C ASN A 1002 17.81 -2.82 -33.67
N LEU A 1003 16.60 -2.56 -33.18
CA LEU A 1003 15.55 -2.01 -34.03
C LEU A 1003 15.71 -0.51 -34.17
N VAL A 1004 14.84 0.11 -34.97
CA VAL A 1004 14.92 1.53 -35.26
C VAL A 1004 13.75 2.23 -34.56
N CYS A 1005 14.08 3.14 -33.64
CA CYS A 1005 13.14 4.04 -32.96
C CYS A 1005 12.06 3.27 -32.20
N VAL A 1006 12.48 2.38 -31.31
CA VAL A 1006 11.55 1.59 -30.51
C VAL A 1006 11.57 1.99 -29.05
N GLN A 1007 12.33 3.02 -28.68
CA GLN A 1007 12.41 3.45 -27.29
C GLN A 1007 11.20 4.32 -26.94
N SER A 1008 11.12 4.68 -25.66
CA SER A 1008 10.07 5.54 -25.15
C SER A 1008 10.60 6.97 -24.97
N ILE A 1009 9.76 7.95 -25.27
CA ILE A 1009 10.13 9.35 -25.13
C ILE A 1009 10.31 9.71 -23.66
N THR A 1010 9.39 9.25 -22.82
CA THR A 1010 9.38 9.62 -21.40
C THR A 1010 10.60 9.09 -20.66
N ARG A 1011 10.99 7.84 -20.93
CA ARG A 1011 12.13 7.25 -20.26
C ARG A 1011 13.43 7.96 -20.63
N LEU A 1012 13.61 8.29 -21.91
CA LEU A 1012 14.80 9.03 -22.34
C LEU A 1012 14.83 10.42 -21.76
N LEU A 1013 13.68 11.11 -21.72
CA LEU A 1013 13.64 12.46 -21.15
C LEU A 1013 13.91 12.45 -19.64
N LYS A 1014 13.39 11.44 -18.93
CA LYS A 1014 13.68 11.32 -17.51
C LYS A 1014 15.15 11.00 -17.25
N ASN A 1015 15.77 10.15 -18.10
CA ASN A 1015 17.19 9.85 -17.94
C ASN A 1015 18.06 11.08 -18.19
N ILE A 1016 17.78 11.85 -19.24
CA ILE A 1016 18.56 13.05 -19.54
C ILE A 1016 18.39 14.10 -18.44
N THR A 1017 17.14 14.33 -17.99
CA THR A 1017 16.89 15.31 -16.95
C THR A 1017 17.53 14.93 -15.62
N ALA A 1018 17.38 13.65 -15.22
CA ALA A 1018 17.96 13.18 -13.97
C ALA A 1018 19.48 13.23 -14.00
N ARG A 1019 20.09 12.86 -15.14
CA ARG A 1019 21.53 12.94 -15.27
C ARG A 1019 22.03 14.39 -15.21
N PHE A 1020 21.29 15.31 -15.84
CA PHE A 1020 21.68 16.73 -15.83
C PHE A 1020 21.64 17.31 -14.41
N VAL A 1021 20.55 17.02 -13.67
CA VAL A 1021 20.45 17.54 -12.31
C VAL A 1021 21.46 16.89 -11.38
N LEU A 1022 21.72 15.58 -11.54
CA LEU A 1022 22.67 14.92 -10.65
C LEU A 1022 24.12 15.31 -10.96
N ILE A 1023 24.43 15.68 -12.20
CA ILE A 1023 25.74 16.27 -12.46
C ILE A 1023 25.82 17.68 -11.86
N HIS A 1024 24.78 18.48 -12.03
CA HIS A 1024 24.80 19.87 -11.56
C HIS A 1024 24.31 20.02 -10.12
N SER A 1025 24.44 18.98 -9.28
CA SER A 1025 24.07 19.08 -7.88
C SER A 1025 25.29 19.33 -7.02
N PRO A 1026 25.32 20.39 -6.19
CA PRO A 1026 26.47 20.64 -5.32
C PRO A 1026 26.41 19.91 -3.98
N ASN A 1027 25.56 18.88 -3.88
CA ASN A 1027 25.38 18.17 -2.61
C ASN A 1027 26.63 17.38 -2.25
N PRO A 1028 27.10 17.46 -0.99
CA PRO A 1028 28.33 16.74 -0.62
C PRO A 1028 28.23 15.23 -0.64
N MET A 1029 27.02 14.66 -0.56
CA MET A 1029 26.88 13.21 -0.65
C MET A 1029 27.16 12.71 -2.05
N LEU A 1030 26.85 13.51 -3.06
CA LEU A 1030 27.19 13.20 -4.45
C LEU A 1030 28.51 13.90 -4.82
N LYS A 1031 29.56 13.54 -4.10
CA LYS A 1031 30.83 14.26 -4.19
C LYS A 1031 31.55 13.98 -5.49
N GLY A 1032 31.65 12.71 -5.87
CA GLY A 1032 32.42 12.35 -7.05
C GLY A 1032 31.81 11.28 -7.92
N LEU A 1033 30.54 10.94 -7.67
CA LEU A 1033 29.89 9.91 -8.48
C LEU A 1033 29.56 10.43 -9.86
N PHE A 1034 29.03 11.65 -9.96
CA PHE A 1034 28.56 12.21 -11.21
C PHE A 1034 29.52 13.28 -11.70
N HIS A 1035 29.94 13.16 -12.96
CA HIS A 1035 30.84 14.12 -13.58
C HIS A 1035 30.58 14.10 -15.09
N ASP A 1036 31.24 15.03 -15.79
CA ASP A 1036 30.96 15.23 -17.21
C ASP A 1036 31.48 14.09 -18.08
N ASP A 1037 32.54 13.40 -17.63
CA ASP A 1037 33.11 12.30 -18.39
C ASP A 1037 32.60 10.93 -17.92
N SER A 1038 31.38 10.87 -17.39
CA SER A 1038 30.85 9.59 -16.90
C SER A 1038 30.43 8.70 -18.06
N LYS A 1039 29.82 9.27 -19.11
CA LYS A 1039 29.32 8.50 -20.23
C LYS A 1039 30.46 7.87 -21.02
N GLU A 1040 31.58 8.58 -21.15
CA GLU A 1040 32.76 8.02 -21.81
C GLU A 1040 33.32 6.84 -21.02
N GLU A 1041 33.30 6.94 -19.68
CA GLU A 1041 33.73 5.83 -18.83
C GLU A 1041 32.81 4.62 -18.97
N ASP A 1042 31.49 4.86 -19.05
CA ASP A 1042 30.54 3.77 -19.24
C ASP A 1042 30.72 3.10 -20.59
N GLU A 1043 30.93 3.89 -21.65
CA GLU A 1043 31.18 3.33 -22.98
C GLU A 1043 32.49 2.55 -23.03
N GLY A 1044 33.52 3.04 -22.34
CA GLY A 1044 34.78 2.32 -22.29
C GLY A 1044 34.68 1.00 -21.53
N LEU A 1045 33.94 0.99 -20.43
CA LEU A 1045 33.73 -0.24 -19.68
C LEU A 1045 32.91 -1.25 -20.49
N ALA A 1046 31.87 -0.78 -21.19
CA ALA A 1046 31.05 -1.68 -22.00
C ALA A 1046 31.84 -2.23 -23.18
N ALA A 1047 32.70 -1.40 -23.80
CA ALA A 1047 33.55 -1.89 -24.89
C ALA A 1047 34.63 -2.82 -24.38
N PHE A 1048 35.09 -2.64 -23.13
CA PHE A 1048 36.04 -3.59 -22.56
C PHE A 1048 35.38 -4.93 -22.30
N LEU A 1049 34.13 -4.91 -21.82
CA LEU A 1049 33.47 -6.17 -21.49
C LEU A 1049 33.00 -6.93 -22.74
N MET A 1050 32.54 -6.21 -23.77
CA MET A 1050 31.85 -6.88 -24.85
C MET A 1050 32.68 -7.09 -26.12
N ASP A 1051 33.65 -6.21 -26.42
CA ASP A 1051 34.44 -6.35 -27.64
C ASP A 1051 35.53 -7.41 -27.42
N ARG A 1052 35.10 -8.67 -27.50
CA ARG A 1052 35.97 -9.82 -27.34
C ARG A 1052 35.72 -10.78 -28.51
N HIS A 1053 36.40 -11.92 -28.50
CA HIS A 1053 36.23 -12.87 -29.60
C HIS A 1053 34.96 -13.68 -29.47
N ILE A 1054 34.35 -13.72 -28.29
CA ILE A 1054 33.01 -14.26 -28.07
C ILE A 1054 32.22 -13.23 -27.28
N ILE A 1055 31.06 -12.84 -27.80
CA ILE A 1055 30.26 -11.76 -27.21
C ILE A 1055 29.21 -12.38 -26.31
N VAL A 1056 29.29 -12.08 -25.02
CA VAL A 1056 28.32 -12.51 -24.02
C VAL A 1056 27.63 -11.28 -23.46
N PRO A 1057 26.40 -10.99 -23.88
CA PRO A 1057 25.74 -9.76 -23.42
C PRO A 1057 25.24 -9.83 -21.99
N ARG A 1058 24.80 -10.99 -21.51
CA ARG A 1058 24.15 -11.06 -20.20
C ARG A 1058 25.17 -10.93 -19.06
N ALA A 1059 26.34 -11.55 -19.21
CA ALA A 1059 27.39 -11.42 -18.20
C ALA A 1059 27.90 -9.98 -18.11
N ALA A 1060 28.05 -9.32 -19.26
CA ALA A 1060 28.42 -7.91 -19.27
C ALA A 1060 27.31 -7.05 -18.67
N HIS A 1061 26.05 -7.43 -18.86
CA HIS A 1061 24.94 -6.72 -18.25
C HIS A 1061 24.99 -6.81 -16.72
N GLU A 1062 25.28 -8.01 -16.19
CA GLU A 1062 25.37 -8.17 -14.74
C GLU A 1062 26.57 -7.43 -14.14
N ILE A 1063 27.73 -7.51 -14.81
CA ILE A 1063 28.92 -6.81 -14.33
C ILE A 1063 28.73 -5.30 -14.39
N LEU A 1064 28.09 -4.80 -15.46
CA LEU A 1064 27.83 -3.36 -15.57
C LEU A 1064 26.76 -2.93 -14.57
N ASP A 1065 25.84 -3.82 -14.22
CA ASP A 1065 24.80 -3.47 -13.25
C ASP A 1065 25.35 -3.40 -11.83
N HIS A 1066 26.28 -4.29 -11.49
CA HIS A 1066 26.85 -4.28 -10.15
C HIS A 1066 28.03 -3.33 -9.98
N SER A 1067 28.41 -2.60 -11.03
CA SER A 1067 29.54 -1.70 -10.95
C SER A 1067 29.09 -0.29 -10.56
N VAL A 1068 30.00 0.68 -10.70
CA VAL A 1068 29.70 2.07 -10.38
C VAL A 1068 28.68 2.65 -11.36
N THR A 1069 28.73 2.23 -12.62
CA THR A 1069 27.78 2.66 -13.63
C THR A 1069 26.36 2.21 -13.28
N GLY A 1070 26.21 0.97 -12.83
CA GLY A 1070 24.91 0.49 -12.40
C GLY A 1070 24.39 1.22 -11.16
N ALA A 1071 25.29 1.61 -10.26
CA ALA A 1071 24.90 2.43 -9.12
C ALA A 1071 24.42 3.81 -9.55
N ARG A 1072 25.10 4.42 -10.54
CA ARG A 1072 24.67 5.71 -11.07
C ARG A 1072 23.31 5.61 -11.76
N GLU A 1073 23.09 4.54 -12.51
CA GLU A 1073 21.79 4.34 -13.15
C GLU A 1073 20.69 4.05 -12.13
N SER A 1074 21.02 3.35 -11.04
CA SER A 1074 20.03 3.13 -9.98
C SER A 1074 19.67 4.44 -9.28
N ILE A 1075 20.66 5.28 -9.00
CA ILE A 1075 20.42 6.58 -8.35
C ILE A 1075 19.61 7.49 -9.27
N ALA A 1076 19.90 7.46 -10.57
CA ALA A 1076 19.09 8.24 -11.51
C ALA A 1076 17.69 7.63 -11.68
N GLY A 1077 17.55 6.32 -11.49
CA GLY A 1077 16.25 5.69 -11.65
C GLY A 1077 15.31 5.94 -10.48
N MET A 1078 15.85 5.98 -9.26
CA MET A 1078 15.00 6.26 -8.11
C MET A 1078 14.57 7.72 -8.04
N LEU A 1079 15.25 8.61 -8.76
CA LEU A 1079 14.84 10.01 -8.84
C LEU A 1079 13.73 10.13 -9.87
N ASP A 1080 12.51 10.41 -9.41
CA ASP A 1080 11.36 10.58 -10.30
C ASP A 1080 11.24 12.06 -10.65
N THR A 1081 11.43 12.37 -11.93
CA THR A 1081 11.42 13.77 -12.36
C THR A 1081 10.00 14.33 -12.41
N THR A 1082 9.05 13.53 -12.91
CA THR A 1082 7.68 13.94 -13.26
C THR A 1082 7.67 15.14 -14.19
N LYS A 1083 6.56 15.88 -14.21
CA LYS A 1083 6.46 17.03 -15.12
C LYS A 1083 7.26 18.23 -14.61
N GLY A 1084 7.33 18.41 -13.30
CA GLY A 1084 7.92 19.63 -12.74
C GLY A 1084 9.41 19.77 -12.99
N LEU A 1085 10.16 18.68 -12.82
CA LEU A 1085 11.60 18.73 -13.08
C LEU A 1085 11.89 18.85 -14.57
N ILE A 1086 11.02 18.31 -15.42
CA ILE A 1086 11.17 18.47 -16.87
C ILE A 1086 10.96 19.93 -17.26
N ARG A 1087 9.94 20.58 -16.69
CA ARG A 1087 9.73 22.00 -16.95
C ARG A 1087 10.87 22.85 -16.39
N ALA A 1088 11.40 22.48 -15.22
CA ALA A 1088 12.52 23.20 -14.64
C ALA A 1088 13.78 23.07 -15.49
N SER A 1089 14.06 21.88 -15.99
CA SER A 1089 15.24 21.69 -16.84
C SER A 1089 15.04 22.32 -18.22
N MET A 1090 13.80 22.43 -18.69
CA MET A 1090 13.54 23.10 -19.95
C MET A 1090 13.70 24.61 -19.82
N ARG A 1091 13.26 25.18 -18.69
CA ARG A 1091 13.45 26.61 -18.48
C ARG A 1091 14.91 26.95 -18.19
N LYS A 1092 15.62 26.09 -17.48
CA LYS A 1092 17.04 26.33 -17.22
C LYS A 1092 17.94 26.00 -18.40
N GLY A 1093 17.41 25.35 -19.44
CA GLY A 1093 18.20 25.01 -20.60
C GLY A 1093 18.91 23.68 -20.53
N GLY A 1094 18.48 22.78 -19.66
CA GLY A 1094 19.06 21.45 -19.61
C GLY A 1094 18.80 20.62 -20.85
N LEU A 1095 17.63 20.83 -21.48
CA LEU A 1095 17.28 20.16 -22.72
C LEU A 1095 17.49 21.13 -23.88
N THR A 1096 18.36 20.77 -24.81
CA THR A 1096 18.58 21.60 -25.98
C THR A 1096 17.42 21.43 -26.97
N SER A 1097 17.41 22.30 -27.98
CA SER A 1097 16.31 22.31 -28.94
C SER A 1097 16.34 21.09 -29.86
N ARG A 1098 17.53 20.51 -30.09
CA ARG A 1098 17.64 19.34 -30.95
C ARG A 1098 16.95 18.12 -30.33
N VAL A 1099 17.09 17.95 -29.01
CA VAL A 1099 16.42 16.85 -28.31
C VAL A 1099 14.91 17.05 -28.32
N ILE A 1100 14.47 18.31 -28.20
CA ILE A 1100 13.03 18.62 -28.25
C ILE A 1100 12.45 18.32 -29.62
N THR A 1101 13.15 18.72 -30.69
CA THR A 1101 12.66 18.42 -32.03
C THR A 1101 12.79 16.94 -32.38
N ARG A 1102 13.74 16.23 -31.76
CA ARG A 1102 13.84 14.80 -31.98
C ARG A 1102 12.71 14.04 -31.31
N LEU A 1103 12.41 14.39 -30.06
CA LEU A 1103 11.38 13.68 -29.30
C LEU A 1103 9.97 14.16 -29.60
N SER A 1104 9.81 15.31 -30.25
CA SER A 1104 8.48 15.75 -30.67
C SER A 1104 7.99 15.02 -31.91
N ASN A 1105 8.88 14.37 -32.65
CA ASN A 1105 8.53 13.67 -33.88
C ASN A 1105 8.78 12.17 -33.79
N TYR A 1106 8.93 11.62 -32.58
CA TYR A 1106 9.36 10.23 -32.42
C TYR A 1106 8.28 9.25 -32.85
N ASP A 1107 7.01 9.56 -32.56
CA ASP A 1107 5.91 8.70 -32.97
C ASP A 1107 5.77 8.67 -34.49
N TYR A 1108 5.94 9.82 -35.14
CA TYR A 1108 5.94 9.91 -36.59
C TYR A 1108 7.07 9.09 -37.21
N GLU A 1109 8.27 9.17 -36.61
CA GLU A 1109 9.40 8.41 -37.11
C GLU A 1109 9.24 6.90 -36.90
N GLN A 1110 8.62 6.48 -35.79
CA GLN A 1110 8.46 5.03 -35.62
C GLN A 1110 7.34 4.48 -36.50
N PHE A 1111 6.30 5.28 -36.80
CA PHE A 1111 5.36 4.87 -37.84
C PHE A 1111 6.03 4.77 -39.21
N ARG A 1112 6.94 5.70 -39.54
CA ARG A 1112 7.70 5.58 -40.78
C ARG A 1112 8.59 4.35 -40.79
N ALA A 1113 9.20 4.03 -39.64
CA ALA A 1113 10.07 2.85 -39.56
C ALA A 1113 9.27 1.57 -39.76
N GLY A 1114 8.07 1.49 -39.16
CA GLY A 1114 7.23 0.34 -39.39
C GLY A 1114 6.73 0.23 -40.83
N MET A 1115 6.42 1.38 -41.44
CA MET A 1115 5.97 1.40 -42.83
C MET A 1115 7.07 0.97 -43.78
N VAL A 1116 8.32 1.40 -43.54
CA VAL A 1116 9.45 0.98 -44.36
C VAL A 1116 9.75 -0.50 -44.13
N LEU A 1117 9.60 -0.98 -42.88
CA LEU A 1117 9.82 -2.39 -42.56
C LEU A 1117 8.84 -3.30 -43.28
N LEU A 1118 7.57 -2.92 -43.34
CA LEU A 1118 6.56 -3.76 -43.96
C LEU A 1118 6.36 -3.45 -45.45
N THR A 1119 7.38 -2.91 -46.13
CA THR A 1119 7.28 -2.59 -47.54
C THR A 1119 8.42 -3.17 -48.38
N GLY A 1120 9.62 -3.34 -47.79
CA GLY A 1120 10.80 -3.65 -48.58
C GLY A 1120 10.76 -5.03 -49.20
N ARG A 1121 11.46 -5.17 -50.33
CA ARG A 1121 11.28 -6.27 -51.25
C ARG A 1121 12.46 -7.23 -51.29
N LYS A 1122 13.40 -7.10 -50.36
CA LYS A 1122 14.57 -7.98 -50.37
C LYS A 1122 14.22 -9.37 -49.86
N ARG A 1123 14.72 -10.38 -50.56
CA ARG A 1123 14.44 -11.77 -50.23
C ARG A 1123 15.73 -12.58 -50.30
N ASN A 1124 15.82 -13.62 -49.48
CA ASN A 1124 16.95 -14.53 -49.48
C ASN A 1124 16.44 -15.96 -49.47
N VAL A 1125 17.11 -16.85 -50.21
CA VAL A 1125 16.66 -18.23 -50.32
C VAL A 1125 17.01 -19.05 -49.08
N LEU A 1126 17.89 -18.56 -48.22
CA LEU A 1126 18.20 -19.28 -46.98
C LEU A 1126 17.07 -19.16 -45.97
N ILE A 1127 16.26 -18.10 -46.07
CA ILE A 1127 15.12 -17.94 -45.19
C ILE A 1127 14.02 -18.89 -45.63
N ASP A 1128 13.45 -19.63 -44.69
CA ASP A 1128 12.41 -20.58 -45.00
C ASP A 1128 11.55 -20.83 -43.77
N LYS A 1129 10.26 -21.08 -43.99
CA LYS A 1129 9.41 -21.55 -42.93
C LYS A 1129 9.64 -23.05 -42.71
N GLU A 1130 9.03 -23.57 -41.64
CA GLU A 1130 9.28 -24.92 -41.09
C GLU A 1130 10.75 -25.14 -40.76
N SER A 1131 11.43 -24.08 -40.34
CA SER A 1131 12.79 -24.13 -39.82
C SER A 1131 12.77 -23.75 -38.35
N CYS A 1132 13.90 -23.94 -37.69
CA CYS A 1132 13.98 -23.70 -36.25
C CYS A 1132 13.94 -22.21 -35.95
N SER A 1133 13.17 -21.84 -34.93
CA SER A 1133 13.08 -20.45 -34.53
C SER A 1133 14.34 -19.98 -33.83
N VAL A 1134 15.06 -20.89 -33.17
CA VAL A 1134 16.32 -20.55 -32.52
C VAL A 1134 17.38 -20.18 -33.54
N GLN A 1135 17.48 -20.94 -34.64
CA GLN A 1135 18.46 -20.63 -35.68
C GLN A 1135 18.09 -19.36 -36.42
N LEU A 1136 16.80 -19.11 -36.60
CA LEU A 1136 16.37 -17.84 -37.20
C LEU A 1136 16.67 -16.67 -36.28
N ALA A 1137 16.57 -16.88 -34.97
CA ALA A 1137 16.94 -15.83 -34.01
C ALA A 1137 18.45 -15.57 -34.05
N ARG A 1138 19.25 -16.63 -34.18
CA ARG A 1138 20.70 -16.45 -34.34
C ARG A 1138 21.05 -15.70 -35.61
N ALA A 1139 20.38 -16.02 -36.71
CA ALA A 1139 20.61 -15.33 -37.98
C ALA A 1139 20.20 -13.86 -37.89
N LEU A 1140 19.07 -13.57 -37.24
CA LEU A 1140 18.61 -12.19 -37.08
C LEU A 1140 19.55 -11.39 -36.18
N ARG A 1141 20.00 -11.97 -35.07
CA ARG A 1141 20.93 -11.29 -34.18
C ARG A 1141 22.29 -11.10 -34.84
N SER A 1142 22.70 -12.01 -35.71
CA SER A 1142 23.95 -11.83 -36.45
C SER A 1142 23.81 -10.73 -37.50
N HIS A 1143 22.66 -10.64 -38.15
CA HIS A 1143 22.48 -9.67 -39.22
C HIS A 1143 22.31 -8.25 -38.68
N MET A 1144 21.49 -8.07 -37.64
CA MET A 1144 21.18 -6.73 -37.16
C MET A 1144 22.30 -6.13 -36.32
N TRP A 1145 23.15 -6.97 -35.72
CA TRP A 1145 24.30 -6.51 -34.94
C TRP A 1145 25.61 -6.66 -35.68
N ALA A 1146 25.58 -6.64 -37.02
CA ALA A 1146 26.75 -6.99 -37.81
C ALA A 1146 27.82 -5.90 -37.80
N ARG A 1147 27.48 -4.67 -37.44
CA ARG A 1147 28.48 -3.62 -37.40
C ARG A 1147 29.40 -3.77 -36.19
N LEU A 1148 28.83 -4.10 -35.03
CA LEU A 1148 29.64 -4.24 -33.82
C LEU A 1148 30.25 -5.64 -33.69
N ALA A 1149 29.48 -6.67 -34.05
CA ALA A 1149 29.97 -8.05 -33.87
C ALA A 1149 31.03 -8.40 -34.90
N ARG A 1150 30.85 -7.95 -36.15
CA ARG A 1150 31.74 -8.22 -37.29
C ARG A 1150 31.94 -9.72 -37.53
N GLY A 1151 30.85 -10.49 -37.40
CA GLY A 1151 30.89 -11.91 -37.65
C GLY A 1151 31.25 -12.77 -36.46
N ARG A 1152 31.61 -12.17 -35.33
CA ARG A 1152 31.93 -12.95 -34.15
C ARG A 1152 30.66 -13.52 -33.51
N PRO A 1153 30.75 -14.71 -32.90
CA PRO A 1153 29.55 -15.34 -32.35
C PRO A 1153 28.98 -14.62 -31.14
N ILE A 1154 27.67 -14.73 -31.00
CA ILE A 1154 26.94 -14.18 -29.85
C ILE A 1154 26.35 -15.36 -29.08
N TYR A 1155 26.58 -15.37 -27.77
CA TYR A 1155 26.34 -16.56 -26.96
C TYR A 1155 25.46 -16.24 -25.75
N GLY A 1156 24.50 -17.12 -25.49
CA GLY A 1156 23.79 -17.13 -24.23
C GLY A 1156 22.45 -16.42 -24.17
N LEU A 1157 21.88 -16.02 -25.32
CA LEU A 1157 20.64 -15.27 -25.30
C LEU A 1157 19.41 -16.06 -25.68
N GLU A 1158 19.55 -17.13 -26.46
CA GLU A 1158 18.43 -17.80 -27.09
C GLU A 1158 18.04 -19.08 -26.34
N VAL A 1159 16.73 -19.28 -26.20
CA VAL A 1159 16.15 -20.46 -25.57
C VAL A 1159 15.06 -21.00 -26.48
N PRO A 1160 14.69 -22.28 -26.32
CA PRO A 1160 13.53 -22.80 -27.06
C PRO A 1160 12.22 -22.14 -26.64
N ASP A 1161 11.31 -22.04 -27.59
CA ASP A 1161 9.99 -21.50 -27.32
C ASP A 1161 9.13 -22.53 -26.58
N VAL A 1162 8.25 -22.03 -25.71
CA VAL A 1162 7.44 -22.91 -24.87
C VAL A 1162 6.40 -23.66 -25.71
N LEU A 1163 5.67 -22.93 -26.55
CA LEU A 1163 4.60 -23.54 -27.32
C LEU A 1163 5.11 -24.37 -28.50
N GLU A 1164 6.29 -24.06 -29.02
CA GLU A 1164 6.81 -24.80 -30.16
C GLU A 1164 7.32 -26.18 -29.75
N SER A 1165 7.97 -26.27 -28.60
CA SER A 1165 8.71 -27.47 -28.22
C SER A 1165 7.87 -28.51 -27.49
N MET A 1166 6.61 -28.21 -27.15
CA MET A 1166 5.84 -29.07 -26.28
C MET A 1166 4.51 -29.42 -26.92
N ARG A 1167 4.13 -30.70 -26.81
CA ARG A 1167 2.83 -31.17 -27.27
C ARG A 1167 2.15 -31.97 -26.17
N GLY A 1168 0.86 -31.75 -25.98
CA GLY A 1168 0.14 -32.40 -24.90
C GLY A 1168 -0.85 -33.46 -25.35
N HIS A 1169 -1.17 -34.38 -24.44
CA HIS A 1169 -2.14 -35.42 -24.75
C HIS A 1169 -2.88 -35.81 -23.48
N LEU A 1170 -4.18 -36.06 -23.61
CA LEU A 1170 -5.04 -36.45 -22.51
C LEU A 1170 -5.37 -37.94 -22.62
N ILE A 1171 -5.17 -38.67 -21.54
CA ILE A 1171 -5.19 -40.13 -21.52
C ILE A 1171 -6.14 -40.58 -20.41
N ARG A 1172 -7.00 -41.55 -20.72
CA ARG A 1172 -7.86 -42.21 -19.75
C ARG A 1172 -7.14 -43.47 -19.26
N ARG A 1173 -7.85 -44.40 -18.62
CA ARG A 1173 -7.21 -45.60 -18.12
C ARG A 1173 -6.74 -46.51 -19.24
N HIS A 1174 -7.66 -46.99 -20.08
CA HIS A 1174 -7.32 -47.95 -21.13
C HIS A 1174 -6.95 -47.29 -22.45
N GLU A 1175 -6.95 -45.96 -22.50
CA GLU A 1175 -6.51 -45.26 -23.70
C GLU A 1175 -4.99 -45.25 -23.78
N THR A 1176 -4.46 -45.31 -25.00
CA THR A 1176 -3.03 -45.29 -25.24
C THR A 1176 -2.62 -43.95 -25.83
N CYS A 1177 -1.45 -43.46 -25.41
CA CYS A 1177 -0.93 -42.20 -25.92
C CYS A 1177 -0.33 -42.40 -27.30
N VAL A 1178 -0.77 -41.58 -28.26
CA VAL A 1178 -0.28 -41.72 -29.63
C VAL A 1178 1.16 -41.23 -29.76
N ILE A 1179 1.56 -40.22 -28.97
CA ILE A 1179 2.93 -39.71 -29.05
C ILE A 1179 3.91 -40.74 -28.51
N CYS A 1180 3.53 -41.44 -27.43
CA CYS A 1180 4.34 -42.54 -26.93
C CYS A 1180 4.41 -43.69 -27.92
N GLU A 1181 3.36 -43.89 -28.71
CA GLU A 1181 3.40 -44.90 -29.76
C GLU A 1181 4.30 -44.49 -30.92
N CYS A 1182 4.40 -43.19 -31.19
CA CYS A 1182 5.31 -42.71 -32.23
C CYS A 1182 6.78 -42.88 -31.87
N GLY A 1183 7.12 -42.98 -30.58
CA GLY A 1183 8.48 -43.21 -30.15
C GLY A 1183 9.07 -42.14 -29.23
N SER A 1184 8.31 -41.12 -28.84
CA SER A 1184 8.83 -40.11 -27.93
C SER A 1184 8.69 -40.59 -26.49
N VAL A 1185 9.78 -40.51 -25.73
CA VAL A 1185 9.81 -40.96 -24.34
C VAL A 1185 10.21 -39.85 -23.38
N ASN A 1186 10.26 -38.61 -23.85
CA ASN A 1186 10.65 -37.46 -23.04
C ASN A 1186 9.39 -36.66 -22.74
N TYR A 1187 8.83 -36.84 -21.54
CA TYR A 1187 7.57 -36.19 -21.21
C TYR A 1187 7.46 -36.01 -19.70
N GLY A 1188 6.57 -35.10 -19.32
CA GLY A 1188 6.16 -34.92 -17.94
C GLY A 1188 4.74 -35.45 -17.76
N TRP A 1189 4.46 -35.93 -16.54
CA TRP A 1189 3.25 -36.70 -16.27
C TRP A 1189 2.42 -35.98 -15.20
N PHE A 1190 1.14 -35.76 -15.51
CA PHE A 1190 0.22 -35.08 -14.61
C PHE A 1190 -0.99 -35.98 -14.36
N PHE A 1191 -1.49 -35.96 -13.13
CA PHE A 1191 -2.61 -36.82 -12.75
C PHE A 1191 -3.65 -36.01 -12.01
N VAL A 1192 -4.92 -36.16 -12.43
CA VAL A 1192 -6.05 -35.55 -11.75
C VAL A 1192 -7.02 -36.66 -11.37
N PRO A 1193 -7.28 -36.87 -10.08
CA PRO A 1193 -8.24 -37.90 -9.67
C PRO A 1193 -9.67 -37.49 -9.95
N SER A 1194 -10.56 -38.49 -9.90
CA SER A 1194 -11.97 -38.28 -10.18
C SER A 1194 -12.74 -37.92 -8.91
N GLY A 1195 -13.88 -37.26 -9.11
CA GLY A 1195 -14.79 -36.96 -8.03
C GLY A 1195 -14.29 -35.98 -7.00
N CYS A 1196 -13.62 -34.91 -7.43
CA CYS A 1196 -13.18 -33.85 -6.53
C CYS A 1196 -13.89 -32.55 -6.88
N GLN A 1197 -14.46 -31.90 -5.87
CA GLN A 1197 -15.21 -30.67 -6.08
C GLN A 1197 -14.26 -29.48 -6.15
N LEU A 1198 -14.26 -28.79 -7.29
CA LEU A 1198 -13.35 -27.66 -7.46
C LEU A 1198 -13.81 -26.43 -6.70
N ASP A 1199 -15.13 -26.23 -6.61
CA ASP A 1199 -15.65 -25.09 -5.86
C ASP A 1199 -15.58 -25.30 -4.35
N ASP A 1200 -15.88 -26.51 -3.89
CA ASP A 1200 -16.02 -26.75 -2.45
C ASP A 1200 -14.66 -26.88 -1.77
N ILE A 1201 -14.67 -26.64 -0.46
CA ILE A 1201 -13.46 -26.73 0.35
C ILE A 1201 -13.11 -28.18 0.61
N ASP A 1202 -11.82 -28.51 0.54
CA ASP A 1202 -11.33 -29.82 0.92
C ASP A 1202 -11.55 -30.06 2.41
N LYS A 1203 -11.94 -31.30 2.73
CA LYS A 1203 -12.29 -31.76 4.08
C LYS A 1203 -13.37 -30.89 4.74
N PRO A 1231 26.72 -8.67 5.39
CA PRO A 1231 27.74 -7.79 4.82
C PRO A 1231 27.15 -6.54 4.20
N SER A 1232 28.00 -5.64 3.73
CA SER A 1232 27.55 -4.42 3.10
C SER A 1232 27.09 -4.68 1.67
N ARG A 1233 26.36 -3.71 1.11
CA ARG A 1233 25.87 -3.83 -0.26
C ARG A 1233 27.01 -3.75 -1.28
N SER A 1234 27.98 -2.87 -1.03
CA SER A 1234 29.09 -2.70 -1.96
C SER A 1234 30.01 -3.91 -1.96
N LEU A 1235 30.20 -4.54 -0.80
CA LEU A 1235 30.99 -5.77 -0.74
C LEU A 1235 30.32 -6.90 -1.49
N ARG A 1236 29.00 -7.03 -1.35
CA ARG A 1236 28.25 -8.05 -2.10
C ARG A 1236 28.30 -7.78 -3.60
N SER A 1237 28.26 -6.49 -3.99
CA SER A 1237 28.40 -6.14 -5.40
C SER A 1237 29.78 -6.50 -5.94
N ALA A 1238 30.83 -6.26 -5.14
CA ALA A 1238 32.18 -6.60 -5.56
C ALA A 1238 32.38 -8.11 -5.70
N VAL A 1239 31.81 -8.89 -4.76
CA VAL A 1239 31.85 -10.35 -4.86
C VAL A 1239 31.09 -10.83 -6.09
N ARG A 1240 29.94 -10.18 -6.39
CA ARG A 1240 29.17 -10.54 -7.58
C ARG A 1240 29.93 -10.25 -8.86
N ILE A 1241 30.61 -9.09 -8.94
CA ILE A 1241 31.42 -8.75 -10.10
C ILE A 1241 32.54 -9.77 -10.29
N ALA A 1242 33.20 -10.14 -9.20
CA ALA A 1242 34.30 -11.10 -9.27
C ALA A 1242 33.83 -12.48 -9.71
N THR A 1243 32.69 -12.96 -9.18
CA THR A 1243 32.27 -14.32 -9.54
C THR A 1243 31.68 -14.38 -10.95
N VAL A 1244 30.99 -13.32 -11.41
CA VAL A 1244 30.49 -13.33 -12.78
C VAL A 1244 31.64 -13.20 -13.79
N TYR A 1245 32.64 -12.37 -13.48
CA TYR A 1245 33.79 -12.24 -14.38
C TYR A 1245 34.60 -13.54 -14.43
N SER A 1246 34.81 -14.18 -13.28
CA SER A 1246 35.58 -15.43 -13.27
C SER A 1246 34.82 -16.58 -13.90
N TRP A 1247 33.49 -16.61 -13.77
CA TRP A 1247 32.72 -17.67 -14.40
C TRP A 1247 32.59 -17.47 -15.91
N ALA A 1248 32.48 -16.21 -16.36
CA ALA A 1248 32.21 -15.96 -17.76
C ALA A 1248 33.49 -15.94 -18.60
N TYR A 1249 34.50 -15.18 -18.16
CA TYR A 1249 35.67 -14.93 -18.99
C TYR A 1249 36.87 -15.79 -18.62
N GLY A 1250 36.65 -16.91 -17.95
CA GLY A 1250 37.72 -17.84 -17.67
C GLY A 1250 38.32 -17.65 -16.29
N ASP A 1251 39.14 -18.63 -15.88
CA ASP A 1251 39.78 -18.64 -14.58
C ASP A 1251 41.28 -18.72 -14.80
N ASP A 1252 41.96 -17.59 -14.71
CA ASP A 1252 43.42 -17.52 -14.81
C ASP A 1252 43.89 -16.29 -14.05
N ASP A 1253 45.22 -16.16 -13.94
CA ASP A 1253 45.79 -15.10 -13.12
C ASP A 1253 45.54 -13.72 -13.72
N SER A 1254 45.57 -13.61 -15.04
CA SER A 1254 45.20 -12.35 -15.68
C SER A 1254 43.72 -12.07 -15.54
N SER A 1255 42.89 -13.13 -15.60
CA SER A 1255 41.44 -12.96 -15.43
C SER A 1255 41.10 -12.51 -14.01
N TRP A 1256 41.75 -13.10 -13.00
CA TRP A 1256 41.56 -12.62 -11.64
C TRP A 1256 42.19 -11.25 -11.41
N ASN A 1257 43.22 -10.88 -12.19
CA ASN A 1257 43.76 -9.53 -12.11
C ASN A 1257 42.73 -8.50 -12.59
N GLU A 1258 42.11 -8.76 -13.74
CA GLU A 1258 41.07 -7.86 -14.24
C GLU A 1258 39.84 -7.86 -13.34
N ALA A 1259 39.48 -9.02 -12.79
CA ALA A 1259 38.35 -9.11 -11.87
C ALA A 1259 38.61 -8.34 -10.59
N TRP A 1260 39.84 -8.40 -10.08
CA TRP A 1260 40.20 -7.64 -8.89
C TRP A 1260 40.22 -6.14 -9.18
N LEU A 1261 40.68 -5.75 -10.38
CA LEU A 1261 40.66 -4.33 -10.73
C LEU A 1261 39.24 -3.79 -10.90
N LEU A 1262 38.31 -4.62 -11.38
CA LEU A 1262 36.92 -4.18 -11.45
C LEU A 1262 36.26 -4.17 -10.08
N ALA A 1263 36.55 -5.17 -9.24
CA ALA A 1263 35.88 -5.28 -7.95
C ALA A 1263 36.50 -4.40 -6.87
N ARG A 1264 37.68 -3.83 -7.09
CA ARG A 1264 38.30 -2.97 -6.11
C ARG A 1264 37.60 -1.62 -6.01
N GLN A 1265 36.84 -1.23 -7.04
CA GLN A 1265 36.14 0.05 -7.01
C GLN A 1265 34.91 0.02 -6.10
N ARG A 1266 34.44 -1.15 -5.70
CA ARG A 1266 33.30 -1.24 -4.80
C ARG A 1266 33.71 -1.50 -3.35
N ALA A 1267 34.80 -2.23 -3.13
CA ALA A 1267 35.22 -2.56 -1.77
C ALA A 1267 36.74 -2.54 -1.71
N ASN A 1268 37.25 -2.29 -0.50
CA ASN A 1268 38.70 -2.23 -0.26
C ASN A 1268 39.15 -3.62 0.18
N VAL A 1269 39.42 -4.48 -0.79
CA VAL A 1269 39.91 -5.84 -0.55
C VAL A 1269 41.15 -6.07 -1.39
N SER A 1270 41.94 -7.05 -0.96
CA SER A 1270 43.11 -7.48 -1.72
C SER A 1270 42.71 -8.58 -2.69
N LEU A 1271 43.69 -9.05 -3.47
CA LEU A 1271 43.43 -10.12 -4.43
C LEU A 1271 43.22 -11.46 -3.74
N GLU A 1272 43.99 -11.72 -2.68
CA GLU A 1272 43.85 -12.99 -1.95
C GLU A 1272 42.53 -13.07 -1.20
N GLU A 1273 42.12 -11.96 -0.57
CA GLU A 1273 40.85 -11.94 0.15
C GLU A 1273 39.67 -12.08 -0.81
N LEU A 1274 39.78 -11.46 -1.99
CA LEU A 1274 38.74 -11.60 -3.00
C LEU A 1274 38.69 -13.02 -3.55
N ARG A 1275 39.85 -13.67 -3.68
CA ARG A 1275 39.86 -15.05 -4.15
C ARG A 1275 39.27 -16.00 -3.11
N VAL A 1276 39.52 -15.75 -1.82
CA VAL A 1276 38.95 -16.59 -0.77
C VAL A 1276 37.44 -16.37 -0.66
N ILE A 1277 36.99 -15.11 -0.70
CA ILE A 1277 35.60 -14.80 -0.35
C ILE A 1277 34.63 -15.20 -1.47
N THR A 1278 35.11 -15.38 -2.71
CA THR A 1278 34.16 -15.67 -3.79
C THR A 1278 33.94 -17.18 -3.93
N PRO A 1279 32.72 -17.60 -4.23
CA PRO A 1279 32.48 -19.01 -4.53
C PRO A 1279 33.10 -19.41 -5.86
N ILE A 1280 33.37 -20.71 -5.99
CA ILE A 1280 33.98 -21.28 -7.19
C ILE A 1280 33.00 -22.27 -7.80
N SER A 1281 32.94 -22.30 -9.13
CA SER A 1281 32.02 -23.20 -9.83
C SER A 1281 32.57 -24.61 -9.87
N GLN A 1296 7.70 -29.05 -6.78
CA GLN A 1296 7.54 -27.92 -5.89
C GLN A 1296 7.44 -26.61 -6.68
N VAL A 1297 6.52 -26.58 -7.65
CA VAL A 1297 6.32 -25.40 -8.46
C VAL A 1297 5.48 -24.39 -7.68
N LYS A 1298 5.76 -23.10 -7.89
CA LYS A 1298 5.05 -22.02 -7.21
C LYS A 1298 3.86 -21.61 -8.09
N TYR A 1299 2.68 -22.10 -7.73
CA TYR A 1299 1.45 -21.80 -8.46
C TYR A 1299 0.48 -20.92 -7.69
N SER A 1300 0.83 -20.50 -6.48
CA SER A 1300 -0.07 -19.74 -5.64
C SER A 1300 -0.22 -18.31 -6.14
N GLY A 1301 -1.34 -17.68 -5.80
CA GLY A 1301 -1.62 -16.32 -6.19
C GLY A 1301 -2.31 -16.17 -7.53
N THR A 1302 -2.62 -17.26 -8.22
CA THR A 1302 -3.30 -17.24 -9.50
C THR A 1302 -4.53 -18.13 -9.43
N SER A 1303 -5.24 -18.23 -10.56
CA SER A 1303 -6.36 -19.16 -10.67
C SER A 1303 -5.89 -20.61 -10.79
N LEU A 1304 -4.61 -20.82 -11.10
CA LEU A 1304 -4.03 -22.15 -11.27
C LEU A 1304 -4.14 -23.02 -10.05
N VAL A 1305 -4.33 -22.43 -8.86
CA VAL A 1305 -4.52 -23.15 -7.61
C VAL A 1305 -5.76 -24.05 -7.68
N ARG A 1306 -6.80 -23.62 -8.41
CA ARG A 1306 -8.12 -24.28 -8.36
C ARG A 1306 -8.09 -25.73 -8.82
N VAL A 1307 -7.11 -26.10 -9.64
CA VAL A 1307 -6.95 -27.48 -10.08
C VAL A 1307 -5.74 -28.07 -9.37
N ALA A 1308 -4.76 -27.22 -9.02
CA ALA A 1308 -3.45 -27.71 -8.60
C ALA A 1308 -3.45 -28.28 -7.18
N ARG A 1309 -4.51 -28.08 -6.41
CA ARG A 1309 -4.57 -28.69 -5.09
C ARG A 1309 -4.89 -30.18 -5.15
N TYR A 1310 -5.36 -30.67 -6.30
CA TYR A 1310 -5.68 -32.08 -6.45
C TYR A 1310 -4.72 -32.84 -7.37
N THR A 1311 -3.95 -32.15 -8.20
CA THR A 1311 -3.14 -32.83 -9.21
C THR A 1311 -1.86 -33.38 -8.59
N THR A 1312 -1.23 -34.29 -9.33
CA THR A 1312 0.05 -34.89 -8.95
C THR A 1312 0.98 -34.81 -10.15
N ILE A 1313 2.22 -34.37 -9.93
CA ILE A 1313 3.17 -34.12 -10.99
C ILE A 1313 4.36 -35.05 -10.80
N SER A 1314 4.73 -35.78 -11.85
CA SER A 1314 5.94 -36.58 -11.84
C SER A 1314 6.77 -36.28 -13.08
N ASN A 1315 8.09 -36.33 -12.90
CA ASN A 1315 9.06 -35.99 -13.94
C ASN A 1315 10.09 -37.10 -14.11
N ASP A 1316 9.67 -38.35 -13.91
CA ASP A 1316 10.58 -39.47 -14.02
C ASP A 1316 10.95 -39.77 -15.46
N ASN A 1317 10.06 -39.43 -16.40
CA ASN A 1317 10.31 -39.67 -17.82
C ASN A 1317 10.96 -38.48 -18.51
N LEU A 1318 11.29 -37.42 -17.77
CA LEU A 1318 11.97 -36.26 -18.33
C LEU A 1318 13.47 -36.50 -18.29
N SER A 1319 14.10 -36.56 -19.47
CA SER A 1319 15.54 -36.80 -19.57
C SER A 1319 16.27 -35.49 -19.35
N PHE A 1320 16.93 -35.36 -18.20
CA PHE A 1320 17.66 -34.14 -17.87
C PHE A 1320 19.02 -34.10 -18.59
N THR A 1329 18.10 -25.76 -20.19
CA THR A 1329 17.50 -27.05 -19.92
C THR A 1329 16.61 -26.99 -18.68
N ASN A 1330 17.04 -26.21 -17.68
CA ASN A 1330 16.23 -26.05 -16.48
C ASN A 1330 15.00 -25.20 -16.74
N PHE A 1331 15.14 -24.18 -17.60
CA PHE A 1331 14.03 -23.28 -17.93
C PHE A 1331 12.88 -24.03 -18.56
N ILE A 1332 13.20 -24.97 -19.46
CA ILE A 1332 12.21 -25.91 -20.00
C ILE A 1332 11.59 -26.74 -18.89
N TYR A 1333 12.37 -27.10 -17.88
CA TYR A 1333 11.88 -27.98 -16.81
C TYR A 1333 10.88 -27.26 -15.90
N GLN A 1334 11.04 -25.95 -15.66
CA GLN A 1334 9.96 -25.31 -14.91
C GLN A 1334 8.78 -24.90 -15.80
N GLN A 1335 9.05 -24.42 -17.03
CA GLN A 1335 7.94 -23.96 -17.86
C GLN A 1335 7.07 -25.10 -18.38
N GLY A 1336 7.59 -26.33 -18.42
CA GLY A 1336 6.75 -27.47 -18.73
C GLY A 1336 5.70 -27.74 -17.67
N MET A 1337 6.09 -27.68 -16.40
CA MET A 1337 5.14 -27.87 -15.32
C MET A 1337 4.15 -26.72 -15.25
N LEU A 1338 4.61 -25.49 -15.52
CA LEU A 1338 3.70 -24.35 -15.56
C LEU A 1338 2.69 -24.47 -16.71
N LEU A 1339 3.15 -24.91 -17.89
CA LEU A 1339 2.25 -25.10 -19.02
C LEU A 1339 1.27 -26.25 -18.77
N GLY A 1340 1.72 -27.31 -18.09
CA GLY A 1340 0.82 -28.39 -17.73
C GLY A 1340 -0.26 -27.97 -16.76
N LEU A 1341 0.09 -27.14 -15.77
CA LEU A 1341 -0.92 -26.60 -14.87
C LEU A 1341 -1.88 -25.66 -15.59
N GLY A 1342 -1.36 -24.90 -16.57
CA GLY A 1342 -2.25 -24.06 -17.38
C GLY A 1342 -3.22 -24.86 -18.23
N VAL A 1343 -2.75 -25.97 -18.80
CA VAL A 1343 -3.60 -26.87 -19.58
C VAL A 1343 -4.68 -27.49 -18.70
N LEU A 1344 -4.30 -27.95 -17.50
CA LEU A 1344 -5.28 -28.54 -16.59
C LEU A 1344 -6.25 -27.50 -16.04
N GLU A 1345 -5.83 -26.24 -15.95
CA GLU A 1345 -6.77 -25.18 -15.58
C GLU A 1345 -7.75 -24.90 -16.72
N THR A 1346 -7.26 -24.89 -17.96
CA THR A 1346 -8.12 -24.61 -19.11
C THR A 1346 -9.11 -25.74 -19.35
N LEU A 1347 -8.74 -26.98 -19.02
CA LEU A 1347 -9.64 -28.11 -19.24
C LEU A 1347 -10.85 -28.07 -18.29
N PHE A 1348 -10.63 -27.72 -17.02
CA PHE A 1348 -11.68 -27.72 -16.01
C PHE A 1348 -12.15 -26.31 -15.67
N ARG A 1349 -12.22 -25.41 -16.65
CA ARG A 1349 -12.58 -24.02 -16.37
C ARG A 1349 -14.06 -23.87 -16.07
N LEU A 1350 -14.92 -24.54 -16.83
CA LEU A 1350 -16.37 -24.36 -16.72
C LEU A 1350 -17.06 -25.55 -16.05
N GLU A 1351 -16.32 -26.40 -15.35
CA GLU A 1351 -16.87 -27.58 -14.72
C GLU A 1351 -16.78 -27.46 -13.21
N LYS A 1352 -17.87 -27.83 -12.52
CA LYS A 1352 -17.89 -27.80 -11.06
C LYS A 1352 -17.14 -28.97 -10.45
N ASP A 1353 -17.06 -30.09 -11.16
CA ASP A 1353 -16.53 -31.33 -10.60
C ASP A 1353 -15.81 -32.11 -11.69
N THR A 1354 -14.66 -32.69 -11.33
CA THR A 1354 -13.97 -33.64 -12.19
C THR A 1354 -14.75 -34.94 -12.15
N GLY A 1355 -15.43 -35.28 -13.25
CA GLY A 1355 -16.48 -36.26 -13.22
C GLY A 1355 -16.09 -37.65 -13.67
N SER A 1356 -16.12 -38.59 -12.73
CA SER A 1356 -16.22 -40.04 -12.89
C SER A 1356 -15.00 -40.70 -13.57
N SER A 1357 -13.95 -39.97 -13.91
CA SER A 1357 -12.81 -40.59 -14.55
C SER A 1357 -11.54 -39.84 -14.20
N ASN A 1358 -10.47 -40.58 -13.93
CA ASN A 1358 -9.16 -39.98 -13.72
C ASN A 1358 -8.60 -39.47 -15.04
N THR A 1359 -7.83 -38.40 -14.96
CA THR A 1359 -7.24 -37.77 -16.14
C THR A 1359 -5.72 -37.85 -16.04
N VAL A 1360 -5.08 -38.28 -17.12
CA VAL A 1360 -3.62 -38.32 -17.19
C VAL A 1360 -3.19 -37.38 -18.32
N LEU A 1361 -2.31 -36.44 -18.01
CA LEU A 1361 -1.80 -35.52 -19.01
C LEU A 1361 -0.34 -35.82 -19.27
N HIS A 1362 -0.02 -36.12 -20.52
CA HIS A 1362 1.36 -36.30 -20.96
C HIS A 1362 1.78 -35.04 -21.70
N LEU A 1363 2.86 -34.41 -21.25
CA LEU A 1363 3.40 -33.23 -21.92
C LEU A 1363 4.76 -33.61 -22.47
N HIS A 1364 4.84 -33.84 -23.78
CA HIS A 1364 6.05 -34.30 -24.44
C HIS A 1364 6.85 -33.12 -24.94
N VAL A 1365 8.17 -33.21 -24.79
CA VAL A 1365 9.10 -32.16 -25.20
C VAL A 1365 9.88 -32.65 -26.41
N GLU A 1366 9.88 -31.86 -27.48
CA GLU A 1366 10.60 -32.18 -28.71
C GLU A 1366 11.68 -31.13 -28.92
N THR A 1367 12.88 -31.39 -28.37
CA THR A 1367 14.00 -30.49 -28.54
C THR A 1367 15.18 -31.21 -29.19
N ASP A 1368 14.92 -32.00 -30.22
CA ASP A 1368 16.00 -32.53 -31.05
C ASP A 1368 16.69 -31.42 -31.82
N CYS A 1369 15.93 -30.41 -32.24
CA CYS A 1369 16.45 -29.14 -32.74
C CYS A 1369 16.74 -28.22 -31.56
N CYS A 1370 16.91 -26.92 -31.84
CA CYS A 1370 17.12 -25.85 -30.87
C CYS A 1370 18.41 -26.02 -30.06
N VAL A 1371 19.40 -26.72 -30.62
CA VAL A 1371 20.64 -26.99 -29.92
C VAL A 1371 21.68 -25.93 -30.30
N ILE A 1372 22.59 -25.67 -29.38
CA ILE A 1372 23.66 -24.69 -29.57
C ILE A 1372 24.98 -25.42 -29.36
N PRO A 1373 26.00 -25.17 -30.18
CA PRO A 1373 27.35 -25.68 -29.87
C PRO A 1373 27.90 -25.05 -28.60
N MET A 1374 28.06 -25.86 -27.56
CA MET A 1374 28.46 -25.35 -26.26
C MET A 1374 29.95 -25.06 -26.21
N ILE A 1375 30.32 -23.95 -25.58
CA ILE A 1375 31.72 -23.56 -25.44
C ILE A 1375 32.22 -23.67 -24.02
N ASP A 1376 31.32 -23.80 -23.03
CA ASP A 1376 31.61 -23.95 -21.59
C ASP A 1376 32.42 -22.74 -21.13
N HIS A 1377 33.60 -22.92 -20.54
CA HIS A 1377 34.47 -21.82 -20.16
C HIS A 1377 35.71 -21.86 -21.07
N PRO A 1378 35.68 -21.18 -22.22
CA PRO A 1378 36.78 -21.33 -23.18
C PRO A 1378 37.91 -20.33 -22.97
N ARG A 1379 37.95 -19.68 -21.80
CA ARG A 1379 38.96 -18.71 -21.40
C ARG A 1379 39.02 -17.54 -22.37
N ILE A 1380 37.92 -16.78 -22.39
CA ILE A 1380 37.77 -15.65 -23.30
C ILE A 1380 38.66 -14.51 -22.82
N PRO A 1381 39.61 -14.05 -23.63
CA PRO A 1381 40.49 -12.97 -23.20
C PRO A 1381 39.96 -11.59 -23.56
N SER A 1382 40.64 -10.55 -23.13
CA SER A 1382 40.23 -9.17 -23.38
C SER A 1382 41.13 -8.55 -24.44
N SER A 1383 40.51 -7.88 -25.42
CA SER A 1383 41.28 -7.24 -26.48
C SER A 1383 41.64 -5.80 -26.15
N ARG A 1384 40.74 -5.08 -25.48
CA ARG A 1384 40.95 -3.68 -25.17
C ARG A 1384 41.81 -3.52 -23.91
N LYS A 1385 42.08 -2.27 -23.56
CA LYS A 1385 42.81 -1.93 -22.35
C LYS A 1385 41.84 -1.32 -21.33
N LEU A 1386 41.93 -1.78 -20.09
CA LEU A 1386 41.03 -1.33 -19.03
C LEU A 1386 41.58 -0.03 -18.44
N GLU A 1387 40.93 1.09 -18.74
CA GLU A 1387 41.44 2.40 -18.34
C GLU A 1387 41.19 2.68 -16.86
N LEU A 1388 40.03 2.25 -16.35
CA LEU A 1388 39.53 2.48 -14.97
C LEU A 1388 39.44 3.98 -14.73
N ARG A 1389 39.90 4.46 -13.57
CA ARG A 1389 39.85 5.87 -13.22
C ARG A 1389 41.19 6.24 -12.60
N ALA A 1390 41.51 7.54 -12.64
CA ALA A 1390 42.76 8.03 -12.06
C ALA A 1390 42.78 7.87 -10.55
N GLU A 1391 41.64 7.97 -9.88
CA GLU A 1391 41.55 7.74 -8.46
C GLU A 1391 40.27 6.98 -8.16
N LEU A 1392 40.26 6.26 -7.04
CA LEU A 1392 39.09 5.53 -6.61
C LEU A 1392 38.17 6.44 -5.79
N CYS A 1393 36.88 6.36 -6.07
CA CYS A 1393 35.89 7.13 -5.34
C CYS A 1393 35.68 6.49 -3.97
N THR A 1394 36.02 7.22 -2.91
CA THR A 1394 35.86 6.75 -1.54
C THR A 1394 34.54 7.19 -0.92
N ASN A 1395 33.52 7.41 -1.73
CA ASN A 1395 32.22 7.80 -1.21
C ASN A 1395 31.55 6.60 -0.54
N PRO A 1396 30.97 6.76 0.66
CA PRO A 1396 30.36 5.62 1.35
C PRO A 1396 29.12 5.05 0.67
N LEU A 1397 28.54 5.75 -0.31
CA LEU A 1397 27.42 5.20 -1.07
C LEU A 1397 27.84 3.98 -1.88
N ILE A 1398 29.03 4.01 -2.47
CA ILE A 1398 29.48 2.96 -3.38
C ILE A 1398 30.72 2.23 -2.91
N TYR A 1399 31.46 2.76 -1.93
CA TYR A 1399 32.74 2.21 -1.53
C TYR A 1399 32.71 1.78 -0.08
N ASP A 1400 33.28 0.61 0.19
CA ASP A 1400 33.35 0.04 1.54
C ASP A 1400 34.81 0.04 1.97
N ASN A 1401 35.17 0.93 2.90
CA ASN A 1401 36.57 1.06 3.31
C ASN A 1401 37.01 -0.08 4.22
N ALA A 1402 36.12 -0.56 5.09
CA ALA A 1402 36.44 -1.61 6.05
C ALA A 1402 35.44 -2.75 5.88
N PRO A 1403 35.67 -3.65 4.91
CA PRO A 1403 34.69 -4.72 4.68
C PRO A 1403 34.78 -5.87 5.67
N LEU A 1404 35.90 -6.00 6.39
CA LEU A 1404 36.20 -7.10 7.32
C LEU A 1404 36.11 -8.47 6.65
N ILE A 1405 36.00 -9.54 7.44
CA ILE A 1405 35.84 -10.88 6.91
C ILE A 1405 34.60 -11.51 7.56
N ASP A 1406 33.81 -12.23 6.75
CA ASP A 1406 32.65 -12.95 7.23
C ASP A 1406 32.75 -14.46 6.99
N ARG A 1407 33.49 -14.88 5.98
CA ARG A 1407 33.67 -16.30 5.70
C ARG A 1407 35.16 -16.65 5.65
N SER B 338 30.39 -0.29 78.43
CA SER B 338 30.39 -0.02 77.00
C SER B 338 29.09 -0.49 76.35
N LEU B 339 28.52 -1.57 76.90
CA LEU B 339 27.25 -2.09 76.36
C LEU B 339 26.08 -1.20 76.74
N LEU B 340 26.18 -0.44 77.83
CA LEU B 340 25.12 0.47 78.23
C LEU B 340 25.20 1.81 77.51
N LEU B 341 26.19 2.02 76.65
CA LEU B 341 26.30 3.24 75.86
C LEU B 341 25.36 3.24 74.66
N LEU B 342 24.63 2.15 74.40
CA LEU B 342 23.75 2.04 73.25
C LEU B 342 22.38 2.65 73.48
N LYS B 343 22.12 3.24 74.65
CA LYS B 343 20.80 3.80 74.95
C LYS B 343 20.48 4.99 74.07
N GLY B 344 21.44 5.88 73.85
CA GLY B 344 21.22 7.00 72.97
C GLY B 344 21.17 6.61 71.50
N GLU B 345 21.77 5.47 71.16
CA GLU B 345 21.77 5.02 69.77
C GLU B 345 20.41 4.47 69.37
N VAL B 346 19.75 3.72 70.26
CA VAL B 346 18.42 3.19 69.96
C VAL B 346 17.39 4.32 69.92
N GLU B 347 17.54 5.30 70.81
CA GLU B 347 16.66 6.48 70.76
C GLU B 347 16.89 7.31 69.51
N SER B 348 18.12 7.29 68.97
CA SER B 348 18.38 7.94 67.69
C SER B 348 17.68 7.23 66.55
N ILE B 349 17.57 5.90 66.63
CA ILE B 349 16.82 5.14 65.63
C ILE B 349 15.33 5.48 65.70
N LYS B 350 14.80 5.66 66.91
CA LYS B 350 13.37 5.89 67.11
C LYS B 350 12.93 7.23 66.54
N LYS B 351 13.81 8.24 66.58
CA LYS B 351 13.49 9.52 65.95
C LYS B 351 13.48 9.41 64.43
N GLN B 352 14.32 8.53 63.88
CA GLN B 352 14.36 8.34 62.43
C GLN B 352 13.09 7.68 61.91
N ILE B 353 12.59 6.67 62.62
CA ILE B 353 11.35 6.01 62.22
C ILE B 353 10.16 6.95 62.44
N ASN B 354 10.20 7.78 63.50
CA ASN B 354 9.16 8.77 63.71
C ASN B 354 9.18 9.84 62.62
N ARG B 355 10.37 10.20 62.14
CA ARG B 355 10.47 11.11 61.00
C ARG B 355 9.96 10.43 59.73
N GLN B 356 10.21 9.13 59.59
CA GLN B 356 9.70 8.39 58.44
C GLN B 356 8.18 8.29 58.46
N ASN B 357 7.59 8.15 59.66
CA ASN B 357 6.15 7.98 59.78
C ASN B 357 5.39 9.26 59.41
N ILE B 358 6.00 10.41 59.63
CA ILE B 358 5.39 11.68 59.21
C ILE B 358 5.40 11.79 57.68
N SER B 359 6.50 11.38 57.05
CA SER B 359 6.61 11.47 55.59
C SER B 359 5.67 10.50 54.89
N ILE B 360 5.43 9.33 55.51
CA ILE B 360 4.46 8.38 54.97
C ILE B 360 3.04 8.92 55.10
N SER B 361 2.75 9.57 56.24
CA SER B 361 1.42 10.12 56.47
C SER B 361 1.11 11.28 55.52
N THR B 362 2.12 12.08 55.16
CA THR B 362 1.92 13.11 54.15
C THR B 362 1.68 12.50 52.77
N LEU B 363 2.39 11.42 52.44
CA LEU B 363 2.20 10.76 51.16
C LEU B 363 0.83 10.08 51.09
N GLU B 364 0.38 9.52 52.21
CA GLU B 364 -0.96 8.93 52.25
C GLU B 364 -2.04 10.01 52.18
N GLY B 365 -1.74 11.22 52.68
CA GLY B 365 -2.70 12.31 52.56
C GLY B 365 -2.88 12.79 51.13
N HIS B 366 -1.79 12.84 50.35
CA HIS B 366 -1.89 13.32 48.97
C HIS B 366 -2.62 12.33 48.08
N LEU B 367 -2.32 11.03 48.22
CA LEU B 367 -2.97 10.03 47.38
C LEU B 367 -4.43 9.81 47.76
N SER B 368 -4.81 10.07 49.01
CA SER B 368 -6.21 9.97 49.39
C SER B 368 -7.02 11.16 48.87
N SER B 369 -6.36 12.30 48.63
CA SER B 369 -7.06 13.48 48.17
C SER B 369 -7.45 13.38 46.70
N ILE B 370 -6.64 12.71 45.90
CA ILE B 370 -6.83 12.72 44.44
C ILE B 370 -7.71 11.57 43.94
N MET B 371 -8.26 10.75 44.84
CA MET B 371 -9.09 9.64 44.40
C MET B 371 -10.47 10.12 43.95
N ILE B 372 -10.98 9.47 42.91
CA ILE B 372 -12.33 9.71 42.41
C ILE B 372 -13.08 8.39 42.36
N ALA B 373 -14.40 8.48 42.35
CA ALA B 373 -15.22 7.29 42.20
C ALA B 373 -15.45 6.97 40.73
N ILE B 374 -15.60 5.68 40.43
CA ILE B 374 -15.75 5.19 39.08
C ILE B 374 -17.14 4.55 38.96
N PRO B 375 -18.02 5.05 38.09
CA PRO B 375 -19.37 4.49 37.93
C PRO B 375 -19.38 3.21 37.10
N PRO B 392 -17.79 2.32 43.34
CA PRO B 392 -16.85 2.79 44.37
C PRO B 392 -15.48 2.14 44.25
N ASP B 393 -14.87 2.26 43.07
CA ASP B 393 -13.53 1.68 42.87
C ASP B 393 -12.47 2.49 43.59
N LEU B 394 -12.66 3.82 43.67
CA LEU B 394 -11.76 4.77 44.33
C LEU B 394 -10.35 4.73 43.75
N LYS B 395 -10.25 5.06 42.46
CA LYS B 395 -8.94 5.12 41.81
C LYS B 395 -8.48 6.56 41.68
N PRO B 396 -7.21 6.83 41.98
CA PRO B 396 -6.67 8.18 41.77
C PRO B 396 -6.55 8.51 40.29
N ILE B 397 -6.62 9.81 40.00
CA ILE B 397 -6.50 10.32 38.63
C ILE B 397 -5.58 11.54 38.65
N ILE B 398 -4.73 11.67 37.64
CA ILE B 398 -3.80 12.77 37.51
C ILE B 398 -3.85 13.32 36.09
N GLY B 399 -3.38 14.56 35.93
CA GLY B 399 -3.44 15.25 34.66
C GLY B 399 -2.09 15.58 34.09
N ARG B 400 -2.05 16.47 33.08
CA ARG B 400 -0.79 16.76 32.41
C ARG B 400 -0.05 17.91 33.07
N ASP B 401 -0.67 19.09 33.17
CA ASP B 401 0.02 20.24 33.75
C ASP B 401 -0.22 20.30 35.25
N SER B 402 -1.47 20.55 35.66
CA SER B 402 -1.94 20.23 37.01
C SER B 402 -3.46 20.04 36.92
N GLY B 403 -3.88 18.81 36.64
CA GLY B 403 -5.29 18.46 36.53
C GLY B 403 -6.07 19.26 35.52
N ARG B 404 -5.48 19.55 34.36
CA ARG B 404 -6.14 20.43 33.39
C ARG B 404 -7.30 19.73 32.70
N ALA B 405 -7.14 18.43 32.42
CA ALA B 405 -8.22 17.65 31.82
C ALA B 405 -9.32 17.29 32.83
N LEU B 406 -9.11 17.55 34.12
CA LEU B 406 -10.09 17.13 35.13
C LEU B 406 -11.37 17.94 35.06
N ALA B 407 -11.28 19.19 34.60
CA ALA B 407 -12.50 19.96 34.36
C ALA B 407 -13.27 19.42 33.16
N GLU B 408 -12.55 18.91 32.16
CA GLU B 408 -13.19 18.41 30.95
C GLU B 408 -13.80 17.03 31.15
N VAL B 409 -13.18 16.20 31.98
CA VAL B 409 -13.58 14.79 32.08
C VAL B 409 -14.57 14.57 33.22
N LEU B 410 -14.31 15.12 34.40
CA LEU B 410 -15.11 14.83 35.58
C LEU B 410 -16.48 15.50 35.51
N LYS B 411 -17.43 14.91 36.22
CA LYS B 411 -18.79 15.43 36.28
C LYS B 411 -18.83 16.67 37.17
N LYS B 412 -19.59 17.67 36.73
CA LYS B 412 -19.71 18.92 37.49
C LYS B 412 -20.57 18.69 38.72
N PRO B 413 -20.06 18.96 39.93
CA PRO B 413 -20.83 18.77 41.16
C PRO B 413 -21.56 20.03 41.61
N SER C 338 30.61 -11.10 72.38
CA SER C 338 29.51 -11.41 71.48
C SER C 338 28.51 -10.25 71.41
N LEU C 339 28.25 -9.62 72.55
CA LEU C 339 27.34 -8.47 72.58
C LEU C 339 27.95 -7.24 71.92
N LEU C 340 29.28 -7.12 71.95
CA LEU C 340 29.95 -6.05 71.22
C LEU C 340 29.82 -6.25 69.71
N LEU C 341 29.87 -7.51 69.27
CA LEU C 341 29.65 -7.80 67.85
C LEU C 341 28.22 -7.53 67.44
N LEU C 342 27.26 -7.69 68.36
CA LEU C 342 25.88 -7.35 68.07
C LEU C 342 25.67 -5.84 67.98
N LYS C 343 26.48 -5.08 68.72
CA LYS C 343 26.35 -3.63 68.75
C LYS C 343 26.69 -3.01 67.40
N GLY C 344 27.72 -3.55 66.73
CA GLY C 344 28.12 -3.02 65.43
C GLY C 344 27.07 -3.24 64.34
N GLU C 345 26.35 -4.36 64.42
CA GLU C 345 25.28 -4.62 63.45
C GLU C 345 24.11 -3.66 63.63
N VAL C 346 23.80 -3.31 64.88
CA VAL C 346 22.73 -2.35 65.16
C VAL C 346 23.12 -0.96 64.66
N GLU C 347 24.42 -0.63 64.76
CA GLU C 347 24.93 0.63 64.21
C GLU C 347 24.79 0.67 62.69
N SER C 348 24.96 -0.48 62.03
CA SER C 348 24.79 -0.53 60.57
C SER C 348 23.32 -0.38 60.18
N ILE C 349 22.40 -0.83 61.04
CA ILE C 349 20.97 -0.66 60.77
C ILE C 349 20.57 0.81 60.84
N LYS C 350 21.15 1.55 61.79
CA LYS C 350 20.80 2.96 61.99
C LYS C 350 21.20 3.82 60.80
N LYS C 351 22.36 3.52 60.18
CA LYS C 351 22.76 4.22 58.97
C LYS C 351 21.83 3.89 57.80
N GLN C 352 21.37 2.64 57.72
CA GLN C 352 20.50 2.25 56.60
C GLN C 352 19.09 2.80 56.76
N ILE C 353 18.60 2.91 58.00
CA ILE C 353 17.31 3.56 58.24
C ILE C 353 17.39 5.05 57.92
N ASN C 354 18.50 5.68 58.29
CA ASN C 354 18.68 7.10 58.01
C ASN C 354 18.81 7.36 56.51
N ARG C 355 19.40 6.42 55.77
CA ARG C 355 19.50 6.57 54.31
C ARG C 355 18.14 6.42 53.65
N GLN C 356 17.27 5.57 54.22
CA GLN C 356 15.94 5.38 53.65
C GLN C 356 15.06 6.60 53.83
N ASN C 357 15.17 7.28 54.97
CA ASN C 357 14.29 8.40 55.27
C ASN C 357 14.63 9.62 54.41
N ILE C 358 15.88 9.74 53.97
CA ILE C 358 16.24 10.75 52.97
C ILE C 358 15.60 10.39 51.63
N SER C 359 15.58 9.10 51.30
CA SER C 359 15.04 8.65 50.01
C SER C 359 13.53 8.87 49.93
N ILE C 360 12.82 8.59 51.03
CA ILE C 360 11.37 8.85 51.07
C ILE C 360 11.09 10.34 51.01
N SER C 361 11.97 11.16 51.61
CA SER C 361 11.77 12.61 51.60
C SER C 361 11.95 13.20 50.20
N THR C 362 12.86 12.64 49.40
CA THR C 362 13.00 13.08 48.02
C THR C 362 11.78 12.71 47.18
N LEU C 363 11.27 11.48 47.34
CA LEU C 363 10.04 11.10 46.67
C LEU C 363 8.83 11.82 47.23
N GLU C 364 8.90 12.30 48.47
CA GLU C 364 7.80 13.11 49.01
C GLU C 364 7.73 14.46 48.31
N GLY C 365 8.89 15.04 47.98
CA GLY C 365 8.90 16.29 47.26
C GLY C 365 8.41 16.16 45.82
N HIS C 366 8.76 15.06 45.16
CA HIS C 366 8.31 14.86 43.78
C HIS C 366 6.83 14.53 43.72
N LEU C 367 6.35 13.67 44.61
CA LEU C 367 4.97 13.19 44.53
C LEU C 367 3.97 14.27 44.95
N SER C 368 4.39 15.20 45.81
CA SER C 368 3.50 16.28 46.22
C SER C 368 3.25 17.27 45.08
N SER C 369 4.28 17.54 44.27
CA SER C 369 4.11 18.47 43.16
C SER C 369 3.37 17.83 42.00
N ILE C 370 3.51 16.51 41.82
CA ILE C 370 2.92 15.84 40.66
C ILE C 370 1.44 15.55 40.88
N MET C 371 1.11 14.90 41.99
CA MET C 371 -0.21 14.27 42.13
C MET C 371 -1.32 15.28 42.38
N ILE C 372 -1.09 16.28 43.21
CA ILE C 372 -2.16 17.21 43.58
C ILE C 372 -2.20 18.37 42.59
N SER C 429 -13.76 9.08 49.34
CA SER C 429 -13.45 10.24 48.50
C SER C 429 -14.20 10.18 47.17
N ARG C 430 -15.49 9.91 47.24
CA ARG C 430 -16.32 9.82 46.03
C ARG C 430 -16.82 11.22 45.66
N GLY C 431 -15.89 12.02 45.16
CA GLY C 431 -16.18 13.40 44.79
C GLY C 431 -16.81 13.56 43.42
N GLN C 432 -16.20 12.97 42.40
CA GLN C 432 -16.64 13.17 41.02
C GLN C 432 -16.73 11.83 40.31
N LEU C 433 -17.37 11.85 39.15
CA LEU C 433 -17.56 10.68 38.31
C LEU C 433 -17.14 11.01 36.88
N LEU C 434 -16.74 9.98 36.15
CA LEU C 434 -16.41 10.14 34.74
C LEU C 434 -17.69 10.20 33.91
N LYS C 435 -17.73 11.15 32.98
CA LYS C 435 -18.92 11.39 32.17
C LYS C 435 -18.94 10.47 30.95
N GLU C 436 -19.21 9.19 31.24
CA GLU C 436 -19.38 8.11 30.25
C GLU C 436 -18.16 7.95 29.36
N PHE C 437 -16.98 7.93 29.98
CA PHE C 437 -15.74 7.63 29.28
C PHE C 437 -15.43 6.14 29.27
N GLN C 438 -16.29 5.32 29.87
CA GLN C 438 -16.13 3.88 29.82
C GLN C 438 -16.62 3.35 28.48
N LEU C 439 -16.07 2.21 28.08
CA LEU C 439 -16.61 1.50 26.93
C LEU C 439 -17.93 0.86 27.30
N LYS C 440 -18.85 0.82 26.34
CA LYS C 440 -20.12 0.16 26.56
C LYS C 440 -19.93 -1.35 26.52
N PRO C 441 -20.27 -2.08 27.57
CA PRO C 441 -20.17 -3.53 27.52
C PRO C 441 -21.24 -4.11 26.61
N ILE C 442 -20.86 -5.17 25.89
CA ILE C 442 -21.78 -5.82 24.97
C ILE C 442 -22.64 -6.81 25.75
N GLY C 443 -23.94 -6.80 25.48
CA GLY C 443 -24.87 -7.69 26.13
C GLY C 443 -25.28 -8.85 25.23
N LYS C 444 -26.08 -9.75 25.80
CA LYS C 444 -26.63 -10.84 25.03
C LYS C 444 -27.77 -10.39 24.13
N LYS C 445 -28.44 -9.28 24.47
CA LYS C 445 -29.52 -8.76 23.65
C LYS C 445 -29.00 -8.07 22.40
N MET C 446 -27.94 -7.27 22.51
CA MET C 446 -27.43 -6.50 21.40
C MET C 446 -26.61 -7.37 20.44
N SER C 447 -26.70 -7.04 19.16
CA SER C 447 -25.89 -7.69 18.15
C SER C 447 -24.52 -7.02 18.05
N SER C 448 -23.52 -7.80 17.65
CA SER C 448 -22.15 -7.32 17.57
C SER C 448 -21.41 -8.15 16.53
N ALA C 449 -20.08 -8.01 16.49
CA ALA C 449 -19.27 -8.84 15.61
C ALA C 449 -19.19 -10.27 16.12
N VAL C 450 -19.37 -10.47 17.42
CA VAL C 450 -19.27 -11.81 18.00
C VAL C 450 -20.48 -12.67 17.66
N GLY C 451 -21.58 -12.09 17.25
CA GLY C 451 -22.75 -12.87 16.89
C GLY C 451 -23.93 -11.96 16.59
N PHE C 452 -24.91 -12.54 15.89
CA PHE C 452 -26.12 -11.82 15.52
C PHE C 452 -27.26 -12.22 16.43
N VAL C 453 -27.88 -11.24 17.07
CA VAL C 453 -29.08 -11.43 17.89
C VAL C 453 -30.17 -10.52 17.32
N PRO C 454 -31.34 -11.05 16.98
CA PRO C 454 -32.41 -10.18 16.45
C PRO C 454 -32.95 -9.25 17.52
N ASP C 455 -33.05 -7.96 17.17
CA ASP C 455 -33.55 -6.95 18.09
C ASP C 455 -34.03 -5.75 17.28
N THR C 456 -34.72 -4.85 17.97
CA THR C 456 -35.22 -3.54 17.48
C THR C 456 -36.15 -3.77 16.29
N GLY C 457 -36.04 -3.01 15.22
CA GLY C 457 -37.06 -3.01 14.18
C GLY C 457 -36.64 -3.56 12.83
N PRO C 458 -36.36 -2.66 11.88
CA PRO C 458 -36.40 -3.06 10.46
C PRO C 458 -35.20 -3.89 10.00
N ALA C 459 -34.01 -3.66 10.57
CA ALA C 459 -32.81 -4.29 10.05
C ALA C 459 -32.75 -5.78 10.36
N SER C 460 -33.25 -6.19 11.53
CA SER C 460 -33.14 -7.58 11.96
C SER C 460 -33.98 -8.51 11.11
N ARG C 461 -35.18 -8.06 10.71
CA ARG C 461 -36.03 -8.86 9.83
C ARG C 461 -35.39 -9.06 8.46
N SER C 462 -34.76 -8.00 7.95
CA SER C 462 -34.05 -8.10 6.66
C SER C 462 -32.87 -9.06 6.76
N VAL C 463 -32.14 -9.03 7.88
CA VAL C 463 -31.01 -9.94 8.05
C VAL C 463 -31.49 -11.39 8.16
N ILE C 464 -32.57 -11.64 8.90
CA ILE C 464 -33.13 -12.99 9.02
C ILE C 464 -33.62 -13.50 7.67
N ARG C 465 -34.29 -12.63 6.90
CA ARG C 465 -34.73 -13.02 5.56
C ARG C 465 -33.56 -13.28 4.62
N SER C 466 -32.45 -12.55 4.77
CA SER C 466 -31.25 -12.84 4.00
C SER C 466 -30.62 -14.17 4.41
N ILE C 467 -30.70 -14.54 5.69
CA ILE C 467 -30.25 -15.86 6.13
C ILE C 467 -31.09 -16.96 5.49
N ILE C 468 -32.42 -16.74 5.41
CA ILE C 468 -33.28 -17.71 4.74
C ILE C 468 -32.97 -17.81 3.25
N LYS C 469 -32.74 -16.67 2.57
CA LYS C 469 -32.45 -16.69 1.14
C LYS C 469 -31.10 -17.31 0.83
N SER C 470 -30.09 -17.05 1.65
CA SER C 470 -28.75 -17.54 1.36
C SER C 470 -28.53 -18.98 1.81
N SER C 471 -29.50 -19.60 2.47
CA SER C 471 -29.35 -20.96 2.95
C SER C 471 -29.51 -21.96 1.80
N ARG C 472 -29.20 -23.22 2.09
CA ARG C 472 -29.28 -24.30 1.11
C ARG C 472 -30.54 -25.14 1.28
N LEU C 473 -31.58 -24.60 1.91
CA LEU C 473 -32.81 -25.33 2.15
C LEU C 473 -33.63 -25.45 0.87
N GLU C 474 -34.66 -26.31 0.93
CA GLU C 474 -35.60 -26.43 -0.17
C GLU C 474 -36.45 -25.17 -0.27
N GLU C 475 -36.81 -24.82 -1.52
CA GLU C 475 -37.44 -23.53 -1.79
C GLU C 475 -38.84 -23.41 -1.21
N ASP C 476 -39.58 -24.52 -1.18
CA ASP C 476 -40.88 -24.52 -0.51
C ASP C 476 -40.74 -24.30 0.99
N ARG C 477 -39.73 -24.92 1.60
CA ARG C 477 -39.46 -24.71 3.02
C ARG C 477 -39.01 -23.28 3.29
N LYS C 478 -38.23 -22.69 2.37
CA LYS C 478 -37.82 -21.30 2.52
C LYS C 478 -39.01 -20.35 2.41
N ARG C 479 -39.94 -20.62 1.49
CA ARG C 479 -41.15 -19.81 1.36
C ARG C 479 -42.04 -19.95 2.60
N TYR C 480 -42.14 -21.15 3.15
CA TYR C 480 -42.93 -21.38 4.36
C TYR C 480 -42.30 -20.68 5.57
N LEU C 481 -40.96 -20.69 5.65
CA LEU C 481 -40.27 -19.97 6.72
C LEU C 481 -40.42 -18.45 6.58
N MET C 482 -40.44 -17.94 5.35
CA MET C 482 -40.71 -16.51 5.17
C MET C 482 -42.15 -16.16 5.55
N THR C 483 -43.09 -17.08 5.29
CA THR C 483 -44.47 -16.86 5.73
C THR C 483 -44.57 -16.83 7.25
N LEU C 484 -43.87 -17.75 7.93
CA LEU C 484 -43.83 -17.73 9.40
C LEU C 484 -43.14 -16.49 9.93
N LEU C 485 -42.10 -16.01 9.23
CA LEU C 485 -41.42 -14.79 9.64
C LEU C 485 -42.32 -13.57 9.49
N ASP C 486 -43.16 -13.54 8.44
CA ASP C 486 -44.18 -12.51 8.34
C ASP C 486 -45.24 -12.65 9.42
N ASP C 487 -45.49 -13.87 9.89
CA ASP C 487 -46.44 -14.06 10.98
C ASP C 487 -45.85 -13.58 12.31
N ILE C 488 -44.56 -13.82 12.54
CA ILE C 488 -43.91 -13.48 13.80
C ILE C 488 -43.76 -11.97 13.93
N LYS C 489 -44.18 -11.42 15.07
CA LYS C 489 -44.05 -10.00 15.36
C LYS C 489 -43.24 -9.68 16.60
N GLY C 490 -43.29 -10.53 17.64
CA GLY C 490 -42.60 -10.22 18.88
C GLY C 490 -41.10 -10.42 18.80
N ALA C 491 -40.38 -9.64 19.62
CA ALA C 491 -38.91 -9.70 19.60
C ALA C 491 -38.39 -11.00 20.18
N ASN C 492 -39.00 -11.47 21.27
CA ASN C 492 -38.66 -12.78 21.81
C ASN C 492 -39.06 -13.89 20.85
N ASP C 493 -40.19 -13.70 20.15
CA ASP C 493 -40.57 -14.63 19.09
C ASP C 493 -39.59 -14.59 17.93
N LEU C 494 -39.04 -13.42 17.61
CA LEU C 494 -38.00 -13.34 16.60
C LEU C 494 -36.73 -14.06 17.03
N ALA C 495 -36.37 -13.95 18.30
CA ALA C 495 -35.20 -14.69 18.81
C ALA C 495 -35.42 -16.19 18.80
N LYS C 496 -36.64 -16.64 19.16
CA LYS C 496 -36.97 -18.06 19.11
C LYS C 496 -36.96 -18.58 17.68
N PHE C 497 -37.48 -17.79 16.74
CA PHE C 497 -37.45 -18.16 15.33
C PHE C 497 -36.02 -18.22 14.80
N HIS C 498 -35.16 -17.30 15.26
CA HIS C 498 -33.75 -17.32 14.85
C HIS C 498 -33.04 -18.58 15.34
N GLN C 499 -33.28 -18.97 16.60
CA GLN C 499 -32.71 -20.21 17.11
C GLN C 499 -33.24 -21.44 16.37
N MET C 500 -34.53 -21.46 16.07
CA MET C 500 -35.11 -22.58 15.34
C MET C 500 -34.55 -22.66 13.92
N LEU C 501 -34.38 -21.51 13.26
CA LEU C 501 -33.79 -21.47 11.93
C LEU C 501 -32.34 -21.93 11.95
N MET C 502 -31.60 -21.57 12.99
CA MET C 502 -30.23 -22.05 13.14
C MET C 502 -30.19 -23.56 13.32
N LYS C 503 -31.14 -24.13 14.05
CA LYS C 503 -31.20 -25.58 14.21
C LYS C 503 -31.56 -26.28 12.90
N ILE C 504 -32.41 -25.66 12.07
CA ILE C 504 -32.71 -26.24 10.76
C ILE C 504 -31.49 -26.20 9.84
N ILE C 505 -30.77 -25.07 9.83
CA ILE C 505 -29.61 -24.93 8.95
C ILE C 505 -28.48 -25.84 9.39
N MET C 506 -28.29 -26.01 10.70
CA MET C 506 -27.26 -26.93 11.20
C MET C 506 -27.57 -28.38 10.84
N LYS C 507 -28.84 -28.76 10.88
CA LYS C 507 -29.24 -30.10 10.46
C LYS C 507 -29.89 -30.07 9.08
N SER D 338 19.76 -3.60 83.28
CA SER D 338 19.63 -2.46 82.38
C SER D 338 19.58 -2.92 80.92
N LEU D 339 20.33 -3.97 80.60
CA LEU D 339 20.32 -4.50 79.24
C LEU D 339 19.01 -5.21 78.93
N LEU D 340 18.37 -5.81 79.95
CA LEU D 340 17.05 -6.39 79.75
C LEU D 340 15.99 -5.32 79.52
N LEU D 341 16.18 -4.12 80.06
CA LEU D 341 15.27 -3.01 79.78
C LEU D 341 15.40 -2.54 78.33
N LEU D 342 16.60 -2.66 77.75
CA LEU D 342 16.81 -2.23 76.38
C LEU D 342 16.17 -3.18 75.38
N LYS D 343 15.95 -4.45 75.77
CA LYS D 343 15.34 -5.42 74.86
C LYS D 343 13.89 -5.08 74.56
N GLY D 344 13.19 -4.48 75.53
CA GLY D 344 11.83 -4.03 75.28
C GLY D 344 11.76 -2.89 74.28
N GLU D 345 12.79 -2.04 74.26
CA GLU D 345 12.81 -0.94 73.31
C GLU D 345 13.14 -1.42 71.89
N VAL D 346 13.99 -2.46 71.78
CA VAL D 346 14.34 -3.01 70.48
C VAL D 346 13.14 -3.70 69.85
N GLU D 347 12.34 -4.41 70.66
CA GLU D 347 11.12 -5.01 70.16
C GLU D 347 10.07 -3.96 69.79
N SER D 348 10.12 -2.78 70.43
CA SER D 348 9.27 -1.68 70.01
C SER D 348 9.68 -1.14 68.64
N ILE D 349 10.98 -1.21 68.33
CA ILE D 349 11.46 -0.82 67.00
C ILE D 349 10.97 -1.82 65.95
N LYS D 350 10.96 -3.11 66.30
CA LYS D 350 10.54 -4.15 65.36
C LYS D 350 9.06 -4.02 64.99
N LYS D 351 8.23 -3.67 65.98
CA LYS D 351 6.82 -3.43 65.68
C LYS D 351 6.63 -2.16 64.86
N GLN D 352 7.47 -1.15 65.09
CA GLN D 352 7.31 0.12 64.38
C GLN D 352 7.74 0.02 62.93
N ILE D 353 8.79 -0.76 62.65
CA ILE D 353 9.22 -0.99 61.26
C ILE D 353 8.16 -1.78 60.51
N ASN D 354 7.51 -2.74 61.20
CA ASN D 354 6.47 -3.55 60.56
C ASN D 354 5.25 -2.70 60.23
N ARG D 355 4.94 -1.68 61.04
CA ARG D 355 3.83 -0.80 60.74
C ARG D 355 4.14 0.10 59.54
N GLN D 356 5.39 0.55 59.41
CA GLN D 356 5.74 1.39 58.26
C GLN D 356 5.81 0.59 56.97
N ASN D 357 6.14 -0.71 57.05
CA ASN D 357 6.21 -1.52 55.84
C ASN D 357 4.84 -1.81 55.27
N ILE D 358 3.81 -1.93 56.14
CA ILE D 358 2.45 -2.14 55.67
C ILE D 358 1.92 -0.88 55.00
N SER D 359 2.19 0.29 55.59
CA SER D 359 1.69 1.55 55.04
C SER D 359 2.42 1.90 53.74
N ILE D 360 3.67 1.47 53.58
CA ILE D 360 4.35 1.61 52.30
C ILE D 360 3.75 0.66 51.28
N SER D 361 3.39 -0.55 51.70
CA SER D 361 2.80 -1.54 50.79
C SER D 361 1.43 -1.10 50.31
N THR D 362 0.62 -0.50 51.18
CA THR D 362 -0.66 0.04 50.74
C THR D 362 -0.49 1.35 49.98
N LEU D 363 0.65 2.02 50.13
CA LEU D 363 0.94 3.20 49.31
C LEU D 363 1.26 2.79 47.88
N GLU D 364 1.94 1.66 47.71
CA GLU D 364 2.25 1.14 46.38
C GLU D 364 0.98 0.68 45.66
N GLY D 365 0.02 0.14 46.41
CA GLY D 365 -1.20 -0.37 45.79
C GLY D 365 -2.08 0.74 45.22
N HIS D 366 -2.15 1.88 45.91
CA HIS D 366 -2.90 3.01 45.37
C HIS D 366 -2.19 3.64 44.18
N LEU D 367 -0.86 3.65 44.21
CA LEU D 367 -0.11 4.27 43.12
C LEU D 367 -0.10 3.40 41.87
N SER D 368 -0.11 2.08 42.04
CA SER D 368 -0.10 1.18 40.89
C SER D 368 -1.43 1.20 40.15
N SER D 369 -2.53 1.43 40.86
CA SER D 369 -3.85 1.55 40.23
C SER D 369 -4.18 3.03 40.08
N ILE D 370 -3.57 3.64 39.07
CA ILE D 370 -3.74 5.06 38.79
C ILE D 370 -4.13 5.21 37.32
N MET D 371 -4.75 6.35 37.02
CA MET D 371 -5.21 6.64 35.66
C MET D 371 -4.76 8.04 35.25
N ILE D 372 -4.61 8.22 33.94
CA ILE D 372 -4.08 9.44 33.35
C ILE D 372 -5.17 10.11 32.53
N ALA D 373 -5.40 11.40 32.79
CA ALA D 373 -6.37 12.19 32.04
C ALA D 373 -5.64 13.09 31.06
N ILE D 374 -6.03 13.02 29.79
CA ILE D 374 -5.39 13.76 28.71
C ILE D 374 -6.35 14.86 28.25
N PRO D 375 -5.89 16.10 28.12
CA PRO D 375 -6.78 17.17 27.65
C PRO D 375 -7.09 17.04 26.17
N GLY D 376 -8.12 17.79 25.75
CA GLY D 376 -8.51 17.76 24.36
C GLY D 376 -7.60 18.58 23.46
N LEU D 377 -7.19 19.76 23.92
CA LEU D 377 -6.40 20.68 23.12
C LEU D 377 -5.12 21.04 23.85
N GLY D 378 -4.06 21.27 23.08
CA GLY D 378 -2.91 21.95 23.64
C GLY D 378 -3.24 23.40 23.96
N LYS D 379 -2.61 23.92 25.01
CA LYS D 379 -2.95 25.26 25.47
C LYS D 379 -2.44 26.33 24.51
N ASP D 380 -1.20 26.20 24.06
CA ASP D 380 -0.61 27.16 23.14
C ASP D 380 0.52 26.51 22.35
N SER E 338 19.73 -14.84 78.04
CA SER E 338 18.61 -14.05 77.56
C SER E 338 19.09 -12.92 76.64
N LEU E 339 20.27 -12.38 76.93
CA LEU E 339 20.82 -11.32 76.11
C LEU E 339 21.32 -11.83 74.76
N LEU E 340 21.70 -13.11 74.69
CA LEU E 340 22.10 -13.71 73.42
C LEU E 340 20.91 -14.04 72.53
N LEU E 341 19.69 -14.00 73.06
CA LEU E 341 18.50 -14.20 72.24
C LEU E 341 18.19 -13.01 71.35
N LEU E 342 18.80 -11.86 71.62
CA LEU E 342 18.57 -10.64 70.85
C LEU E 342 19.19 -10.69 69.46
N LYS E 343 20.12 -11.61 69.21
CA LYS E 343 20.78 -11.69 67.91
C LYS E 343 19.82 -12.16 66.83
N GLY E 344 18.87 -13.03 67.17
CA GLY E 344 17.82 -13.38 66.23
C GLY E 344 16.88 -12.23 65.93
N GLU E 345 16.65 -11.36 66.92
CA GLU E 345 15.78 -10.20 66.70
C GLU E 345 16.46 -9.16 65.83
N VAL E 346 17.77 -8.95 66.02
CA VAL E 346 18.51 -7.95 65.24
C VAL E 346 18.60 -8.37 63.78
N GLU E 347 18.80 -9.65 63.52
CA GLU E 347 18.79 -10.17 62.16
C GLU E 347 17.41 -10.04 61.52
N SER E 348 16.35 -10.15 62.35
CA SER E 348 14.99 -9.96 61.86
C SER E 348 14.73 -8.51 61.48
N ILE E 349 15.41 -7.56 62.14
CA ILE E 349 15.33 -6.16 61.74
C ILE E 349 15.96 -5.98 60.36
N LYS E 350 17.09 -6.64 60.10
CA LYS E 350 17.79 -6.51 58.83
C LYS E 350 16.96 -7.04 57.67
N LYS E 351 16.17 -8.08 57.90
CA LYS E 351 15.29 -8.60 56.85
C LYS E 351 14.15 -7.63 56.57
N GLN E 352 13.68 -6.91 57.59
CA GLN E 352 12.61 -5.94 57.39
C GLN E 352 13.10 -4.72 56.62
N ILE E 353 14.35 -4.31 56.86
CA ILE E 353 14.92 -3.18 56.13
C ILE E 353 15.15 -3.54 54.67
N ASN E 354 15.60 -4.78 54.41
CA ASN E 354 15.79 -5.21 53.03
C ASN E 354 14.46 -5.39 52.31
N ARG E 355 13.39 -5.71 53.05
CA ARG E 355 12.06 -5.68 52.44
C ARG E 355 11.58 -4.26 52.21
N GLN E 356 12.02 -3.33 53.04
CA GLN E 356 11.52 -1.95 52.97
C GLN E 356 12.08 -1.23 51.75
N ASN E 357 13.39 -1.32 51.52
CA ASN E 357 14.01 -0.53 50.46
C ASN E 357 13.72 -1.07 49.06
N ILE E 358 13.34 -2.34 48.93
CA ILE E 358 12.84 -2.84 47.67
C ILE E 358 11.48 -2.24 47.36
N SER E 359 10.63 -2.08 48.39
CA SER E 359 9.33 -1.45 48.22
C SER E 359 9.47 0.04 47.91
N ILE E 360 10.48 0.70 48.47
CA ILE E 360 10.79 2.07 48.08
C ILE E 360 11.30 2.12 46.65
N SER E 361 12.09 1.12 46.26
CA SER E 361 12.60 1.05 44.89
C SER E 361 11.47 0.77 43.90
N THR E 362 10.42 0.06 44.34
CA THR E 362 9.24 -0.10 43.51
C THR E 362 8.53 1.24 43.33
N LEU E 363 8.46 2.03 44.41
CA LEU E 363 7.86 3.36 44.32
C LEU E 363 8.70 4.30 43.46
N GLU E 364 10.02 4.10 43.45
CA GLU E 364 10.88 4.87 42.55
C GLU E 364 10.64 4.48 41.09
N GLY E 365 10.42 3.19 40.84
CA GLY E 365 10.12 2.75 39.48
C GLY E 365 8.79 3.25 38.96
N HIS E 366 7.79 3.32 39.84
CA HIS E 366 6.49 3.85 39.44
C HIS E 366 6.55 5.35 39.20
N LEU E 367 7.27 6.09 40.06
CA LEU E 367 7.34 7.53 39.91
C LEU E 367 8.19 7.93 38.70
N SER E 368 9.20 7.13 38.37
CA SER E 368 10.00 7.40 37.18
C SER E 368 9.19 7.17 35.92
N SER E 369 8.37 6.11 35.89
CA SER E 369 7.59 5.81 34.69
C SER E 369 6.46 6.81 34.49
N ILE E 370 5.86 7.29 35.58
CA ILE E 370 4.76 8.24 35.48
C ILE E 370 5.26 9.61 35.04
N MET E 371 6.33 10.11 35.67
CA MET E 371 6.76 11.49 35.46
C MET E 371 7.43 11.73 34.11
N ILE E 372 7.82 10.68 33.40
CA ILE E 372 8.47 10.89 32.11
C ILE E 372 7.50 10.67 30.95
N ALA E 373 6.53 9.76 31.10
CA ALA E 373 5.53 9.55 30.07
C ALA E 373 4.55 10.72 30.00
N ILE E 374 4.39 11.47 31.08
CA ILE E 374 3.54 12.65 31.13
C ILE E 374 4.45 13.88 31.03
N PRO E 375 4.22 14.77 30.06
CA PRO E 375 5.13 15.92 29.90
C PRO E 375 4.91 16.97 30.98
N GLY E 376 6.00 17.68 31.31
CA GLY E 376 5.93 18.85 32.16
C GLY E 376 5.97 18.60 33.65
N LEU E 377 6.10 17.36 34.10
CA LEU E 377 6.13 17.06 35.52
C LEU E 377 7.53 17.07 36.11
N GLY E 378 8.55 17.34 35.30
CA GLY E 378 9.91 17.35 35.82
C GLY E 378 10.20 18.50 36.75
N LYS E 379 9.51 19.64 36.56
CA LYS E 379 9.78 20.91 37.24
C LYS E 379 11.23 21.36 37.05
N ASP E 380 11.68 21.28 35.80
CA ASP E 380 13.01 21.61 35.28
C ASP E 380 14.17 20.96 36.03
N PRO E 381 14.38 19.64 35.93
CA PRO E 381 15.66 19.05 36.35
C PRO E 381 16.65 18.82 35.22
N ASN E 382 16.36 19.39 34.03
CA ASN E 382 16.71 18.99 32.65
C ASN E 382 15.80 17.85 32.23
N ASP E 383 15.60 17.68 30.93
CA ASP E 383 14.56 16.77 30.42
C ASP E 383 14.96 15.32 30.67
N PRO E 384 14.11 14.54 31.35
CA PRO E 384 14.45 13.13 31.62
C PRO E 384 14.52 12.27 30.38
N THR E 385 13.78 12.64 29.32
CA THR E 385 13.88 11.95 28.04
C THR E 385 15.25 12.12 27.39
N ALA E 386 15.99 13.16 27.78
CA ALA E 386 17.38 13.34 27.37
C ALA E 386 18.37 12.70 28.34
N ASP E 387 17.91 11.77 29.19
CA ASP E 387 18.81 11.05 30.09
C ASP E 387 19.41 9.80 29.47
N VAL E 388 19.49 9.74 28.14
CA VAL E 388 20.12 8.62 27.45
C VAL E 388 21.63 8.83 27.45
N GLU E 389 22.38 7.80 27.09
CA GLU E 389 23.80 7.96 26.81
C GLU E 389 23.97 8.27 25.32
N ILE E 390 25.02 9.02 25.00
CA ILE E 390 25.18 9.52 23.64
C ILE E 390 26.52 9.06 23.08
N ASN E 391 26.51 7.94 22.35
CA ASN E 391 27.57 7.63 21.38
C ASN E 391 27.03 6.68 20.31
N PRO E 392 26.02 7.09 19.48
CA PRO E 392 25.66 6.24 18.36
C PRO E 392 26.36 6.63 17.08
N ASP E 393 27.70 6.79 17.16
CA ASP E 393 28.55 7.34 16.09
C ASP E 393 28.02 8.66 15.56
N LEU E 394 27.55 9.52 16.48
CA LEU E 394 26.92 10.76 16.05
C LEU E 394 27.94 11.90 16.02
N LYS E 395 28.43 12.29 17.21
CA LYS E 395 29.42 13.33 17.52
C LYS E 395 29.50 14.58 16.61
N PRO E 396 28.40 15.30 16.33
CA PRO E 396 28.56 16.49 15.47
C PRO E 396 29.19 17.66 16.19
N ILE E 397 28.94 17.79 17.49
CA ILE E 397 29.45 18.92 18.26
C ILE E 397 30.87 18.64 18.73
#